data_1HGH
#
_entry.id   1HGH
#
_cell.length_a   162.800
_cell.length_b   162.800
_cell.length_c   178.100
_cell.angle_alpha   90.00
_cell.angle_beta   90.00
_cell.angle_gamma   90.00
#
_symmetry.space_group_name_H-M   'P 41'
#
loop_
_entity.id
_entity.type
_entity.pdbx_description
1 polymer 'HEMAGGLUTININ, CHAIN HA1'
2 polymer 'HEMAGGLUTININ, CHAIN HA1'
3 branched beta-D-mannopyranose-(1-4)-2-acetamido-2-deoxy-beta-D-glucopyranose-(1-4)-2-acetamido-2-deoxy-beta-D-glucopyranose
4 non-polymer 2-acetamido-2-deoxy-beta-D-glucopyranose
5 non-polymer '2-O-methyl-5-N-acetyl-alpha-D-neuraminic acid'
6 water water
#
loop_
_entity_poly.entity_id
_entity_poly.type
_entity_poly.pdbx_seq_one_letter_code
_entity_poly.pdbx_strand_id
1 'polypeptide(L)'
;QDLPGNDNSTATLCLGHHAVPNGTLVKTITDDQIEVTNATELVQSSSTGKICNNPHRILDGIDCTLIDALLGDPHCDVFQ
NETWDLFVERSKAFSNCYPYDVPDYASLRSLVASSGTLEFITEGFTWTGVTQNGGSNACKRGPGSGFFSRLNWLTKSGST
YPVLNVTMPNNDNFDKLYIWGIHHPSTNQEQTSLYVQASGRVTVSTRRSQQTIIPNIGSRPWVRGLSSRISIYWTIVKPG
DVLVINSNGNLIAPRGYFKMRTGKSSIMRSDAPIDTCISECITPNGSIPNDKPFQNVNKITYGACPKYVKQNTLKLATGM
RNVPEKQT
;
A,C,E
2 'polypeptide(L)'
;GLFGAIAGFIENGWEGMIDGWYGFRHQNSEGTGQAADLKSTQAAIDQINGKLNRVIEKTNEKFHQIEKEFSEVEGRIQDL
EKYVEDTKIDLWSYNAELLVALENQHTIDLTDSEMNKLFEKTRRQLRENAEEMGNGCFKIYHKCDNACIESIRNGTYDHD
VYRDEALNNRFQIKG
;
B,D,F
#
loop_
_chem_comp.id
_chem_comp.type
_chem_comp.name
_chem_comp.formula
BMA D-saccharide, beta linking beta-D-mannopyranose 'C6 H12 O6'
MNA D-saccharide '2-O-methyl-5-N-acetyl-alpha-D-neuraminic acid' 'C12 H21 N O9'
NAG D-saccharide, beta linking 2-acetamido-2-deoxy-beta-D-glucopyranose 'C8 H15 N O6'
#
# COMPACT_ATOMS: atom_id res chain seq x y z
N GLN A 1 -64.90 2.27 -36.10
CA GLN A 1 -63.64 2.91 -35.80
C GLN A 1 -64.07 4.20 -36.52
N ASP A 2 -63.32 4.69 -37.50
CA ASP A 2 -63.75 5.74 -38.43
C ASP A 2 -64.69 5.00 -39.42
N LEU A 3 -64.46 5.04 -40.73
CA LEU A 3 -65.18 4.27 -41.72
C LEU A 3 -63.99 3.77 -42.57
N PRO A 4 -63.94 3.66 -43.92
CA PRO A 4 -62.71 3.23 -44.61
C PRO A 4 -61.55 4.23 -44.48
N GLY A 5 -60.80 4.12 -43.38
CA GLY A 5 -59.61 4.91 -43.10
C GLY A 5 -58.58 4.53 -44.16
N ASN A 6 -58.63 5.30 -45.24
CA ASN A 6 -57.86 5.04 -46.45
C ASN A 6 -56.47 5.68 -46.57
N ASP A 7 -56.15 6.76 -45.81
CA ASP A 7 -54.91 7.47 -46.08
C ASP A 7 -53.69 6.66 -45.72
N ASN A 8 -53.20 6.06 -46.77
CA ASN A 8 -52.11 5.14 -46.69
C ASN A 8 -50.76 5.85 -46.69
N SER A 9 -50.44 6.79 -45.78
CA SER A 9 -49.07 7.25 -45.83
C SER A 9 -48.33 6.67 -44.64
N THR A 10 -47.02 6.94 -44.53
CA THR A 10 -46.18 6.42 -43.48
C THR A 10 -45.41 7.57 -42.83
N ALA A 11 -44.60 7.34 -41.80
CA ALA A 11 -43.79 8.40 -41.21
C ALA A 11 -42.46 7.76 -40.84
N THR A 12 -41.43 8.53 -40.56
CA THR A 12 -40.16 7.94 -40.17
C THR A 12 -39.71 8.57 -38.90
N LEU A 13 -39.35 7.80 -37.88
CA LEU A 13 -38.90 8.39 -36.61
C LEU A 13 -37.51 7.82 -36.31
N CYS A 14 -36.49 8.65 -36.14
CA CYS A 14 -35.15 8.15 -35.91
C CYS A 14 -34.69 8.54 -34.54
N LEU A 15 -34.16 7.62 -33.74
CA LEU A 15 -33.64 7.96 -32.43
C LEU A 15 -32.16 8.19 -32.61
N GLY A 16 -31.53 9.00 -31.78
CA GLY A 16 -30.12 9.24 -31.92
C GLY A 16 -29.59 9.97 -30.70
N HIS A 17 -28.33 10.39 -30.70
CA HIS A 17 -27.72 11.03 -29.54
C HIS A 17 -26.86 12.21 -29.97
N HIS A 18 -26.45 13.11 -29.09
CA HIS A 18 -25.64 14.24 -29.49
C HIS A 18 -24.20 13.86 -29.82
N ALA A 19 -23.43 14.82 -30.29
CA ALA A 19 -22.03 14.64 -30.57
C ALA A 19 -21.49 16.06 -30.52
N VAL A 20 -20.22 16.27 -30.26
CA VAL A 20 -19.67 17.59 -30.13
C VAL A 20 -18.55 17.66 -31.14
N PRO A 21 -18.25 18.82 -31.69
CA PRO A 21 -17.21 18.96 -32.71
C PRO A 21 -15.81 18.67 -32.16
N ASN A 22 -15.59 19.19 -30.94
CA ASN A 22 -14.36 19.06 -30.18
C ASN A 22 -14.31 17.68 -29.50
N GLY A 23 -14.56 17.42 -28.20
CA GLY A 23 -14.40 16.03 -27.74
C GLY A 23 -13.07 15.85 -27.03
N THR A 24 -12.89 14.85 -26.17
CA THR A 24 -11.69 14.70 -25.35
C THR A 24 -11.33 13.26 -25.30
N LEU A 25 -10.05 12.96 -25.36
CA LEU A 25 -9.58 11.59 -25.34
C LEU A 25 -9.43 11.12 -23.91
N VAL A 26 -9.86 9.92 -23.57
CA VAL A 26 -9.74 9.38 -22.23
C VAL A 26 -9.28 7.92 -22.32
N LYS A 27 -8.72 7.35 -21.24
CA LYS A 27 -8.23 5.98 -21.20
C LYS A 27 -9.37 5.08 -20.79
N THR A 28 -9.34 3.80 -21.06
CA THR A 28 -10.41 2.85 -20.81
C THR A 28 -9.73 1.56 -20.40
N ILE A 29 -10.51 0.51 -20.09
CA ILE A 29 -9.96 -0.82 -19.79
C ILE A 29 -9.42 -1.34 -21.10
N THR A 30 -10.17 -1.25 -22.21
CA THR A 30 -9.73 -1.76 -23.50
C THR A 30 -9.02 -0.78 -24.42
N ASP A 31 -9.13 0.54 -24.29
CA ASP A 31 -8.45 1.50 -25.18
C ASP A 31 -7.69 2.45 -24.30
N ASP A 32 -6.70 3.13 -24.79
CA ASP A 32 -6.07 4.14 -23.97
C ASP A 32 -6.22 5.51 -24.60
N GLN A 33 -6.80 5.59 -25.79
CA GLN A 33 -7.30 6.86 -26.21
C GLN A 33 -8.65 6.66 -26.86
N ILE A 34 -9.77 6.95 -26.22
CA ILE A 34 -11.03 6.86 -26.89
C ILE A 34 -11.66 8.22 -26.66
N GLU A 35 -12.37 8.77 -27.65
CA GLU A 35 -12.85 10.15 -27.56
C GLU A 35 -14.25 10.21 -27.01
N VAL A 36 -14.45 10.96 -25.94
CA VAL A 36 -15.76 11.15 -25.38
C VAL A 36 -16.18 12.61 -25.55
N THR A 37 -17.46 12.86 -25.40
CA THR A 37 -18.10 14.16 -25.43
C THR A 37 -17.46 15.11 -24.46
N ASN A 38 -17.11 14.69 -23.26
CA ASN A 38 -16.60 15.61 -22.25
C ASN A 38 -15.90 14.83 -21.13
N ALA A 39 -15.01 15.43 -20.36
CA ALA A 39 -14.30 14.72 -19.32
C ALA A 39 -13.96 15.71 -18.23
N THR A 40 -13.39 15.32 -17.09
CA THR A 40 -13.03 16.26 -16.04
C THR A 40 -11.67 15.80 -15.48
N GLU A 41 -10.81 16.70 -15.07
CA GLU A 41 -9.47 16.37 -14.65
C GLU A 41 -9.43 15.99 -13.20
N LEU A 42 -8.76 14.92 -12.86
CA LEU A 42 -8.74 14.53 -11.46
C LEU A 42 -7.37 14.75 -10.82
N VAL A 43 -6.35 15.20 -11.55
CA VAL A 43 -5.05 15.47 -10.95
C VAL A 43 -4.84 16.99 -10.87
N GLN A 44 -4.70 17.53 -9.65
CA GLN A 44 -4.35 18.92 -9.44
C GLN A 44 -2.87 19.10 -9.71
N SER A 45 -2.45 19.85 -10.69
CA SER A 45 -1.05 19.94 -11.05
C SER A 45 -0.42 21.32 -10.95
N SER A 46 -1.10 22.28 -10.34
CA SER A 46 -0.52 23.60 -10.22
C SER A 46 -0.82 24.20 -8.87
N SER A 47 0.16 24.93 -8.33
CA SER A 47 0.00 25.62 -7.06
C SER A 47 -0.20 27.07 -7.38
N THR A 48 -0.67 27.83 -6.37
CA THR A 48 -0.81 29.27 -6.52
C THR A 48 0.57 29.89 -6.34
N GLY A 49 1.51 29.20 -5.71
CA GLY A 49 2.82 29.72 -5.46
C GLY A 49 2.88 30.42 -4.14
N LYS A 50 1.77 30.53 -3.42
CA LYS A 50 1.76 31.23 -2.15
C LYS A 50 1.13 30.36 -1.08
N ILE A 51 1.68 30.34 0.12
CA ILE A 51 1.11 29.60 1.23
C ILE A 51 0.03 30.49 1.82
N CYS A 52 -1.22 30.10 1.70
CA CYS A 52 -2.28 30.89 2.32
C CYS A 52 -2.20 30.82 3.83
N ASN A 53 -2.32 31.97 4.48
CA ASN A 53 -2.21 32.09 5.93
C ASN A 53 -3.46 31.76 6.71
N ASN A 54 -4.35 30.99 6.09
CA ASN A 54 -5.64 30.69 6.70
C ASN A 54 -6.18 29.42 6.05
N PRO A 55 -6.82 28.43 6.68
CA PRO A 55 -7.16 28.34 8.09
C PRO A 55 -6.12 27.85 9.06
N HIS A 56 -4.93 27.42 8.68
CA HIS A 56 -4.01 26.93 9.72
C HIS A 56 -3.16 28.09 10.20
N ARG A 57 -2.44 27.98 11.31
CA ARG A 57 -1.65 29.05 11.82
C ARG A 57 -0.25 28.90 11.29
N ILE A 58 0.14 29.61 10.26
CA ILE A 58 1.47 29.49 9.67
C ILE A 58 2.43 30.38 10.45
N LEU A 59 3.57 29.94 10.95
CA LEU A 59 4.50 30.82 11.65
C LEU A 59 5.70 30.94 10.73
N ASP A 60 6.06 32.08 10.17
CA ASP A 60 7.17 32.10 9.22
C ASP A 60 8.43 32.19 10.07
N GLY A 61 9.37 31.31 9.84
CA GLY A 61 10.54 31.27 10.67
C GLY A 61 11.51 32.36 10.32
N ILE A 62 11.27 33.11 9.24
CA ILE A 62 12.16 34.14 8.72
C ILE A 62 13.58 33.58 8.65
N ASP A 63 14.58 34.05 9.38
CA ASP A 63 15.90 33.44 9.25
C ASP A 63 16.31 32.63 10.47
N CYS A 64 15.32 31.99 11.07
CA CYS A 64 15.50 31.08 12.18
C CYS A 64 15.03 29.68 11.81
N THR A 65 15.81 28.66 12.10
CA THR A 65 15.29 27.33 12.03
C THR A 65 14.49 27.14 13.32
N LEU A 66 13.64 26.14 13.44
CA LEU A 66 12.92 25.90 14.68
C LEU A 66 13.84 25.60 15.84
N ILE A 67 14.92 24.82 15.68
CA ILE A 67 15.84 24.52 16.78
C ILE A 67 16.49 25.81 17.30
N ASP A 68 16.95 26.76 16.47
CA ASP A 68 17.49 28.00 16.97
C ASP A 68 16.44 28.83 17.66
N ALA A 69 15.19 28.81 17.18
CA ALA A 69 14.11 29.47 17.88
C ALA A 69 13.95 28.84 19.27
N LEU A 70 14.09 27.51 19.33
CA LEU A 70 13.92 26.78 20.58
C LEU A 70 15.03 27.10 21.58
N LEU A 71 16.29 26.96 21.14
CA LEU A 71 17.42 27.18 22.00
C LEU A 71 17.51 28.64 22.44
N GLY A 72 17.22 29.57 21.55
CA GLY A 72 17.20 30.95 21.93
C GLY A 72 18.36 31.73 21.39
N ASP A 73 18.67 31.47 20.14
CA ASP A 73 19.66 32.26 19.42
C ASP A 73 19.23 33.71 19.55
N PRO A 74 20.07 34.71 19.88
CA PRO A 74 19.66 36.09 20.04
C PRO A 74 18.79 36.56 18.90
N HIS A 75 19.21 36.26 17.67
CA HIS A 75 18.47 36.78 16.52
C HIS A 75 17.10 36.16 16.39
N CYS A 76 16.83 35.06 17.08
CA CYS A 76 15.54 34.40 17.03
C CYS A 76 14.71 34.70 18.28
N ASP A 77 15.09 35.68 19.11
CA ASP A 77 14.31 35.94 20.32
C ASP A 77 12.86 36.32 20.08
N VAL A 78 12.59 36.70 18.84
CA VAL A 78 11.25 37.03 18.35
C VAL A 78 10.27 35.92 18.58
N PHE A 79 10.71 34.66 18.53
CA PHE A 79 9.80 33.53 18.61
C PHE A 79 9.52 33.03 20.00
N GLN A 80 9.93 33.73 21.07
CA GLN A 80 9.75 33.16 22.41
C GLN A 80 8.27 32.94 22.67
N ASN A 81 7.93 31.75 23.15
CA ASN A 81 6.57 31.39 23.50
C ASN A 81 5.63 31.39 22.31
N GLU A 82 6.17 31.38 21.09
CA GLU A 82 5.33 31.38 19.93
C GLU A 82 4.62 30.04 19.70
N THR A 83 3.67 29.95 18.79
CA THR A 83 2.92 28.72 18.54
C THR A 83 2.55 28.62 17.08
N TRP A 84 2.19 27.45 16.59
CA TRP A 84 1.94 27.27 15.17
C TRP A 84 1.14 26.02 14.86
N ASP A 85 0.52 26.03 13.70
CA ASP A 85 0.00 24.81 13.14
C ASP A 85 1.04 24.30 12.19
N LEU A 86 1.72 25.19 11.48
CA LEU A 86 2.76 24.81 10.57
C LEU A 86 3.88 25.80 10.73
N PHE A 87 5.08 25.35 11.08
CA PHE A 87 6.21 26.24 11.17
C PHE A 87 6.88 26.16 9.80
N VAL A 88 7.10 27.25 9.08
CA VAL A 88 7.74 27.21 7.78
C VAL A 88 9.21 27.58 7.98
N GLU A 89 10.16 26.74 7.61
CA GLU A 89 11.56 27.10 7.71
C GLU A 89 12.01 27.54 6.33
N ARG A 90 12.90 28.54 6.28
CA ARG A 90 13.32 29.12 5.01
C ARG A 90 14.74 28.76 4.67
N SER A 91 15.12 28.67 3.41
CA SER A 91 16.47 28.29 3.03
C SER A 91 17.52 29.30 3.47
N LYS A 92 17.08 30.51 3.80
CA LYS A 92 17.96 31.58 4.19
C LYS A 92 18.25 31.61 5.67
N ALA A 93 17.66 30.72 6.47
CA ALA A 93 17.85 30.77 7.89
C ALA A 93 19.30 30.53 8.20
N PHE A 94 19.77 31.07 9.30
CA PHE A 94 21.16 30.93 9.65
C PHE A 94 21.26 30.90 11.15
N SER A 95 22.29 30.27 11.70
CA SER A 95 22.47 30.34 13.12
C SER A 95 23.55 31.36 13.34
N ASN A 96 23.52 32.02 14.47
CA ASN A 96 24.47 33.04 14.71
C ASN A 96 24.71 33.15 16.19
N CYS A 97 25.15 32.06 16.83
CA CYS A 97 25.44 32.05 18.26
C CYS A 97 26.52 30.99 18.49
N TYR A 98 26.72 30.50 19.70
CA TYR A 98 27.76 29.53 20.00
C TYR A 98 27.62 28.30 19.12
N PRO A 99 28.69 27.79 18.49
CA PRO A 99 28.63 26.62 17.64
C PRO A 99 28.14 25.41 18.43
N TYR A 100 27.08 24.77 17.99
CA TYR A 100 26.51 23.65 18.73
C TYR A 100 26.23 22.50 17.79
N ASP A 101 25.96 21.30 18.29
CA ASP A 101 25.48 20.22 17.45
C ASP A 101 24.45 19.49 18.26
N VAL A 102 23.50 18.85 17.60
CA VAL A 102 22.47 18.14 18.33
C VAL A 102 22.52 16.69 17.87
N PRO A 103 22.97 15.74 18.69
CA PRO A 103 23.06 14.33 18.37
C PRO A 103 21.85 13.82 17.61
N ASP A 104 20.60 13.98 18.03
CA ASP A 104 19.58 13.52 17.11
C ASP A 104 18.71 14.68 16.75
N TYR A 105 19.34 15.63 16.06
CA TYR A 105 18.69 16.85 15.60
C TYR A 105 17.33 16.54 15.02
N ALA A 106 17.31 15.54 14.16
CA ALA A 106 16.11 15.13 13.49
C ALA A 106 14.99 14.72 14.43
N SER A 107 15.25 14.05 15.54
CA SER A 107 14.12 13.78 16.41
C SER A 107 13.73 14.98 17.23
N LEU A 108 14.65 15.81 17.75
CA LEU A 108 14.29 16.99 18.52
C LEU A 108 13.48 17.95 17.64
N ARG A 109 13.89 18.22 16.40
CA ARG A 109 13.11 19.04 15.47
C ARG A 109 11.71 18.45 15.31
N SER A 110 11.55 17.14 15.16
CA SER A 110 10.24 16.52 14.99
C SER A 110 9.37 16.74 16.20
N LEU A 111 9.95 16.41 17.34
CA LEU A 111 9.27 16.40 18.59
C LEU A 111 8.76 17.79 18.94
N VAL A 112 9.55 18.85 18.75
CA VAL A 112 9.08 20.21 18.99
C VAL A 112 8.09 20.62 17.90
N ALA A 113 8.40 20.29 16.64
CA ALA A 113 7.57 20.67 15.52
C ALA A 113 6.14 20.19 15.65
N SER A 114 5.86 19.03 16.19
CA SER A 114 4.48 18.65 16.32
C SER A 114 3.89 18.95 17.68
N SER A 115 4.71 19.34 18.65
CA SER A 115 4.15 19.80 19.91
C SER A 115 3.46 21.10 19.59
N GLY A 116 4.13 21.93 18.79
CA GLY A 116 3.53 23.17 18.33
C GLY A 116 3.60 24.35 19.30
N THR A 117 4.47 24.38 20.30
CA THR A 117 4.52 25.53 21.16
C THR A 117 5.94 25.66 21.66
N LEU A 118 6.40 26.91 21.79
CA LEU A 118 7.71 27.18 22.34
C LEU A 118 7.59 27.77 23.74
N GLU A 119 6.38 27.64 24.33
CA GLU A 119 6.05 28.11 25.67
C GLU A 119 7.03 27.65 26.71
N PHE A 120 7.75 28.57 27.33
CA PHE A 120 8.77 28.22 28.27
C PHE A 120 8.44 28.75 29.62
N ILE A 121 8.71 27.94 30.63
CA ILE A 121 8.46 28.29 32.00
C ILE A 121 9.79 28.31 32.69
N THR A 122 10.22 29.40 33.32
CA THR A 122 11.53 29.42 33.95
C THR A 122 11.36 28.81 35.33
N GLU A 123 12.28 27.93 35.74
CA GLU A 123 12.17 27.33 37.03
C GLU A 123 13.32 27.75 37.93
N GLY A 124 13.12 27.61 39.24
CA GLY A 124 14.10 28.09 40.19
C GLY A 124 15.22 27.14 40.47
N PHE A 125 16.08 26.86 39.51
CA PHE A 125 17.20 25.98 39.78
C PHE A 125 18.23 26.74 40.59
N THR A 126 18.85 26.13 41.58
CA THR A 126 19.85 26.84 42.32
C THR A 126 21.19 26.21 42.09
N TRP A 127 22.08 26.92 41.45
CA TRP A 127 23.39 26.33 41.19
C TRP A 127 24.33 26.91 42.21
N THR A 128 24.65 26.22 43.31
CA THR A 128 25.53 26.80 44.31
C THR A 128 27.01 26.45 44.09
N GLY A 129 27.86 27.47 44.03
CA GLY A 129 29.28 27.19 43.95
C GLY A 129 29.83 27.29 42.56
N VAL A 130 29.02 27.72 41.59
CA VAL A 130 29.46 27.90 40.22
C VAL A 130 29.02 29.28 39.78
N THR A 131 29.67 29.83 38.78
CA THR A 131 29.32 31.12 38.21
C THR A 131 28.27 30.91 37.13
N GLN A 132 27.15 31.63 37.21
CA GLN A 132 26.09 31.48 36.21
C GLN A 132 26.17 32.40 35.02
N ASN A 133 25.30 32.17 34.05
CA ASN A 133 25.10 33.07 32.93
C ASN A 133 26.28 33.32 32.02
N GLY A 134 27.19 32.35 31.85
CA GLY A 134 28.31 32.53 30.92
C GLY A 134 27.82 32.87 29.52
N GLY A 135 28.58 33.64 28.76
CA GLY A 135 28.19 34.02 27.44
C GLY A 135 29.43 34.02 26.57
N SER A 136 29.29 34.32 25.31
CA SER A 136 30.37 34.27 24.37
C SER A 136 30.18 35.38 23.41
N ASN A 137 31.29 35.77 22.83
CA ASN A 137 31.24 36.81 21.84
C ASN A 137 30.74 36.30 20.53
N ALA A 138 30.67 34.98 20.33
CA ALA A 138 30.08 34.42 19.11
C ALA A 138 28.56 34.41 19.16
N CYS A 139 27.97 34.77 20.29
CA CYS A 139 26.53 34.81 20.47
C CYS A 139 26.21 36.18 21.05
N LYS A 140 26.59 37.20 20.31
CA LYS A 140 26.46 38.58 20.76
C LYS A 140 25.02 38.91 21.07
N ARG A 141 24.70 39.35 22.27
CA ARG A 141 23.35 39.77 22.50
C ARG A 141 23.51 41.24 22.79
N GLY A 142 23.09 41.99 21.78
CA GLY A 142 23.28 43.43 21.78
C GLY A 142 24.76 43.73 21.52
N PRO A 143 25.38 44.64 22.26
CA PRO A 143 26.80 44.96 22.11
C PRO A 143 27.68 43.91 22.80
N GLY A 144 27.13 43.26 23.84
CA GLY A 144 27.89 42.37 24.69
C GLY A 144 27.93 40.93 24.21
N SER A 145 28.61 40.15 25.00
CA SER A 145 28.65 38.72 24.83
C SER A 145 27.27 38.19 25.20
N GLY A 146 26.89 37.01 24.74
CA GLY A 146 25.59 36.45 25.10
C GLY A 146 25.60 34.95 24.90
N PHE A 147 24.44 34.31 25.01
CA PHE A 147 24.33 32.88 24.87
C PHE A 147 22.88 32.59 24.56
N PHE A 148 22.49 31.35 24.40
CA PHE A 148 21.12 30.99 24.11
C PHE A 148 20.22 31.45 25.23
N SER A 149 19.09 32.09 24.97
CA SER A 149 18.25 32.56 26.04
C SER A 149 17.71 31.47 26.93
N ARG A 150 17.54 30.25 26.43
CA ARG A 150 16.97 29.22 27.25
C ARG A 150 17.92 28.27 27.95
N LEU A 151 19.23 28.52 27.92
CA LEU A 151 20.21 27.63 28.52
C LEU A 151 21.11 28.42 29.49
N ASN A 152 21.84 27.83 30.43
CA ASN A 152 22.59 28.61 31.41
C ASN A 152 23.99 28.01 31.56
N TRP A 153 25.02 28.70 31.06
CA TRP A 153 26.39 28.18 31.03
C TRP A 153 27.04 28.39 32.38
N LEU A 154 27.38 27.31 33.07
CA LEU A 154 27.95 27.39 34.39
C LEU A 154 29.43 27.17 34.24
N THR A 155 30.20 28.01 34.95
CA THR A 155 31.64 27.89 35.02
C THR A 155 32.07 27.93 36.48
N LYS A 156 33.35 27.66 36.81
CA LYS A 156 33.82 27.67 38.20
C LYS A 156 33.56 28.96 38.93
N SER A 157 33.53 28.88 40.25
CA SER A 157 33.56 30.07 41.06
C SER A 157 34.88 30.04 41.82
N GLY A 158 35.71 31.05 41.58
CA GLY A 158 37.01 31.12 42.23
C GLY A 158 37.91 29.98 41.78
N SER A 159 38.01 28.94 42.58
CA SER A 159 38.92 27.86 42.28
C SER A 159 38.22 26.53 42.31
N THR A 160 36.90 26.54 42.25
CA THR A 160 36.20 25.28 42.34
C THR A 160 34.89 25.24 41.58
N TYR A 161 34.65 24.03 41.07
CA TYR A 161 33.39 23.70 40.44
C TYR A 161 32.99 22.49 41.26
N PRO A 162 31.96 22.60 42.09
CA PRO A 162 31.46 21.52 42.93
C PRO A 162 30.74 20.43 42.18
N VAL A 163 30.34 19.37 42.88
CA VAL A 163 29.50 18.41 42.23
C VAL A 163 28.10 18.97 42.38
N LEU A 164 27.54 19.43 41.29
CA LEU A 164 26.20 19.94 41.32
C LEU A 164 25.29 18.74 41.35
N ASN A 165 24.28 18.76 42.21
CA ASN A 165 23.33 17.68 42.27
C ASN A 165 22.00 18.34 42.56
N VAL A 166 21.23 18.76 41.55
CA VAL A 166 19.97 19.45 41.79
C VAL A 166 18.77 18.62 41.35
N THR A 167 17.57 18.96 41.80
CA THR A 167 16.39 18.19 41.42
C THR A 167 15.18 19.10 41.20
N MET A 168 14.33 18.72 40.26
CA MET A 168 13.16 19.50 39.94
C MET A 168 12.01 18.52 39.72
N PRO A 169 10.98 18.50 40.58
CA PRO A 169 9.85 17.61 40.47
C PRO A 169 8.82 18.02 39.43
N ASN A 170 8.24 17.04 38.76
CA ASN A 170 7.17 17.39 37.87
C ASN A 170 5.94 17.21 38.71
N ASN A 171 5.42 18.31 39.18
CA ASN A 171 4.26 18.21 40.02
C ASN A 171 2.99 18.56 39.31
N ASP A 172 3.10 19.07 38.09
CA ASP A 172 1.97 19.52 37.34
C ASP A 172 1.44 18.27 36.67
N ASN A 173 0.46 18.44 35.82
CA ASN A 173 -0.22 17.30 35.22
C ASN A 173 0.10 17.20 33.76
N PHE A 174 1.24 17.71 33.33
CA PHE A 174 1.61 17.63 31.93
C PHE A 174 3.08 17.23 31.83
N ASP A 175 3.53 16.85 30.65
CA ASP A 175 4.93 16.54 30.49
C ASP A 175 5.70 17.81 30.30
N LYS A 176 6.95 17.75 30.74
CA LYS A 176 7.85 18.87 30.69
C LYS A 176 9.01 18.49 29.79
N LEU A 177 9.35 19.26 28.77
CA LEU A 177 10.50 18.97 27.94
C LEU A 177 11.64 19.82 28.48
N TYR A 178 12.79 19.26 28.86
CA TYR A 178 13.94 20.04 29.29
C TYR A 178 15.02 19.98 28.24
N ILE A 179 15.55 21.10 27.77
CA ILE A 179 16.68 21.10 26.84
C ILE A 179 17.92 21.47 27.66
N TRP A 180 18.99 20.69 27.59
CA TRP A 180 20.21 20.96 28.35
C TRP A 180 21.38 20.61 27.44
N GLY A 181 22.63 20.68 27.85
CA GLY A 181 23.71 20.36 26.95
C GLY A 181 25.02 20.28 27.70
N ILE A 182 26.10 20.10 26.97
CA ILE A 182 27.42 19.94 27.56
C ILE A 182 28.41 20.73 26.73
N HIS A 183 29.47 21.30 27.31
CA HIS A 183 30.44 22.10 26.55
C HIS A 183 31.69 21.28 26.32
N HIS A 184 32.08 21.16 25.04
CA HIS A 184 33.26 20.42 24.64
C HIS A 184 34.40 21.41 24.45
N PRO A 185 35.38 21.53 25.35
CA PRO A 185 36.51 22.45 25.24
C PRO A 185 37.49 22.12 24.13
N SER A 186 38.24 23.09 23.62
CA SER A 186 39.25 22.78 22.61
C SER A 186 40.51 22.21 23.21
N THR A 187 40.91 22.68 24.40
CA THR A 187 42.15 22.25 24.99
C THR A 187 41.96 21.81 26.43
N ASN A 188 42.84 20.95 26.92
CA ASN A 188 42.80 20.55 28.32
C ASN A 188 42.97 21.77 29.19
N GLN A 189 43.73 22.74 28.69
CA GLN A 189 43.90 24.00 29.38
C GLN A 189 42.54 24.65 29.53
N GLU A 190 41.79 24.81 28.44
CA GLU A 190 40.45 25.42 28.49
C GLU A 190 39.57 24.70 29.51
N GLN A 191 39.63 23.35 29.50
CA GLN A 191 38.85 22.53 30.40
C GLN A 191 39.10 22.93 31.83
N THR A 192 40.36 22.98 32.24
CA THR A 192 40.68 23.26 33.62
C THR A 192 40.44 24.71 33.99
N SER A 193 40.66 25.63 33.06
CA SER A 193 40.40 27.03 33.33
C SER A 193 38.93 27.22 33.64
N LEU A 194 38.04 26.64 32.83
CA LEU A 194 36.62 26.83 33.05
C LEU A 194 36.03 25.95 34.13
N TYR A 195 36.34 24.65 34.12
CA TYR A 195 35.62 23.75 35.02
C TYR A 195 36.49 23.09 36.07
N VAL A 196 37.76 23.47 36.19
CA VAL A 196 38.71 22.95 37.17
C VAL A 196 39.03 21.48 36.97
N GLN A 197 38.07 20.57 37.11
CA GLN A 197 38.26 19.16 36.87
C GLN A 197 38.83 18.95 35.48
N ALA A 198 39.78 18.05 35.28
CA ALA A 198 40.25 17.82 33.92
C ALA A 198 39.30 16.97 33.07
N SER A 199 38.24 16.43 33.67
CA SER A 199 37.27 15.65 32.93
C SER A 199 35.93 15.94 33.57
N GLY A 200 35.03 16.58 32.82
CA GLY A 200 33.70 16.88 33.31
C GLY A 200 32.79 15.68 33.09
N ARG A 201 31.52 15.80 33.44
CA ARG A 201 30.57 14.70 33.34
C ARG A 201 29.20 15.29 33.61
N VAL A 202 28.17 14.94 32.84
CA VAL A 202 26.83 15.41 33.09
C VAL A 202 25.96 14.18 33.14
N THR A 203 25.16 13.99 34.19
CA THR A 203 24.24 12.87 34.26
C THR A 203 22.86 13.48 34.50
N VAL A 204 21.89 13.28 33.61
CA VAL A 204 20.54 13.82 33.77
C VAL A 204 19.62 12.62 33.76
N SER A 205 18.81 12.50 34.81
CA SER A 205 18.00 11.33 35.00
C SER A 205 16.62 11.62 35.56
N THR A 206 15.74 10.64 35.34
CA THR A 206 14.41 10.63 35.91
C THR A 206 14.26 9.25 36.56
N ARG A 207 13.14 8.90 37.16
CA ARG A 207 12.95 7.55 37.66
C ARG A 207 12.98 6.57 36.52
N ARG A 208 12.65 7.01 35.31
CA ARG A 208 12.61 6.14 34.15
C ARG A 208 13.85 6.09 33.29
N SER A 209 14.76 7.06 33.34
CA SER A 209 15.83 7.05 32.37
C SER A 209 17.03 7.77 32.91
N GLN A 210 18.14 7.72 32.20
CA GLN A 210 19.34 8.45 32.58
C GLN A 210 20.23 8.62 31.36
N GLN A 211 20.92 9.74 31.26
CA GLN A 211 21.92 9.95 30.25
C GLN A 211 23.12 10.47 31.00
N THR A 212 24.28 9.93 30.68
CA THR A 212 25.51 10.50 31.19
C THR A 212 26.31 10.76 29.93
N ILE A 213 26.75 12.00 29.77
CA ILE A 213 27.56 12.42 28.63
C ILE A 213 28.85 12.97 29.24
N ILE A 214 29.98 12.58 28.67
CA ILE A 214 31.26 13.11 29.12
C ILE A 214 31.73 13.95 27.95
N PRO A 215 32.25 15.17 28.15
CA PRO A 215 32.71 16.06 27.10
C PRO A 215 33.85 15.50 26.30
N ASN A 216 34.25 16.12 25.21
CA ASN A 216 35.33 15.57 24.39
C ASN A 216 36.20 16.74 23.98
N ILE A 217 37.43 16.75 24.41
CA ILE A 217 38.30 17.86 24.16
C ILE A 217 39.06 17.64 22.88
N GLY A 218 39.21 18.69 22.11
CA GLY A 218 39.95 18.61 20.85
C GLY A 218 39.53 19.77 19.98
N SER A 219 40.34 20.13 19.00
CA SER A 219 39.97 21.25 18.16
C SER A 219 39.03 20.79 17.06
N ARG A 220 37.99 21.57 16.90
CA ARG A 220 37.12 21.42 15.75
C ARG A 220 37.39 22.59 14.80
N PRO A 221 36.75 22.70 13.62
CA PRO A 221 36.95 23.83 12.72
C PRO A 221 36.45 25.10 13.34
N TRP A 222 37.22 26.16 13.21
CA TRP A 222 36.87 27.51 13.58
C TRP A 222 35.52 27.83 13.00
N VAL A 223 34.58 28.13 13.87
CA VAL A 223 33.25 28.59 13.53
C VAL A 223 33.03 29.72 14.51
N ARG A 224 32.77 30.91 13.95
CA ARG A 224 32.59 32.13 14.69
C ARG A 224 33.65 32.35 15.76
N GLY A 225 34.91 32.16 15.37
CA GLY A 225 36.02 32.39 16.28
C GLY A 225 36.28 31.23 17.23
N LEU A 226 35.47 30.18 17.19
CA LEU A 226 35.60 29.11 18.14
C LEU A 226 35.91 27.73 17.58
N SER A 227 36.69 26.93 18.30
CA SER A 227 36.88 25.53 17.97
C SER A 227 36.20 24.67 19.00
N SER A 228 35.57 25.26 20.01
CA SER A 228 34.82 24.48 20.96
C SER A 228 33.43 24.30 20.38
N ARG A 229 32.61 23.48 21.02
CA ARG A 229 31.27 23.20 20.57
C ARG A 229 30.44 22.92 21.78
N ILE A 230 29.12 23.04 21.70
CA ILE A 230 28.30 22.48 22.76
C ILE A 230 27.33 21.50 22.13
N SER A 231 27.04 20.34 22.72
CA SER A 231 26.08 19.44 22.11
C SER A 231 24.80 19.55 22.91
N ILE A 232 23.63 19.52 22.27
CA ILE A 232 22.33 19.71 22.92
C ILE A 232 21.66 18.35 23.16
N TYR A 233 20.99 18.17 24.30
CA TYR A 233 20.29 16.95 24.65
C TYR A 233 18.90 17.33 25.18
N TRP A 234 17.97 16.40 25.38
CA TRP A 234 16.64 16.75 25.83
C TRP A 234 16.13 15.68 26.74
N THR A 235 15.27 15.96 27.71
CA THR A 235 14.75 14.95 28.60
C THR A 235 13.30 15.30 28.81
N ILE A 236 12.36 14.41 28.57
CA ILE A 236 10.97 14.75 28.84
C ILE A 236 10.67 14.24 30.24
N VAL A 237 10.02 14.97 31.15
CA VAL A 237 9.77 14.49 32.49
C VAL A 237 8.26 14.38 32.64
N LYS A 238 7.80 13.19 32.97
CA LYS A 238 6.39 12.90 33.03
C LYS A 238 5.75 13.38 34.31
N PRO A 239 4.42 13.62 34.44
CA PRO A 239 3.78 14.08 35.66
C PRO A 239 4.09 13.08 36.75
N GLY A 240 4.51 13.58 37.89
CA GLY A 240 4.85 12.72 39.00
C GLY A 240 6.30 12.28 39.03
N ASP A 241 7.06 12.46 37.94
CA ASP A 241 8.45 12.04 37.94
C ASP A 241 9.32 13.15 38.48
N VAL A 242 10.63 13.06 38.37
CA VAL A 242 11.48 14.06 38.95
C VAL A 242 12.76 14.11 38.16
N LEU A 243 13.27 15.30 37.87
CA LEU A 243 14.53 15.47 37.14
C LEU A 243 15.63 15.64 38.15
N VAL A 244 16.76 14.94 37.99
CA VAL A 244 17.93 15.13 38.86
C VAL A 244 19.08 15.41 37.91
N ILE A 245 19.73 16.58 38.04
CA ILE A 245 20.86 16.95 37.18
C ILE A 245 22.05 16.88 38.08
N ASN A 246 23.03 16.13 37.66
CA ASN A 246 24.20 15.91 38.48
C ASN A 246 25.41 16.10 37.59
N SER A 247 26.27 17.03 37.93
CA SER A 247 27.41 17.26 37.09
C SER A 247 28.56 17.73 37.93
N ASN A 248 29.69 17.64 37.30
CA ASN A 248 30.98 17.80 37.93
C ASN A 248 31.87 18.66 37.03
N GLY A 249 31.27 19.22 35.97
CA GLY A 249 31.99 20.07 35.03
C GLY A 249 31.29 20.02 33.69
N ASN A 250 31.42 21.07 32.89
CA ASN A 250 30.94 21.18 31.51
C ASN A 250 29.42 21.26 31.28
N LEU A 251 28.60 21.39 32.32
CA LEU A 251 27.16 21.42 32.13
C LEU A 251 26.68 22.76 31.60
N ILE A 252 25.86 22.75 30.55
CA ILE A 252 25.11 23.90 30.06
C ILE A 252 23.72 23.59 30.60
N ALA A 253 23.28 24.24 31.66
CA ALA A 253 22.08 23.86 32.38
C ALA A 253 20.76 24.40 31.85
N PRO A 254 19.60 23.76 32.04
CA PRO A 254 18.32 24.27 31.57
C PRO A 254 17.86 25.44 32.45
N ARG A 255 17.10 26.41 31.92
CA ARG A 255 16.52 27.46 32.76
C ARG A 255 15.07 27.14 33.13
N GLY A 256 14.50 26.03 32.65
CA GLY A 256 13.13 25.65 32.97
C GLY A 256 12.67 24.67 31.92
N TYR A 257 11.37 24.61 31.64
CA TYR A 257 10.89 23.62 30.72
C TYR A 257 10.05 24.21 29.65
N PHE A 258 10.05 23.55 28.50
CA PHE A 258 9.13 23.88 27.44
C PHE A 258 7.94 23.04 27.74
N LYS A 259 6.73 23.50 27.51
CA LYS A 259 5.68 22.57 27.76
C LYS A 259 5.26 21.89 26.49
N MET A 260 4.87 20.66 26.62
CA MET A 260 4.55 19.87 25.45
C MET A 260 3.09 19.75 25.26
N ARG A 261 2.65 19.74 24.02
CA ARG A 261 1.27 19.39 23.77
C ARG A 261 1.13 18.45 22.59
N THR A 262 -0.12 18.08 22.30
CA THR A 262 -0.45 17.08 21.31
C THR A 262 -1.41 17.75 20.36
N GLY A 263 -1.13 17.85 19.06
CA GLY A 263 -2.06 18.52 18.18
C GLY A 263 -1.71 18.21 16.75
N LYS A 264 -2.09 19.09 15.83
CA LYS A 264 -1.88 18.86 14.43
C LYS A 264 -0.71 19.63 13.88
N SER A 265 0.22 20.02 14.71
CA SER A 265 1.29 20.88 14.27
C SER A 265 2.33 20.05 13.59
N SER A 266 3.07 20.69 12.71
CA SER A 266 4.13 20.08 11.96
C SER A 266 5.04 21.21 11.48
N ILE A 267 6.09 20.89 10.71
CA ILE A 267 6.99 21.91 10.21
C ILE A 267 7.13 21.69 8.72
N MET A 268 7.54 22.67 7.90
CA MET A 268 7.62 22.48 6.45
C MET A 268 8.74 23.36 5.99
N ARG A 269 9.54 22.89 5.07
CA ARG A 269 10.64 23.70 4.59
C ARG A 269 10.11 24.27 3.28
N SER A 270 10.12 25.59 3.10
CA SER A 270 9.53 26.19 1.93
C SER A 270 9.96 27.64 1.88
N ASP A 271 10.30 28.10 0.69
CA ASP A 271 10.52 29.51 0.50
C ASP A 271 9.30 30.16 -0.17
N ALA A 272 8.15 29.49 -0.21
CA ALA A 272 6.96 30.12 -0.73
C ALA A 272 6.55 31.31 0.15
N PRO A 273 5.99 32.37 -0.43
CA PRO A 273 5.52 33.57 0.22
C PRO A 273 4.27 33.22 0.95
N ILE A 274 4.07 33.70 2.17
CA ILE A 274 2.77 33.51 2.83
C ILE A 274 1.89 34.68 2.41
N ASP A 275 0.64 34.42 2.13
CA ASP A 275 -0.22 35.43 1.57
C ASP A 275 -1.56 35.29 2.23
N THR A 276 -2.47 36.21 2.05
CA THR A 276 -3.70 36.18 2.79
C THR A 276 -4.80 35.63 1.93
N CYS A 277 -5.15 34.39 2.16
CA CYS A 277 -6.19 33.70 1.41
C CYS A 277 -6.57 32.50 2.21
N ILE A 278 -7.65 31.80 1.95
CA ILE A 278 -7.93 30.65 2.80
C ILE A 278 -7.76 29.44 1.90
N SER A 279 -6.96 28.48 2.34
CA SER A 279 -6.66 27.26 1.62
C SER A 279 -6.36 26.20 2.64
N GLU A 280 -6.93 25.04 2.45
CA GLU A 280 -6.75 23.96 3.41
C GLU A 280 -5.50 23.12 3.23
N CYS A 281 -5.02 23.00 2.00
CA CYS A 281 -3.94 22.11 1.68
C CYS A 281 -2.67 22.88 1.46
N ILE A 282 -1.56 22.57 2.14
CA ILE A 282 -0.32 23.31 1.90
C ILE A 282 0.75 22.36 1.41
N THR A 283 1.48 22.82 0.43
CA THR A 283 2.53 22.13 -0.27
C THR A 283 3.74 23.04 -0.16
N PRO A 284 4.99 22.62 -0.15
CA PRO A 284 6.10 23.55 -0.08
C PRO A 284 6.09 24.42 -1.31
N ASN A 285 5.48 23.99 -2.42
CA ASN A 285 5.30 24.85 -3.58
C ASN A 285 4.19 25.87 -3.40
N GLY A 286 3.54 26.01 -2.25
CA GLY A 286 2.43 26.92 -2.10
C GLY A 286 1.15 26.14 -1.96
N SER A 287 0.04 26.74 -1.57
CA SER A 287 -1.20 26.04 -1.43
C SER A 287 -1.77 25.57 -2.75
N ILE A 288 -2.56 24.52 -2.68
CA ILE A 288 -3.19 23.97 -3.86
C ILE A 288 -4.65 23.66 -3.54
N PRO A 289 -5.60 23.71 -4.45
CA PRO A 289 -6.99 23.41 -4.18
C PRO A 289 -7.27 21.93 -4.07
N ASN A 290 -7.93 21.56 -3.00
CA ASN A 290 -8.26 20.16 -2.76
C ASN A 290 -9.61 19.77 -3.30
N ASP A 291 -10.02 20.34 -4.44
CA ASP A 291 -11.29 19.97 -5.03
C ASP A 291 -11.08 18.62 -5.73
N LYS A 292 -9.95 18.40 -6.42
CA LYS A 292 -9.70 17.15 -7.15
C LYS A 292 -9.22 16.05 -6.22
N PRO A 293 -9.32 14.73 -6.50
CA PRO A 293 -8.88 13.69 -5.58
C PRO A 293 -7.40 13.38 -5.57
N PHE A 294 -6.65 13.73 -6.63
CA PHE A 294 -5.24 13.41 -6.67
C PHE A 294 -4.43 14.65 -6.99
N GLN A 295 -3.14 14.73 -6.69
CA GLN A 295 -2.37 15.89 -7.05
C GLN A 295 -1.01 15.46 -7.43
N ASN A 296 -0.36 16.27 -8.24
CA ASN A 296 0.97 15.97 -8.70
C ASN A 296 1.89 17.14 -8.33
N VAL A 297 1.46 18.03 -7.41
CA VAL A 297 2.29 19.18 -7.12
C VAL A 297 3.46 18.77 -6.24
N ASN A 298 3.28 18.16 -5.08
CA ASN A 298 4.43 17.78 -4.25
C ASN A 298 3.98 16.67 -3.29
N LYS A 299 4.88 15.72 -2.96
CA LYS A 299 4.59 14.61 -2.07
C LYS A 299 4.59 15.08 -0.62
N ILE A 300 5.08 16.29 -0.37
CA ILE A 300 5.00 16.88 0.93
C ILE A 300 3.74 17.70 1.00
N THR A 301 2.89 17.38 1.94
CA THR A 301 1.69 18.17 2.09
C THR A 301 1.34 18.31 3.58
N TYR A 302 0.48 19.29 3.92
CA TYR A 302 -0.01 19.48 5.26
C TYR A 302 -1.47 19.85 5.10
N GLY A 303 -2.40 19.22 5.81
CA GLY A 303 -3.78 19.64 5.74
C GLY A 303 -4.64 18.70 4.92
N ALA A 304 -5.84 19.14 4.48
CA ALA A 304 -6.72 18.29 3.69
C ALA A 304 -6.30 18.33 2.24
N CYS A 305 -5.48 17.38 1.80
CA CYS A 305 -4.90 17.47 0.45
C CYS A 305 -5.22 16.30 -0.44
N PRO A 306 -5.13 16.43 -1.76
CA PRO A 306 -5.40 15.31 -2.64
C PRO A 306 -4.24 14.32 -2.54
N LYS A 307 -4.42 13.04 -2.93
CA LYS A 307 -3.36 12.05 -2.77
C LYS A 307 -2.35 12.25 -3.87
N TYR A 308 -1.08 12.35 -3.53
CA TYR A 308 0.00 12.56 -4.50
C TYR A 308 0.13 11.36 -5.40
N VAL A 309 0.26 11.61 -6.68
CA VAL A 309 0.23 10.58 -7.69
C VAL A 309 1.33 10.92 -8.65
N LYS A 310 1.91 9.93 -9.28
CA LYS A 310 2.95 10.18 -10.27
C LYS A 310 2.35 10.76 -11.55
N GLN A 311 1.11 10.40 -11.93
CA GLN A 311 0.50 10.94 -13.14
C GLN A 311 0.29 12.45 -13.11
N ASN A 312 0.43 13.21 -14.21
CA ASN A 312 0.10 14.63 -14.09
C ASN A 312 -1.26 14.92 -14.69
N THR A 313 -1.87 13.96 -15.39
CA THR A 313 -3.23 14.15 -15.83
C THR A 313 -3.99 12.84 -15.82
N LEU A 314 -5.23 12.84 -15.32
CA LEU A 314 -6.13 11.72 -15.38
C LEU A 314 -7.53 12.27 -15.63
N LYS A 315 -8.05 12.03 -16.82
CA LYS A 315 -9.33 12.56 -17.18
C LYS A 315 -10.41 11.56 -16.98
N LEU A 316 -11.43 11.92 -16.21
CA LEU A 316 -12.59 11.08 -15.98
C LEU A 316 -13.67 11.46 -16.99
N ALA A 317 -14.12 10.54 -17.82
CA ALA A 317 -15.18 10.80 -18.79
C ALA A 317 -16.46 11.16 -18.08
N THR A 318 -17.09 12.23 -18.53
CA THR A 318 -18.37 12.62 -17.98
C THR A 318 -19.38 12.70 -19.11
N GLY A 319 -19.20 11.93 -20.20
CA GLY A 319 -20.13 11.98 -21.31
C GLY A 319 -19.93 10.74 -22.13
N MET A 320 -20.86 10.50 -23.05
CA MET A 320 -20.82 9.35 -23.94
C MET A 320 -19.69 9.42 -24.95
N ARG A 321 -19.55 8.39 -25.79
CA ARG A 321 -18.55 8.42 -26.83
C ARG A 321 -18.90 9.49 -27.88
N ASN A 322 -17.92 10.23 -28.39
CA ASN A 322 -18.17 11.24 -29.39
C ASN A 322 -18.09 10.59 -30.78
N VAL A 323 -19.18 10.45 -31.49
CA VAL A 323 -19.17 9.91 -32.84
C VAL A 323 -19.70 11.05 -33.69
N PRO A 324 -18.93 12.02 -34.20
CA PRO A 324 -19.46 13.15 -34.96
C PRO A 324 -19.95 12.88 -36.36
N GLU A 325 -20.89 13.80 -36.58
CA GLU A 325 -21.80 13.92 -37.70
C GLU A 325 -21.01 14.80 -38.65
N LYS A 326 -19.84 14.40 -39.18
CA LYS A 326 -18.84 15.26 -39.87
C LYS A 326 -18.02 15.77 -38.65
N GLN A 327 -17.46 16.98 -38.55
CA GLN A 327 -16.88 17.49 -37.30
C GLN A 327 -16.68 19.00 -37.49
N THR A 328 -17.73 19.77 -37.20
CA THR A 328 -17.74 21.23 -37.36
C THR A 328 -18.87 21.83 -36.48
N GLY B 1 -20.47 0.34 -27.34
CA GLY B 1 -19.85 -0.38 -26.23
C GLY B 1 -20.65 -1.67 -26.07
N LEU B 2 -20.97 -2.10 -24.85
CA LEU B 2 -21.61 -3.38 -24.67
C LEU B 2 -22.92 -3.50 -25.36
N PHE B 3 -23.67 -2.42 -25.58
CA PHE B 3 -24.96 -2.63 -26.15
C PHE B 3 -24.98 -2.38 -27.64
N GLY B 4 -23.96 -1.74 -28.19
CA GLY B 4 -23.87 -1.57 -29.63
C GLY B 4 -24.90 -0.63 -30.27
N ALA B 5 -25.40 0.36 -29.51
CA ALA B 5 -26.27 1.34 -30.10
C ALA B 5 -25.37 2.48 -30.50
N ILE B 6 -24.75 3.18 -29.54
CA ILE B 6 -23.83 4.29 -29.82
C ILE B 6 -22.61 3.71 -30.51
N ALA B 7 -22.23 4.37 -31.59
CA ALA B 7 -21.15 3.95 -32.45
C ALA B 7 -21.37 2.48 -32.81
N GLY B 8 -22.66 2.14 -33.01
CA GLY B 8 -23.07 0.79 -33.27
C GLY B 8 -24.13 0.91 -34.31
N PHE B 9 -25.36 0.47 -33.99
CA PHE B 9 -26.39 0.51 -35.01
C PHE B 9 -26.83 1.91 -35.28
N ILE B 10 -26.56 2.82 -34.35
CA ILE B 10 -26.81 4.22 -34.63
C ILE B 10 -25.47 4.71 -35.14
N GLU B 11 -25.40 4.91 -36.45
CA GLU B 11 -24.15 5.25 -37.12
C GLU B 11 -23.33 6.36 -36.52
N ASN B 12 -23.94 7.48 -36.17
CA ASN B 12 -23.19 8.60 -35.60
C ASN B 12 -24.09 9.54 -34.85
N GLY B 13 -23.51 10.41 -34.08
CA GLY B 13 -24.24 11.36 -33.28
C GLY B 13 -24.66 12.58 -34.09
N TRP B 14 -25.50 13.42 -33.50
CA TRP B 14 -26.01 14.58 -34.14
C TRP B 14 -25.38 15.74 -33.44
N GLU B 15 -24.47 16.43 -34.11
CA GLU B 15 -23.82 17.60 -33.52
C GLU B 15 -24.86 18.69 -33.31
N GLY B 16 -25.89 18.66 -34.15
CA GLY B 16 -26.95 19.62 -34.06
C GLY B 16 -27.77 19.57 -32.79
N MET B 17 -27.82 18.44 -32.08
CA MET B 17 -28.74 18.33 -30.96
C MET B 17 -28.12 19.04 -29.78
N ILE B 18 -28.65 20.19 -29.47
CA ILE B 18 -28.00 20.98 -28.43
C ILE B 18 -28.81 21.02 -27.17
N ASP B 19 -30.02 20.50 -27.24
CA ASP B 19 -30.97 20.59 -26.15
C ASP B 19 -31.06 19.32 -25.30
N GLY B 20 -30.22 18.32 -25.51
CA GLY B 20 -30.28 17.12 -24.68
C GLY B 20 -29.31 16.10 -25.22
N TRP B 21 -29.16 14.94 -24.55
CA TRP B 21 -28.17 13.97 -24.99
C TRP B 21 -28.74 12.93 -25.94
N TYR B 22 -30.01 12.61 -25.84
CA TYR B 22 -30.62 11.59 -26.67
C TYR B 22 -31.87 12.21 -27.25
N GLY B 23 -32.42 11.75 -28.38
CA GLY B 23 -33.62 12.38 -28.89
C GLY B 23 -34.08 11.83 -30.22
N PHE B 24 -35.06 12.52 -30.80
CA PHE B 24 -35.75 12.07 -32.01
C PHE B 24 -35.63 13.05 -33.16
N ARG B 25 -35.52 12.61 -34.37
CA ARG B 25 -35.72 13.45 -35.53
C ARG B 25 -36.84 12.74 -36.25
N HIS B 26 -37.76 13.38 -36.92
CA HIS B 26 -38.85 12.70 -37.61
C HIS B 26 -39.04 13.40 -38.93
N GLN B 27 -39.68 12.71 -39.84
CA GLN B 27 -40.07 13.32 -41.08
C GLN B 27 -41.48 12.85 -41.22
N ASN B 28 -42.44 13.75 -41.33
CA ASN B 28 -43.84 13.38 -41.38
C ASN B 28 -44.59 14.31 -42.33
N SER B 29 -45.93 14.26 -42.24
CA SER B 29 -46.85 15.04 -43.05
C SER B 29 -46.47 16.50 -43.07
N GLU B 30 -46.31 17.13 -41.90
CA GLU B 30 -45.94 18.53 -41.87
C GLU B 30 -44.47 18.84 -42.12
N GLY B 31 -43.61 17.85 -42.35
CA GLY B 31 -42.19 18.09 -42.61
C GLY B 31 -41.27 17.38 -41.63
N THR B 32 -40.08 17.90 -41.41
CA THR B 32 -39.06 17.23 -40.67
C THR B 32 -38.90 17.93 -39.35
N GLY B 33 -38.60 17.27 -38.23
CA GLY B 33 -38.40 17.94 -36.94
C GLY B 33 -37.49 17.13 -36.01
N GLN B 34 -36.86 17.78 -35.06
CA GLN B 34 -35.91 17.16 -34.15
C GLN B 34 -36.39 17.48 -32.73
N ALA B 35 -36.03 16.76 -31.68
CA ALA B 35 -36.44 17.08 -30.31
C ALA B 35 -35.65 16.24 -29.31
N ALA B 36 -35.02 16.80 -28.26
CA ALA B 36 -34.28 15.99 -27.31
C ALA B 36 -35.21 15.23 -26.41
N ASP B 37 -34.80 14.06 -25.90
CA ASP B 37 -35.60 13.27 -24.98
C ASP B 37 -35.02 13.59 -23.63
N LEU B 38 -35.79 14.22 -22.78
CA LEU B 38 -35.20 14.67 -21.54
C LEU B 38 -35.16 13.63 -20.45
N LYS B 39 -35.98 12.58 -20.49
CA LYS B 39 -35.90 11.57 -19.46
C LYS B 39 -34.62 10.77 -19.51
N SER B 40 -34.22 10.30 -20.68
CA SER B 40 -33.01 9.53 -20.76
C SER B 40 -31.83 10.45 -20.61
N THR B 41 -31.89 11.69 -21.12
CA THR B 41 -30.82 12.63 -20.86
C THR B 41 -30.56 12.80 -19.36
N GLN B 42 -31.62 12.96 -18.58
CA GLN B 42 -31.47 13.11 -17.16
C GLN B 42 -30.97 11.82 -16.53
N ALA B 43 -31.43 10.65 -17.00
CA ALA B 43 -30.97 9.38 -16.47
C ALA B 43 -29.49 9.21 -16.63
N ALA B 44 -28.94 9.48 -17.82
CA ALA B 44 -27.52 9.38 -18.00
C ALA B 44 -26.81 10.42 -17.16
N ILE B 45 -27.32 11.66 -17.12
CA ILE B 45 -26.64 12.72 -16.38
C ILE B 45 -26.59 12.46 -14.89
N ASP B 46 -27.68 11.99 -14.32
CA ASP B 46 -27.70 11.69 -12.91
C ASP B 46 -26.72 10.61 -12.53
N GLN B 47 -26.52 9.58 -13.34
CA GLN B 47 -25.59 8.51 -12.98
C GLN B 47 -24.18 9.00 -13.08
N ILE B 48 -23.86 9.77 -14.12
CA ILE B 48 -22.52 10.31 -14.26
C ILE B 48 -22.24 11.31 -13.14
N ASN B 49 -23.23 12.08 -12.65
CA ASN B 49 -22.93 12.93 -11.49
C ASN B 49 -22.75 12.13 -10.26
N GLY B 50 -23.50 11.04 -10.10
CA GLY B 50 -23.41 10.24 -8.89
C GLY B 50 -22.02 9.65 -8.77
N LYS B 51 -21.53 9.20 -9.91
CA LYS B 51 -20.23 8.60 -10.06
C LYS B 51 -19.22 9.66 -9.75
N LEU B 52 -19.42 10.85 -10.30
CA LEU B 52 -18.51 11.96 -10.09
C LEU B 52 -18.39 12.35 -8.63
N ASN B 53 -19.52 12.39 -7.95
CA ASN B 53 -19.51 12.85 -6.57
C ASN B 53 -18.84 11.88 -5.64
N ARG B 54 -18.85 10.61 -5.97
CA ARG B 54 -18.26 9.59 -5.12
C ARG B 54 -16.76 9.76 -5.24
N VAL B 55 -16.25 10.10 -6.42
CA VAL B 55 -14.82 10.29 -6.66
C VAL B 55 -14.33 11.60 -6.07
N ILE B 56 -15.16 12.61 -5.92
CA ILE B 56 -14.68 13.83 -5.29
C ILE B 56 -14.87 13.84 -3.74
N GLU B 57 -15.37 12.69 -3.21
CA GLU B 57 -15.60 12.42 -1.79
C GLU B 57 -14.27 12.51 -1.06
N LYS B 58 -14.31 13.41 -0.08
CA LYS B 58 -13.30 13.67 0.94
C LYS B 58 -11.83 13.33 0.72
N THR B 59 -11.07 14.42 0.58
CA THR B 59 -9.62 14.34 0.70
C THR B 59 -9.43 14.15 2.21
N ASN B 60 -8.76 13.11 2.66
CA ASN B 60 -8.53 12.95 4.08
C ASN B 60 -7.39 13.89 4.46
N GLU B 61 -7.29 14.32 5.71
CA GLU B 61 -6.22 15.24 6.04
C GLU B 61 -5.13 14.62 6.86
N LYS B 62 -3.89 15.00 6.65
CA LYS B 62 -2.79 14.44 7.36
C LYS B 62 -1.96 15.59 7.86
N PHE B 63 -1.34 15.50 9.02
CA PHE B 63 -0.58 16.59 9.56
C PHE B 63 0.87 16.20 9.65
N HIS B 64 1.49 16.03 10.82
CA HIS B 64 2.93 15.71 10.89
C HIS B 64 3.12 14.33 10.28
N GLN B 65 4.02 14.13 9.31
CA GLN B 65 4.16 12.81 8.68
C GLN B 65 5.59 12.37 8.77
N ILE B 66 6.33 12.07 7.71
CA ILE B 66 7.75 11.76 7.81
C ILE B 66 8.44 12.71 6.83
N GLU B 67 9.76 12.89 6.94
CA GLU B 67 10.49 13.73 6.04
C GLU B 67 10.62 13.04 4.73
N LYS B 68 10.55 13.76 3.64
CA LYS B 68 10.58 13.12 2.34
C LYS B 68 11.63 13.72 1.43
N GLU B 69 12.48 14.58 1.99
CA GLU B 69 13.55 15.23 1.28
C GLU B 69 14.68 15.30 2.27
N PHE B 70 15.92 14.99 1.86
CA PHE B 70 17.06 14.93 2.77
C PHE B 70 18.23 15.59 2.07
N SER B 71 19.19 16.17 2.76
CA SER B 71 20.34 16.76 2.13
C SER B 71 21.63 16.02 2.47
N GLU B 72 21.70 15.15 3.50
CA GLU B 72 22.93 14.42 3.79
C GLU B 72 22.68 12.95 3.54
N VAL B 73 23.73 12.16 3.45
CA VAL B 73 23.60 10.72 3.20
C VAL B 73 23.67 10.02 4.53
N GLU B 74 22.65 9.23 4.85
CA GLU B 74 22.67 8.58 6.14
C GLU B 74 22.67 7.07 6.09
N GLY B 75 22.19 6.44 5.02
CA GLY B 75 22.16 4.99 4.97
C GLY B 75 20.84 4.32 5.41
N ARG B 76 20.92 3.34 6.31
CA ARG B 76 19.80 2.47 6.61
C ARG B 76 18.47 3.11 6.92
N ILE B 77 18.38 4.03 7.87
CA ILE B 77 17.09 4.60 8.23
C ILE B 77 16.57 5.49 7.11
N GLN B 78 17.43 6.28 6.45
CA GLN B 78 16.98 7.14 5.38
C GLN B 78 16.56 6.30 4.17
N ASP B 79 17.18 5.15 3.91
CA ASP B 79 16.76 4.34 2.79
C ASP B 79 15.35 3.82 3.05
N LEU B 80 15.02 3.55 4.30
CA LEU B 80 13.68 3.02 4.59
C LEU B 80 12.65 4.13 4.47
N GLU B 81 12.97 5.34 4.97
CA GLU B 81 12.07 6.47 4.83
C GLU B 81 11.71 6.70 3.38
N LYS B 82 12.74 6.70 2.53
CA LYS B 82 12.50 6.86 1.11
C LYS B 82 11.73 5.69 0.52
N TYR B 83 12.02 4.47 0.94
CA TYR B 83 11.33 3.30 0.42
C TYR B 83 9.89 3.25 0.90
N VAL B 84 9.54 3.70 2.12
CA VAL B 84 8.15 3.71 2.52
C VAL B 84 7.36 4.65 1.62
N GLU B 85 7.91 5.84 1.33
CA GLU B 85 7.18 6.80 0.53
C GLU B 85 7.06 6.37 -0.93
N ASP B 86 8.12 5.81 -1.50
CA ASP B 86 8.06 5.47 -2.89
C ASP B 86 7.11 4.33 -3.09
N THR B 87 7.05 3.36 -2.15
CA THR B 87 6.06 2.34 -2.41
C THR B 87 4.64 2.89 -2.15
N LYS B 88 4.46 3.89 -1.25
CA LYS B 88 3.14 4.49 -1.06
C LYS B 88 2.70 5.18 -2.35
N ILE B 89 3.57 6.01 -2.95
CA ILE B 89 3.24 6.71 -4.17
C ILE B 89 2.94 5.76 -5.30
N ASP B 90 3.65 4.64 -5.49
CA ASP B 90 3.33 3.77 -6.61
C ASP B 90 2.00 3.09 -6.41
N LEU B 91 1.67 2.72 -5.17
CA LEU B 91 0.38 2.11 -4.89
C LEU B 91 -0.73 3.10 -5.14
N TRP B 92 -0.64 4.36 -4.64
CA TRP B 92 -1.69 5.31 -4.94
C TRP B 92 -1.76 5.63 -6.41
N SER B 93 -0.65 5.62 -7.15
CA SER B 93 -0.67 5.91 -8.56
C SER B 93 -1.36 4.82 -9.31
N TYR B 94 -1.13 3.56 -8.91
CA TYR B 94 -1.79 2.41 -9.55
C TYR B 94 -3.28 2.57 -9.33
N ASN B 95 -3.66 2.89 -8.10
CA ASN B 95 -5.06 3.11 -7.79
C ASN B 95 -5.71 4.16 -8.65
N ALA B 96 -5.06 5.31 -8.87
CA ALA B 96 -5.68 6.37 -9.65
C ALA B 96 -5.88 5.93 -11.10
N GLU B 97 -4.86 5.24 -11.61
CA GLU B 97 -4.89 4.80 -12.99
C GLU B 97 -5.95 3.73 -13.27
N LEU B 98 -6.10 2.75 -12.36
CA LEU B 98 -7.14 1.73 -12.52
C LEU B 98 -8.52 2.33 -12.29
N LEU B 99 -8.67 3.28 -11.35
CA LEU B 99 -9.95 3.87 -11.04
C LEU B 99 -10.43 4.54 -12.28
N VAL B 100 -9.66 5.43 -12.96
CA VAL B 100 -10.28 6.09 -14.13
C VAL B 100 -10.49 5.12 -15.27
N ALA B 101 -9.68 4.06 -15.45
CA ALA B 101 -9.98 3.08 -16.47
C ALA B 101 -11.35 2.39 -16.27
N LEU B 102 -11.61 1.81 -15.09
CA LEU B 102 -12.87 1.17 -14.81
C LEU B 102 -13.99 2.17 -15.02
N GLU B 103 -13.89 3.32 -14.36
CA GLU B 103 -14.88 4.34 -14.46
C GLU B 103 -15.25 4.75 -15.89
N ASN B 104 -14.25 5.02 -16.73
CA ASN B 104 -14.48 5.47 -18.08
C ASN B 104 -15.09 4.39 -18.93
N GLN B 105 -14.67 3.17 -18.71
CA GLN B 105 -15.20 2.06 -19.45
C GLN B 105 -16.69 1.93 -19.15
N HIS B 106 -17.01 2.06 -17.89
CA HIS B 106 -18.38 2.00 -17.45
C HIS B 106 -19.19 3.18 -17.98
N THR B 107 -18.68 4.41 -17.96
CA THR B 107 -19.44 5.54 -18.46
C THR B 107 -19.79 5.35 -19.92
N ILE B 108 -18.89 4.77 -20.73
CA ILE B 108 -19.23 4.51 -22.13
C ILE B 108 -20.31 3.44 -22.20
N ASP B 109 -20.28 2.35 -21.42
CA ASP B 109 -21.32 1.34 -21.57
C ASP B 109 -22.64 1.79 -21.03
N LEU B 110 -22.62 2.57 -19.97
CA LEU B 110 -23.81 3.16 -19.36
C LEU B 110 -24.54 4.07 -20.35
N THR B 111 -23.84 5.01 -20.98
CA THR B 111 -24.50 5.89 -21.92
C THR B 111 -24.96 5.13 -23.16
N ASP B 112 -24.24 4.07 -23.54
CA ASP B 112 -24.66 3.17 -24.62
C ASP B 112 -25.97 2.48 -24.24
N SER B 113 -26.02 1.98 -23.00
CA SER B 113 -27.19 1.37 -22.43
C SER B 113 -28.41 2.28 -22.54
N GLU B 114 -28.32 3.55 -22.08
CA GLU B 114 -29.43 4.48 -22.11
C GLU B 114 -29.92 4.70 -23.53
N MET B 115 -29.00 4.78 -24.50
CA MET B 115 -29.41 4.91 -25.89
C MET B 115 -30.27 3.75 -26.28
N ASN B 116 -29.76 2.55 -26.01
CA ASN B 116 -30.46 1.35 -26.35
C ASN B 116 -31.76 1.25 -25.58
N LYS B 117 -31.83 1.72 -24.34
CA LYS B 117 -33.08 1.61 -23.60
C LYS B 117 -34.16 2.48 -24.21
N LEU B 118 -33.83 3.70 -24.61
CA LEU B 118 -34.78 4.59 -25.25
C LEU B 118 -35.25 3.96 -26.56
N PHE B 119 -34.35 3.31 -27.27
CA PHE B 119 -34.75 2.66 -28.49
C PHE B 119 -35.77 1.57 -28.18
N GLU B 120 -35.47 0.67 -27.26
CA GLU B 120 -36.37 -0.41 -26.88
C GLU B 120 -37.70 0.04 -26.38
N LYS B 121 -37.69 1.15 -25.65
CA LYS B 121 -38.88 1.71 -25.10
C LYS B 121 -39.74 2.22 -26.24
N THR B 122 -39.20 2.95 -27.20
CA THR B 122 -39.98 3.39 -28.34
C THR B 122 -40.47 2.21 -29.18
N ARG B 123 -39.65 1.16 -29.38
CA ARG B 123 -40.03 -0.03 -30.09
C ARG B 123 -41.30 -0.63 -29.49
N ARG B 124 -41.25 -0.88 -28.20
CA ARG B 124 -42.36 -1.49 -27.50
C ARG B 124 -43.66 -0.74 -27.62
N GLN B 125 -43.56 0.59 -27.62
CA GLN B 125 -44.71 1.46 -27.68
C GLN B 125 -45.37 1.46 -29.04
N LEU B 126 -44.61 1.43 -30.11
CA LEU B 126 -45.18 1.37 -31.45
C LEU B 126 -45.84 0.03 -31.79
N ARG B 127 -45.68 -1.02 -30.99
CA ARG B 127 -46.27 -2.32 -31.24
C ARG B 127 -46.29 -2.81 -32.69
N GLU B 128 -47.42 -3.22 -33.28
CA GLU B 128 -47.43 -3.74 -34.62
C GLU B 128 -47.46 -2.68 -35.72
N ASN B 129 -47.26 -1.40 -35.38
CA ASN B 129 -47.46 -0.30 -36.32
C ASN B 129 -46.21 0.25 -36.97
N ALA B 130 -45.04 -0.22 -36.59
CA ALA B 130 -43.82 0.30 -37.15
C ALA B 130 -42.85 -0.84 -37.33
N GLU B 131 -41.89 -0.66 -38.21
CA GLU B 131 -40.86 -1.66 -38.36
C GLU B 131 -39.53 -0.99 -38.16
N GLU B 132 -38.57 -1.72 -37.62
CA GLU B 132 -37.26 -1.18 -37.40
C GLU B 132 -36.43 -1.19 -38.66
N MET B 133 -35.99 -0.04 -39.12
CA MET B 133 -35.16 0.00 -40.30
C MET B 133 -33.74 -0.45 -40.00
N GLY B 134 -33.43 -0.73 -38.71
CA GLY B 134 -32.13 -1.29 -38.40
C GLY B 134 -31.00 -0.30 -38.23
N ASN B 135 -31.28 0.99 -38.38
CA ASN B 135 -30.25 1.99 -38.14
C ASN B 135 -30.79 2.93 -37.09
N GLY B 136 -31.59 2.41 -36.15
CA GLY B 136 -32.15 3.28 -35.12
C GLY B 136 -33.36 4.10 -35.57
N CYS B 137 -33.86 3.93 -36.81
CA CYS B 137 -35.08 4.61 -37.23
C CYS B 137 -36.21 3.63 -37.37
N PHE B 138 -37.42 3.98 -36.98
CA PHE B 138 -38.56 3.17 -37.26
C PHE B 138 -39.32 3.74 -38.46
N LYS B 139 -39.89 2.87 -39.28
CA LYS B 139 -40.78 3.23 -40.35
C LYS B 139 -42.18 3.05 -39.76
N ILE B 140 -42.94 4.13 -39.54
CA ILE B 140 -44.30 4.03 -38.99
C ILE B 140 -45.28 3.81 -40.14
N TYR B 141 -45.96 2.67 -40.20
CA TYR B 141 -46.83 2.38 -41.33
C TYR B 141 -48.23 2.98 -41.23
N HIS B 142 -48.37 4.23 -40.84
CA HIS B 142 -49.69 4.85 -40.81
C HIS B 142 -49.48 6.35 -40.83
N LYS B 143 -50.50 7.15 -41.16
CA LYS B 143 -50.34 8.60 -41.22
C LYS B 143 -50.10 9.12 -39.81
N CYS B 144 -48.95 9.69 -39.54
CA CYS B 144 -48.68 10.16 -38.19
C CYS B 144 -48.26 11.60 -38.25
N ASP B 145 -49.19 12.50 -37.93
CA ASP B 145 -48.93 13.95 -37.96
C ASP B 145 -48.12 14.38 -36.76
N ASN B 146 -47.83 15.67 -36.65
CA ASN B 146 -46.99 16.15 -35.57
C ASN B 146 -47.52 15.86 -34.17
N ALA B 147 -48.83 15.75 -33.97
CA ALA B 147 -49.33 15.46 -32.64
C ALA B 147 -49.12 14.00 -32.36
N CYS B 148 -49.22 13.20 -33.41
CA CYS B 148 -48.94 11.78 -33.31
C CYS B 148 -47.48 11.65 -32.91
N ILE B 149 -46.53 12.24 -33.64
CA ILE B 149 -45.13 12.15 -33.26
C ILE B 149 -44.93 12.64 -31.83
N GLU B 150 -45.62 13.69 -31.38
CA GLU B 150 -45.46 14.12 -30.02
C GLU B 150 -46.02 13.10 -29.04
N SER B 151 -47.05 12.31 -29.37
CA SER B 151 -47.49 11.33 -28.39
C SER B 151 -46.50 10.17 -28.24
N ILE B 152 -45.78 9.77 -29.31
CA ILE B 152 -44.76 8.73 -29.18
C ILE B 152 -43.69 9.28 -28.28
N ARG B 153 -43.26 10.52 -28.52
CA ARG B 153 -42.23 11.14 -27.73
C ARG B 153 -42.63 11.29 -26.28
N ASN B 154 -43.79 11.83 -25.97
CA ASN B 154 -44.17 11.95 -24.56
C ASN B 154 -44.82 10.70 -24.00
N GLY B 155 -44.76 9.60 -24.72
CA GLY B 155 -45.14 8.31 -24.17
C GLY B 155 -46.62 8.03 -24.03
N THR B 156 -47.46 8.76 -24.73
CA THR B 156 -48.88 8.51 -24.62
C THR B 156 -49.45 7.89 -25.89
N TYR B 157 -48.62 7.45 -26.84
CA TYR B 157 -49.13 6.94 -28.09
C TYR B 157 -50.01 5.71 -27.87
N ASP B 158 -51.19 5.70 -28.48
CA ASP B 158 -52.06 4.54 -28.39
C ASP B 158 -51.95 3.77 -29.67
N HIS B 159 -51.35 2.57 -29.62
CA HIS B 159 -51.14 1.84 -30.84
C HIS B 159 -52.46 1.39 -31.41
N ASP B 160 -53.45 1.10 -30.57
CA ASP B 160 -54.69 0.54 -31.04
C ASP B 160 -55.40 1.44 -32.00
N VAL B 161 -55.28 2.74 -31.75
CA VAL B 161 -55.88 3.76 -32.61
C VAL B 161 -55.46 3.58 -34.06
N TYR B 162 -54.23 3.13 -34.31
CA TYR B 162 -53.78 3.04 -35.70
C TYR B 162 -53.48 1.63 -36.17
N ARG B 163 -53.78 0.63 -35.34
CA ARG B 163 -53.40 -0.72 -35.66
C ARG B 163 -53.98 -1.23 -36.97
N ASP B 164 -55.27 -1.03 -37.31
CA ASP B 164 -55.76 -1.59 -38.57
C ASP B 164 -55.17 -0.88 -39.78
N GLU B 165 -55.00 0.44 -39.67
CA GLU B 165 -54.39 1.22 -40.74
C GLU B 165 -52.96 0.73 -41.00
N ALA B 166 -52.20 0.61 -39.93
CA ALA B 166 -50.85 0.11 -40.00
C ALA B 166 -50.79 -1.32 -40.52
N LEU B 167 -51.53 -2.28 -39.96
CA LEU B 167 -51.42 -3.65 -40.37
C LEU B 167 -51.75 -3.82 -41.83
N ASN B 168 -52.68 -3.02 -42.33
CA ASN B 168 -53.01 -3.05 -43.74
C ASN B 168 -51.87 -2.61 -44.65
N ASN B 169 -51.36 -1.42 -44.34
CA ASN B 169 -50.23 -0.76 -45.00
C ASN B 169 -48.97 -1.61 -44.98
N ARG B 170 -48.78 -2.29 -43.86
CA ARG B 170 -47.57 -3.02 -43.58
C ARG B 170 -47.54 -4.39 -44.21
N PHE B 171 -48.64 -5.11 -44.12
CA PHE B 171 -48.62 -6.44 -44.65
C PHE B 171 -49.33 -6.45 -45.98
N GLN B 172 -50.66 -6.49 -45.97
CA GLN B 172 -51.46 -6.76 -47.15
C GLN B 172 -50.80 -6.54 -48.49
N ILE B 173 -50.50 -5.28 -48.83
CA ILE B 173 -49.87 -4.90 -50.10
C ILE B 173 -50.13 -5.82 -51.32
N LYS B 174 -49.39 -6.92 -51.53
CA LYS B 174 -49.63 -7.79 -52.66
C LYS B 174 -48.89 -9.12 -52.51
N GLY B 175 -48.62 -9.50 -51.26
CA GLY B 175 -47.91 -10.72 -50.98
C GLY B 175 -48.20 -11.13 -49.55
N GLN C 1 -43.94 -7.67 -59.91
CA GLN C 1 -42.53 -7.38 -59.80
C GLN C 1 -42.10 -8.66 -60.48
N ASP C 2 -41.32 -9.55 -59.87
CA ASP C 2 -41.03 -10.85 -60.46
C ASP C 2 -42.30 -11.65 -60.65
N LEU C 3 -42.15 -12.67 -61.48
CA LEU C 3 -43.24 -13.52 -61.91
C LEU C 3 -43.39 -14.75 -60.99
N PRO C 4 -44.39 -15.64 -61.17
CA PRO C 4 -44.61 -16.84 -60.35
C PRO C 4 -43.41 -17.72 -60.00
N GLY C 5 -42.95 -17.51 -58.77
CA GLY C 5 -41.98 -18.40 -58.17
C GLY C 5 -42.78 -19.65 -57.80
N ASN C 6 -42.80 -20.60 -58.75
CA ASN C 6 -43.47 -21.90 -58.60
C ASN C 6 -43.15 -22.55 -57.27
N ASP C 7 -41.86 -22.61 -56.97
CA ASP C 7 -41.43 -23.12 -55.70
C ASP C 7 -41.19 -21.95 -54.76
N ASN C 8 -41.61 -22.20 -53.54
CA ASN C 8 -41.54 -21.29 -52.42
C ASN C 8 -41.21 -22.22 -51.26
N SER C 9 -39.94 -22.15 -50.99
CA SER C 9 -39.22 -22.92 -50.01
C SER C 9 -38.69 -21.95 -48.96
N THR C 10 -37.92 -22.45 -47.98
CA THR C 10 -37.39 -21.64 -46.90
C THR C 10 -35.90 -21.94 -46.75
N ALA C 11 -35.18 -21.27 -45.87
CA ALA C 11 -33.78 -21.56 -45.62
C ALA C 11 -33.52 -21.47 -44.15
N THR C 12 -32.41 -21.95 -43.61
CA THR C 12 -32.19 -21.83 -42.20
C THR C 12 -30.82 -21.23 -42.03
N LEU C 13 -30.65 -20.18 -41.24
CA LEU C 13 -29.36 -19.59 -41.01
C LEU C 13 -29.07 -19.60 -39.51
N CYS C 14 -27.99 -20.19 -39.03
CA CYS C 14 -27.72 -20.27 -37.62
C CYS C 14 -26.47 -19.51 -37.29
N LEU C 15 -26.48 -18.64 -36.28
CA LEU C 15 -25.30 -17.92 -35.90
C LEU C 15 -24.69 -18.72 -34.75
N GLY C 16 -23.38 -18.62 -34.53
CA GLY C 16 -22.77 -19.35 -33.46
C GLY C 16 -21.35 -18.87 -33.28
N HIS C 17 -20.57 -19.53 -32.41
CA HIS C 17 -19.22 -19.10 -32.08
C HIS C 17 -18.28 -20.29 -31.99
N HIS C 18 -16.97 -20.15 -32.00
CA HIS C 18 -16.07 -21.28 -31.93
C HIS C 18 -16.01 -21.90 -30.56
N ALA C 19 -15.31 -22.98 -30.41
CA ALA C 19 -15.07 -23.64 -29.15
C ALA C 19 -13.80 -24.44 -29.39
N VAL C 20 -13.05 -24.79 -28.38
CA VAL C 20 -11.81 -25.49 -28.57
C VAL C 20 -11.92 -26.75 -27.75
N PRO C 21 -11.28 -27.83 -28.11
CA PRO C 21 -11.37 -29.08 -27.38
C PRO C 21 -10.74 -29.01 -26.00
N ASN C 22 -9.61 -28.34 -25.95
CA ASN C 22 -8.83 -28.10 -24.75
C ASN C 22 -9.40 -26.94 -23.95
N GLY C 23 -8.94 -25.68 -23.90
CA GLY C 23 -9.63 -24.71 -23.03
C GLY C 23 -8.86 -24.51 -21.74
N THR C 24 -9.03 -23.43 -20.99
CA THR C 24 -8.22 -23.14 -19.81
C THR C 24 -9.12 -22.59 -18.77
N LEU C 25 -8.89 -22.96 -17.53
CA LEU C 25 -9.70 -22.47 -16.43
C LEU C 25 -9.17 -21.13 -15.94
N VAL C 26 -10.02 -20.12 -15.69
CA VAL C 26 -9.59 -18.83 -15.17
C VAL C 26 -10.53 -18.41 -14.04
N LYS C 27 -10.10 -17.49 -13.17
CA LYS C 27 -10.91 -16.98 -12.06
C LYS C 27 -11.77 -15.83 -12.55
N THR C 28 -12.85 -15.49 -11.89
CA THR C 28 -13.79 -14.46 -12.30
C THR C 28 -14.24 -13.76 -11.03
N ILE C 29 -15.14 -12.77 -11.14
CA ILE C 29 -15.72 -12.10 -9.99
C ILE C 29 -16.65 -13.13 -9.37
N THR C 30 -17.49 -13.78 -10.18
CA THR C 30 -18.43 -14.75 -9.65
C THR C 30 -17.99 -16.21 -9.61
N ASP C 31 -17.00 -16.66 -10.38
CA ASP C 31 -16.57 -18.05 -10.36
C ASP C 31 -15.08 -18.07 -10.10
N ASP C 32 -14.51 -19.15 -9.63
CA ASP C 32 -13.07 -19.16 -9.53
C ASP C 32 -12.49 -20.24 -10.43
N GLN C 33 -13.33 -21.04 -11.07
CA GLN C 33 -12.81 -21.79 -12.18
C GLN C 33 -13.83 -21.74 -13.28
N ILE C 34 -13.66 -20.95 -14.32
CA ILE C 34 -14.58 -21.01 -15.43
C ILE C 34 -13.70 -21.24 -16.64
N GLU C 35 -14.14 -22.04 -17.61
CA GLU C 35 -13.27 -22.42 -18.71
C GLU C 35 -13.40 -21.51 -19.91
N VAL C 36 -12.31 -20.90 -20.36
CA VAL C 36 -12.32 -20.07 -21.52
C VAL C 36 -11.51 -20.74 -22.61
N THR C 37 -11.71 -20.29 -23.84
CA THR C 37 -11.01 -20.67 -25.04
C THR C 37 -9.54 -20.55 -24.89
N ASN C 38 -9.02 -19.52 -24.23
CA ASN C 38 -7.57 -19.29 -24.18
C ASN C 38 -7.23 -18.28 -23.10
N ALA C 39 -6.02 -18.26 -22.56
CA ALA C 39 -5.68 -17.34 -21.51
C ALA C 39 -4.20 -17.04 -21.62
N THR C 40 -3.60 -16.13 -20.83
CA THR C 40 -2.19 -15.83 -20.88
C THR C 40 -1.73 -15.65 -19.43
N GLU C 41 -0.51 -16.04 -19.11
CA GLU C 41 -0.02 -16.02 -17.76
C GLU C 41 0.55 -14.68 -17.42
N LEU C 42 0.23 -14.13 -16.24
CA LEU C 42 0.76 -12.85 -15.91
C LEU C 42 1.79 -12.92 -14.81
N VAL C 43 2.07 -14.09 -14.22
CA VAL C 43 3.08 -14.18 -13.17
C VAL C 43 4.31 -14.87 -13.75
N GLN C 44 5.45 -14.21 -13.77
CA GLN C 44 6.72 -14.80 -14.19
C GLN C 44 7.25 -15.62 -13.02
N SER C 45 7.40 -16.92 -13.16
CA SER C 45 7.77 -17.75 -12.02
C SER C 45 9.06 -18.53 -12.16
N SER C 46 9.85 -18.24 -13.16
CA SER C 46 11.09 -18.96 -13.34
C SER C 46 12.21 -18.03 -13.76
N SER C 47 13.40 -18.28 -13.23
CA SER C 47 14.58 -17.52 -13.59
C SER C 47 15.39 -18.37 -14.55
N THR C 48 16.33 -17.72 -15.23
CA THR C 48 17.26 -18.44 -16.09
C THR C 48 18.32 -19.10 -15.20
N GLY C 49 18.53 -18.59 -14.00
CA GLY C 49 19.54 -19.12 -13.12
C GLY C 49 20.83 -18.37 -13.30
N LYS C 50 20.92 -17.44 -14.23
CA LYS C 50 22.15 -16.72 -14.45
C LYS C 50 21.92 -15.24 -14.46
N ILE C 51 22.80 -14.47 -13.87
CA ILE C 51 22.71 -13.02 -13.89
C ILE C 51 23.28 -12.54 -15.22
N CYS C 52 22.49 -12.04 -16.13
CA CYS C 52 23.03 -11.51 -17.36
C CYS C 52 23.86 -10.28 -17.12
N ASN C 53 25.02 -10.24 -17.74
CA ASN C 53 25.99 -9.16 -17.60
C ASN C 53 25.72 -7.92 -18.41
N ASN C 54 24.48 -7.74 -18.84
CA ASN C 54 24.14 -6.65 -19.73
C ASN C 54 22.64 -6.39 -19.62
N PRO C 55 22.06 -5.20 -19.61
CA PRO C 55 22.67 -3.89 -19.71
C PRO C 55 23.27 -3.25 -18.49
N HIS C 56 23.18 -3.80 -17.27
CA HIS C 56 23.73 -3.06 -16.14
C HIS C 56 25.17 -3.51 -15.95
N ARG C 57 25.98 -2.81 -15.18
CA ARG C 57 27.36 -3.17 -15.01
C ARG C 57 27.49 -4.03 -13.78
N ILE C 58 27.53 -5.34 -13.92
CA ILE C 58 27.59 -6.24 -12.79
C ILE C 58 29.06 -6.35 -12.33
N LEU C 59 29.44 -6.16 -11.06
CA LEU C 59 30.82 -6.33 -10.62
C LEU C 59 30.81 -7.56 -9.74
N ASP C 60 31.44 -8.67 -10.06
CA ASP C 60 31.33 -9.85 -9.23
C ASP C 60 32.35 -9.67 -8.11
N GLY C 61 31.91 -9.77 -6.87
CA GLY C 61 32.80 -9.48 -5.76
C GLY C 61 33.77 -10.62 -5.52
N ILE C 62 33.59 -11.77 -6.19
CA ILE C 62 34.37 -12.98 -6.01
C ILE C 62 34.42 -13.28 -4.51
N ASP C 63 35.55 -13.29 -3.81
CA ASP C 63 35.54 -13.57 -2.39
C ASP C 63 35.81 -12.34 -1.52
N CYS C 64 35.32 -11.20 -2.00
CA CYS C 64 35.37 -9.96 -1.25
C CYS C 64 33.96 -9.43 -1.01
N THR C 65 33.67 -9.01 0.22
CA THR C 65 32.47 -8.26 0.42
C THR C 65 32.79 -6.84 -0.04
N LEU C 66 31.81 -5.96 -0.25
CA LEU C 66 32.07 -4.60 -0.66
C LEU C 66 32.85 -3.85 0.40
N ILE C 67 32.58 -4.02 1.69
CA ILE C 67 33.34 -3.31 2.73
C ILE C 67 34.81 -3.72 2.69
N ASP C 68 35.19 -5.00 2.52
CA ASP C 68 36.59 -5.35 2.43
C ASP C 68 37.21 -4.80 1.16
N ALA C 69 36.48 -4.78 0.05
CA ALA C 69 36.97 -4.10 -1.13
C ALA C 69 37.24 -2.62 -0.82
N LEU C 70 36.37 -1.98 -0.03
CA LEU C 70 36.48 -0.58 0.31
C LEU C 70 37.69 -0.34 1.19
N LEU C 71 37.80 -1.07 2.30
CA LEU C 71 38.88 -0.87 3.26
C LEU C 71 40.23 -1.22 2.65
N GLY C 72 40.28 -2.27 1.83
CA GLY C 72 41.51 -2.58 1.13
C GLY C 72 42.20 -3.78 1.68
N ASP C 73 41.40 -4.81 2.00
CA ASP C 73 41.94 -6.11 2.38
C ASP C 73 42.90 -6.52 1.27
N PRO C 74 44.12 -7.00 1.52
CA PRO C 74 45.06 -7.37 0.49
C PRO C 74 44.44 -8.21 -0.59
N HIS C 75 43.66 -9.21 -0.18
CA HIS C 75 43.10 -10.11 -1.18
C HIS C 75 42.09 -9.42 -2.07
N CYS C 76 41.58 -8.26 -1.68
CA CYS C 76 40.59 -7.54 -2.46
C CYS C 76 41.22 -6.39 -3.21
N ASP C 77 42.56 -6.30 -3.29
CA ASP C 77 43.15 -5.15 -3.99
C ASP C 77 42.77 -5.02 -5.45
N VAL C 78 42.26 -6.11 -6.00
CA VAL C 78 41.73 -6.17 -7.35
C VAL C 78 40.67 -5.11 -7.60
N PHE C 79 39.87 -4.73 -6.59
CA PHE C 79 38.76 -3.83 -6.80
C PHE C 79 39.11 -2.36 -6.67
N GLN C 80 40.38 -1.97 -6.57
CA GLN C 80 40.66 -0.55 -6.33
C GLN C 80 40.10 0.29 -7.44
N ASN C 81 39.38 1.36 -7.07
CA ASN C 81 38.81 2.30 -8.05
C ASN C 81 37.79 1.66 -8.97
N GLU C 82 37.29 0.50 -8.60
CA GLU C 82 36.31 -0.16 -9.42
C GLU C 82 34.93 0.53 -9.38
N THR C 83 33.99 0.17 -10.24
CA THR C 83 32.67 0.80 -10.30
C THR C 83 31.63 -0.21 -10.71
N TRP C 84 30.34 0.07 -10.46
CA TRP C 84 29.32 -0.91 -10.72
C TRP C 84 27.93 -0.29 -10.81
N ASP C 85 27.04 -1.04 -11.44
CA ASP C 85 25.65 -0.73 -11.33
C ASP C 85 25.10 -1.65 -10.26
N LEU C 86 25.61 -2.88 -10.22
CA LEU C 86 25.18 -3.81 -9.21
C LEU C 86 26.41 -4.53 -8.73
N PHE C 87 26.72 -4.49 -7.44
CA PHE C 87 27.85 -5.22 -6.91
C PHE C 87 27.25 -6.51 -6.41
N VAL C 88 27.72 -7.68 -6.84
CA VAL C 88 27.17 -8.96 -6.39
C VAL C 88 28.08 -9.50 -5.30
N GLU C 89 27.62 -9.75 -4.09
CA GLU C 89 28.45 -10.33 -3.06
C GLU C 89 28.12 -11.81 -3.00
N ARG C 90 29.15 -12.63 -2.74
CA ARG C 90 29.01 -14.08 -2.82
C ARG C 90 29.08 -14.72 -1.44
N SER C 91 28.43 -15.86 -1.20
CA SER C 91 28.42 -16.46 0.10
C SER C 91 29.79 -16.91 0.55
N LYS C 92 30.67 -17.06 -0.43
CA LYS C 92 32.01 -17.53 -0.19
C LYS C 92 33.00 -16.46 0.18
N ALA C 93 32.58 -15.20 0.22
CA ALA C 93 33.51 -14.13 0.50
C ALA C 93 34.03 -14.25 1.91
N PHE C 94 35.24 -13.79 2.15
CA PHE C 94 35.85 -13.95 3.45
C PHE C 94 36.73 -12.75 3.68
N SER C 95 36.97 -12.38 4.91
CA SER C 95 37.91 -11.33 5.17
C SER C 95 39.19 -12.01 5.63
N ASN C 96 40.30 -11.38 5.37
CA ASN C 96 41.54 -12.00 5.66
C ASN C 96 42.58 -10.95 5.95
N CYS C 97 42.31 -10.10 6.94
CA CYS C 97 43.23 -9.04 7.32
C CYS C 97 42.98 -8.75 8.80
N TYR C 98 43.39 -7.59 9.34
CA TYR C 98 43.24 -7.27 10.76
C TYR C 98 41.78 -7.38 11.18
N PRO C 99 41.46 -8.03 12.30
CA PRO C 99 40.08 -8.16 12.77
C PRO C 99 39.47 -6.79 13.02
N TYR C 100 38.34 -6.47 12.39
CA TYR C 100 37.75 -5.16 12.53
C TYR C 100 36.27 -5.28 12.79
N ASP C 101 35.59 -4.23 13.20
CA ASP C 101 34.15 -4.24 13.27
C ASP C 101 33.68 -2.88 12.83
N VAL C 102 32.48 -2.79 12.29
CA VAL C 102 32.02 -1.49 11.81
C VAL C 102 30.71 -1.20 12.53
N PRO C 103 30.67 -0.26 13.48
CA PRO C 103 29.48 0.09 14.23
C PRO C 103 28.22 0.16 13.40
N ASP C 104 28.12 0.84 12.27
CA ASP C 104 26.88 0.67 11.55
C ASP C 104 27.19 0.15 10.18
N TYR C 105 27.70 -1.07 10.18
CA TYR C 105 28.11 -1.76 8.96
C TYR C 105 27.06 -1.62 7.88
N ALA C 106 25.83 -1.84 8.28
CA ALA C 106 24.69 -1.77 7.41
C ALA C 106 24.52 -0.42 6.73
N SER C 107 24.75 0.71 7.41
CA SER C 107 24.65 1.95 6.65
C SER C 107 25.86 2.20 5.79
N LEU C 108 27.09 1.91 6.21
CA LEU C 108 28.27 2.13 5.37
C LEU C 108 28.19 1.25 4.13
N ARG C 109 27.82 -0.04 4.23
CA ARG C 109 27.59 -0.88 3.05
C ARG C 109 26.55 -0.25 2.13
N SER C 110 25.44 0.27 2.65
CA SER C 110 24.42 0.90 1.80
C SER C 110 24.95 2.11 1.06
N LEU C 111 25.58 2.98 1.84
CA LEU C 111 26.04 4.25 1.38
C LEU C 111 27.07 4.08 0.26
N VAL C 112 28.03 3.15 0.37
CA VAL C 112 28.99 2.90 -0.69
C VAL C 112 28.30 2.17 -1.83
N ALA C 113 27.46 1.19 -1.52
CA ALA C 113 26.78 0.40 -2.54
C ALA C 113 25.98 1.24 -3.51
N SER C 114 25.32 2.30 -3.11
CA SER C 114 24.61 3.08 -4.09
C SER C 114 25.41 4.23 -4.63
N SER C 115 26.56 4.55 -4.03
CA SER C 115 27.42 5.58 -4.61
C SER C 115 27.94 4.98 -5.90
N GLY C 116 28.32 3.71 -5.81
CA GLY C 116 28.73 2.96 -6.99
C GLY C 116 30.16 3.15 -7.44
N THR C 117 31.08 3.66 -6.61
CA THR C 117 32.45 3.82 -7.06
C THR C 117 33.35 3.67 -5.86
N LEU C 118 34.49 3.01 -6.08
CA LEU C 118 35.50 2.88 -5.05
C LEU C 118 36.70 3.78 -5.35
N GLU C 119 36.54 4.74 -6.28
CA GLU C 119 37.52 5.75 -6.66
C GLU C 119 38.11 6.47 -5.47
N PHE C 120 39.40 6.27 -5.27
CA PHE C 120 40.06 6.84 -4.12
C PHE C 120 41.12 7.83 -4.56
N ILE C 121 41.21 8.91 -3.82
CA ILE C 121 42.15 9.95 -4.09
C ILE C 121 43.06 10.02 -2.88
N THR C 122 44.37 9.86 -3.03
CA THR C 122 45.24 9.93 -1.85
C THR C 122 45.51 11.39 -1.54
N GLU C 123 45.46 11.79 -0.28
CA GLU C 123 45.72 13.17 0.05
C GLU C 123 46.96 13.28 0.91
N GLY C 124 47.53 14.48 0.95
CA GLY C 124 48.80 14.67 1.61
C GLY C 124 48.68 14.94 3.09
N PHE C 125 48.22 13.99 3.87
CA PHE C 125 48.15 14.22 5.33
C PHE C 125 49.56 14.15 5.89
N THR C 126 49.90 15.02 6.83
CA THR C 126 51.22 14.94 7.38
C THR C 126 51.12 14.56 8.85
N TRP C 127 51.60 13.38 9.20
CA TRP C 127 51.49 12.97 10.59
C TRP C 127 52.86 13.19 11.19
N THR C 128 53.08 14.29 11.92
CA THR C 128 54.42 14.52 12.48
C THR C 128 54.59 13.98 13.89
N GLY C 129 55.60 13.17 14.11
CA GLY C 129 55.86 12.71 15.46
C GLY C 129 55.34 11.33 15.75
N VAL C 130 54.81 10.63 14.73
CA VAL C 130 54.32 9.27 14.90
C VAL C 130 54.92 8.44 13.78
N THR C 131 54.97 7.14 13.97
CA THR C 131 55.45 6.21 12.97
C THR C 131 54.29 5.82 12.08
N GLN C 132 54.43 5.94 10.77
CA GLN C 132 53.36 5.59 9.83
C GLN C 132 53.40 4.17 9.33
N ASN C 133 52.35 3.79 8.61
CA ASN C 133 52.28 2.54 7.88
C ASN C 133 52.37 1.26 8.70
N GLY C 134 51.92 1.23 9.95
CA GLY C 134 51.92 0.01 10.72
C GLY C 134 51.17 -1.10 10.00
N GLY C 135 51.58 -2.33 10.21
CA GLY C 135 50.95 -3.47 9.56
C GLY C 135 50.90 -4.61 10.55
N SER C 136 50.35 -5.72 10.15
CA SER C 136 50.18 -6.84 11.01
C SER C 136 50.37 -8.08 10.18
N ASN C 137 50.75 -9.12 10.87
CA ASN C 137 50.89 -10.38 10.23
C ASN C 137 49.57 -11.03 9.94
N ALA C 138 48.47 -10.55 10.52
CA ALA C 138 47.15 -11.08 10.20
C ALA C 138 46.61 -10.50 8.90
N CYS C 139 47.31 -9.52 8.34
CA CYS C 139 46.93 -8.87 7.09
C CYS C 139 48.13 -8.93 6.18
N LYS C 140 48.59 -10.14 5.91
CA LYS C 140 49.81 -10.36 5.14
C LYS C 140 49.68 -9.73 3.77
N ARG C 141 50.58 -8.84 3.39
CA ARG C 141 50.53 -8.38 2.03
C ARG C 141 51.83 -8.87 1.44
N GLY C 142 51.64 -9.91 0.63
CA GLY C 142 52.76 -10.64 0.05
C GLY C 142 53.37 -11.51 1.15
N PRO C 143 54.69 -11.54 1.29
CA PRO C 143 55.36 -12.32 2.33
C PRO C 143 55.32 -11.60 3.69
N GLY C 144 55.24 -10.27 3.62
CA GLY C 144 55.35 -9.43 4.80
C GLY C 144 54.04 -9.17 5.52
N SER C 145 54.19 -8.42 6.59
CA SER C 145 53.06 -7.91 7.32
C SER C 145 52.39 -6.86 6.44
N GLY C 146 51.10 -6.54 6.66
CA GLY C 146 50.44 -5.53 5.87
C GLY C 146 49.22 -5.02 6.62
N PHE C 147 48.41 -4.22 5.97
CA PHE C 147 47.24 -3.63 6.57
C PHE C 147 46.32 -3.21 5.43
N PHE C 148 45.16 -2.64 5.74
CA PHE C 148 44.22 -2.22 4.71
C PHE C 148 44.88 -1.20 3.79
N SER C 149 44.80 -1.34 2.48
CA SER C 149 45.43 -0.37 1.61
C SER C 149 44.95 1.06 1.79
N ARG C 150 43.70 1.27 2.21
CA ARG C 150 43.21 2.62 2.30
C ARG C 150 43.29 3.29 3.67
N LEU C 151 43.94 2.70 4.67
CA LEU C 151 43.98 3.25 6.03
C LEU C 151 45.45 3.34 6.47
N ASN C 152 45.81 4.10 7.49
CA ASN C 152 47.21 4.27 7.84
C ASN C 152 47.40 4.16 9.35
N TRP C 153 47.96 3.05 9.85
CA TRP C 153 48.09 2.81 11.29
C TRP C 153 49.26 3.58 11.86
N LEU C 154 48.98 4.49 12.77
CA LEU C 154 50.01 5.31 13.33
C LEU C 154 50.32 4.79 14.71
N THR C 155 51.63 4.69 15.01
CA THR C 155 52.12 4.28 16.32
C THR C 155 53.13 5.30 16.81
N LYS C 156 53.61 5.23 18.06
CA LYS C 156 54.55 6.24 18.55
C LYS C 156 55.85 6.28 17.77
N SER C 157 56.53 7.40 17.91
CA SER C 157 57.88 7.53 17.40
C SER C 157 58.80 7.66 18.62
N GLY C 158 59.70 6.69 18.80
CA GLY C 158 60.60 6.73 19.94
C GLY C 158 59.84 6.58 21.25
N SER C 159 59.59 7.67 21.93
CA SER C 159 58.96 7.58 23.23
C SER C 159 57.75 8.48 23.33
N THR C 160 57.23 8.90 22.18
CA THR C 160 56.12 9.82 22.19
C THR C 160 55.16 9.66 21.03
N TYR C 161 53.89 9.88 21.39
CA TYR C 161 52.81 9.98 20.44
C TYR C 161 52.27 11.35 20.77
N PRO C 162 52.44 12.34 19.90
CA PRO C 162 51.97 13.70 20.09
C PRO C 162 50.47 13.86 19.96
N VAL C 163 49.95 15.05 20.22
CA VAL C 163 48.57 15.27 19.90
C VAL C 163 48.54 15.64 18.45
N LEU C 164 48.07 14.73 17.63
CA LEU C 164 47.96 15.00 16.22
C LEU C 164 46.76 15.91 16.05
N ASN C 165 46.90 16.94 15.25
CA ASN C 165 45.79 17.85 14.98
C ASN C 165 45.93 18.27 13.54
N VAL C 166 45.38 17.53 12.58
CA VAL C 166 45.57 17.85 11.17
C VAL C 166 44.27 18.29 10.52
N THR C 167 44.32 18.92 9.36
CA THR C 167 43.12 19.40 8.70
C THR C 167 43.20 19.25 7.19
N MET C 168 42.08 18.97 6.55
CA MET C 168 42.04 18.76 5.13
C MET C 168 40.77 19.44 4.62
N PRO C 169 40.87 20.51 3.82
CA PRO C 169 39.73 21.26 3.29
C PRO C 169 39.07 20.59 2.12
N ASN C 170 37.76 20.71 2.05
CA ASN C 170 37.09 20.21 0.87
C ASN C 170 36.99 21.41 -0.02
N ASN C 171 37.87 21.47 -0.99
CA ASN C 171 37.85 22.62 -1.86
C ASN C 171 37.24 22.34 -3.19
N ASP C 172 36.96 21.06 -3.45
CA ASP C 172 36.44 20.65 -4.72
C ASP C 172 34.95 20.89 -4.62
N ASN C 173 34.22 20.45 -5.62
CA ASN C 173 32.81 20.74 -5.68
C ASN C 173 31.99 19.47 -5.50
N PHE C 174 32.54 18.48 -4.82
CA PHE C 174 31.81 17.25 -4.59
C PHE C 174 32.02 16.82 -3.14
N ASP C 175 31.21 15.87 -2.65
CA ASP C 175 31.39 15.39 -1.31
C ASP C 175 32.50 14.38 -1.32
N LYS C 176 33.18 14.31 -0.18
CA LYS C 176 34.29 13.42 0.01
C LYS C 176 33.90 12.47 1.11
N LEU C 177 34.02 11.16 0.92
CA LEU C 177 33.77 10.21 1.98
C LEU C 177 35.11 9.84 2.61
N TYR C 178 35.33 9.99 3.91
CA TYR C 178 36.57 9.60 4.54
C TYR C 178 36.32 8.38 5.39
N ILE C 179 37.07 7.27 5.24
CA ILE C 179 36.96 6.12 6.14
C ILE C 179 38.15 6.18 7.09
N TRP C 180 37.93 6.11 8.39
CA TRP C 180 39.02 6.16 9.36
C TRP C 180 38.67 5.17 10.46
N GLY C 181 39.42 5.02 11.54
CA GLY C 181 39.05 4.04 12.55
C GLY C 181 39.89 4.22 13.80
N ILE C 182 39.76 3.31 14.76
CA ILE C 182 40.46 3.40 16.02
C ILE C 182 40.92 2.01 16.37
N HIS C 183 42.07 1.84 17.06
CA HIS C 183 42.58 0.52 17.41
C HIS C 183 42.30 0.26 18.89
N HIS C 184 41.63 -0.87 19.18
CA HIS C 184 41.27 -1.29 20.53
C HIS C 184 42.29 -2.29 20.99
N PRO C 185 43.24 -1.97 21.86
CA PRO C 185 44.26 -2.89 22.34
C PRO C 185 43.76 -4.01 23.25
N SER C 186 44.44 -5.13 23.35
CA SER C 186 44.02 -6.16 24.26
C SER C 186 44.42 -5.86 25.68
N THR C 187 45.59 -5.25 25.90
CA THR C 187 46.07 -5.03 27.26
C THR C 187 46.49 -3.60 27.43
N ASN C 188 46.47 -3.10 28.66
CA ASN C 188 46.99 -1.77 28.95
C ASN C 188 48.45 -1.68 28.58
N GLN C 189 49.16 -2.81 28.70
CA GLN C 189 50.54 -2.91 28.27
C GLN C 189 50.60 -2.60 26.78
N GLU C 190 49.82 -3.29 25.95
CA GLU C 190 49.78 -3.05 24.51
C GLU C 190 49.52 -1.57 24.22
N GLN C 191 48.57 -0.99 24.94
CA GLN C 191 48.19 0.41 24.78
C GLN C 191 49.40 1.31 24.93
N THR C 192 50.13 1.18 26.01
CA THR C 192 51.25 2.06 26.26
C THR C 192 52.44 1.75 25.35
N SER C 193 52.66 0.49 25.00
CA SER C 193 53.74 0.16 24.10
C SER C 193 53.51 0.86 22.77
N LEU C 194 52.30 0.78 22.20
CA LEU C 194 52.03 1.38 20.92
C LEU C 194 51.79 2.87 20.97
N TYR C 195 50.97 3.36 21.88
CA TYR C 195 50.56 4.76 21.79
C TYR C 195 50.98 5.61 22.97
N VAL C 196 51.79 5.07 23.89
CA VAL C 196 52.34 5.77 25.05
C VAL C 196 51.28 6.18 26.07
N GLN C 197 50.34 7.06 25.70
CA GLN C 197 49.23 7.44 26.56
C GLN C 197 48.48 6.21 27.02
N ALA C 198 48.06 6.12 28.28
CA ALA C 198 47.29 4.95 28.69
C ALA C 198 45.83 4.99 28.23
N SER C 199 45.39 6.11 27.65
CA SER C 199 44.05 6.23 27.13
C SER C 199 44.11 7.09 25.88
N GLY C 200 43.83 6.49 24.72
CA GLY C 200 43.84 7.21 23.47
C GLY C 200 42.51 7.92 23.29
N ARG C 201 42.31 8.60 22.16
CA ARG C 201 41.10 9.37 21.89
C ARG C 201 41.18 9.82 20.44
N VAL C 202 40.11 9.74 19.68
CA VAL C 202 40.12 10.19 18.30
C VAL C 202 38.92 11.10 18.18
N THR C 203 39.07 12.32 17.69
CA THR C 203 37.96 13.24 17.46
C THR C 203 38.07 13.66 15.99
N VAL C 204 37.05 13.36 15.17
CA VAL C 204 37.04 13.72 13.77
C VAL C 204 35.82 14.59 13.58
N SER C 205 36.02 15.78 13.03
CA SER C 205 34.98 16.78 12.94
C SER C 205 35.01 17.60 11.67
N THR C 206 33.86 18.19 11.40
CA THR C 206 33.69 19.13 10.31
C THR C 206 33.00 20.33 10.93
N ARG C 207 32.66 21.37 10.18
CA ARG C 207 31.90 22.48 10.74
C ARG C 207 30.54 22.01 11.17
N ARG C 208 30.06 20.94 10.56
CA ARG C 208 28.73 20.41 10.87
C ARG C 208 28.66 19.28 11.88
N SER C 209 29.73 18.54 12.17
CA SER C 209 29.57 17.38 13.02
C SER C 209 30.84 17.08 13.73
N GLN C 210 30.81 16.12 14.64
CA GLN C 210 31.99 15.65 15.33
C GLN C 210 31.75 14.27 15.89
N GLN C 211 32.77 13.42 15.93
CA GLN C 211 32.69 12.16 16.58
C GLN C 211 33.91 12.11 17.43
N THR C 212 33.78 11.67 18.66
CA THR C 212 34.95 11.37 19.46
C THR C 212 34.71 9.94 19.89
N ILE C 213 35.69 9.08 19.63
CA ILE C 213 35.64 7.68 20.02
C ILE C 213 36.83 7.45 20.92
N ILE C 214 36.65 6.77 22.04
CA ILE C 214 37.77 6.43 22.90
C ILE C 214 37.90 4.92 22.76
N PRO C 215 39.09 4.35 22.62
CA PRO C 215 39.30 2.92 22.46
C PRO C 215 38.84 2.12 23.65
N ASN C 216 38.82 0.79 23.57
CA ASN C 216 38.36 -0.01 24.70
C ASN C 216 39.29 -1.18 24.82
N ILE C 217 39.97 -1.28 25.93
CA ILE C 217 40.97 -2.32 26.09
C ILE C 217 40.35 -3.53 26.73
N GLY C 218 40.72 -4.70 26.25
CA GLY C 218 40.22 -5.94 26.81
C GLY C 218 40.43 -7.03 25.79
N SER C 219 40.43 -8.28 26.21
CA SER C 219 40.61 -9.35 25.26
C SER C 219 39.31 -9.69 24.57
N ARG C 220 39.41 -9.83 23.26
CA ARG C 220 38.31 -10.37 22.50
C ARG C 220 38.72 -11.79 22.06
N PRO C 221 37.89 -12.58 21.37
CA PRO C 221 38.27 -13.89 20.90
C PRO C 221 39.39 -13.75 19.87
N TRP C 222 40.36 -14.64 19.97
CA TRP C 222 41.42 -14.84 19.01
C TRP C 222 40.83 -14.97 17.61
N VAL C 223 41.18 -14.04 16.75
CA VAL C 223 40.83 -14.06 15.35
C VAL C 223 42.13 -13.70 14.67
N ARG C 224 42.58 -14.61 13.81
CA ARG C 224 43.84 -14.52 13.08
C ARG C 224 45.02 -14.13 13.98
N GLY C 225 45.13 -14.82 15.13
CA GLY C 225 46.21 -14.58 16.05
C GLY C 225 46.01 -13.38 16.96
N LEU C 226 44.92 -12.63 16.79
CA LEU C 226 44.74 -11.40 17.53
C LEU C 226 43.51 -11.32 18.42
N SER C 227 43.65 -10.65 19.55
CA SER C 227 42.52 -10.34 20.42
C SER C 227 42.22 -8.86 20.36
N SER C 228 43.00 -8.10 19.63
CA SER C 228 42.70 -6.71 19.47
C SER C 228 41.73 -6.59 18.31
N ARG C 229 41.20 -5.39 18.06
CA ARG C 229 40.24 -5.15 17.02
C ARG C 229 40.44 -3.74 16.56
N ILE C 230 39.98 -3.39 15.37
CA ILE C 230 39.90 -1.97 15.04
C ILE C 230 38.43 -1.70 14.64
N SER C 231 37.82 -0.59 15.04
CA SER C 231 36.47 -0.31 14.61
C SER C 231 36.55 0.76 13.53
N ILE C 232 35.75 0.66 12.46
CA ILE C 232 35.77 1.56 11.30
C ILE C 232 34.66 2.63 11.43
N TYR C 233 34.94 3.87 11.09
CA TYR C 233 33.98 4.96 11.12
C TYR C 233 34.05 5.71 9.79
N TRP C 234 33.14 6.64 9.48
CA TRP C 234 33.17 7.31 8.19
C TRP C 234 32.71 8.73 8.37
N THR C 235 33.16 9.68 7.59
CA THR C 235 32.77 11.08 7.74
C THR C 235 32.60 11.61 6.34
N ILE C 236 31.47 12.17 5.95
CA ILE C 236 31.38 12.73 4.61
C ILE C 236 31.69 14.20 4.74
N VAL C 237 32.49 14.82 3.88
CA VAL C 237 32.84 16.23 4.03
C VAL C 237 32.29 16.92 2.82
N LYS C 238 31.44 17.90 3.07
CA LYS C 238 30.76 18.62 2.00
C LYS C 238 31.62 19.66 1.33
N PRO C 239 31.37 20.13 0.09
CA PRO C 239 32.17 21.14 -0.58
C PRO C 239 32.17 22.38 0.28
N GLY C 240 33.35 22.93 0.51
CA GLY C 240 33.47 24.12 1.33
C GLY C 240 33.70 23.80 2.80
N ASP C 241 33.50 22.55 3.25
CA ASP C 241 33.70 22.25 4.66
C ASP C 241 35.15 21.86 4.89
N VAL C 242 35.51 21.35 6.07
CA VAL C 242 36.88 21.06 6.35
C VAL C 242 36.92 19.93 7.34
N LEU C 243 37.80 18.97 7.15
CA LEU C 243 37.96 17.85 8.08
C LEU C 243 39.08 18.24 9.04
N VAL C 244 38.89 18.02 10.35
CA VAL C 244 39.96 18.20 11.33
C VAL C 244 40.07 16.87 12.09
N ILE C 245 41.22 16.19 12.07
CA ILE C 245 41.38 14.94 12.77
C ILE C 245 42.29 15.29 13.91
N ASN C 246 41.86 14.94 15.11
CA ASN C 246 42.61 15.29 16.28
C ASN C 246 42.70 14.04 17.15
N SER C 247 43.90 13.55 17.45
CA SER C 247 43.99 12.36 18.23
C SER C 247 45.22 12.45 19.07
N ASN C 248 45.21 11.56 20.03
CA ASN C 248 46.18 11.53 21.10
C ASN C 248 46.60 10.08 21.35
N GLY C 249 46.16 9.16 20.47
CA GLY C 249 46.53 7.77 20.55
C GLY C 249 45.46 6.96 19.85
N ASN C 250 45.83 5.79 19.36
CA ASN C 250 44.91 4.78 18.76
C ASN C 250 44.28 5.12 17.41
N LEU C 251 44.64 6.20 16.74
CA LEU C 251 44.06 6.53 15.45
C LEU C 251 44.58 5.65 14.32
N ILE C 252 43.66 5.09 13.53
CA ILE C 252 43.93 4.42 12.25
C ILE C 252 43.49 5.52 11.26
N ALA C 253 44.43 6.26 10.67
CA ALA C 253 44.13 7.45 9.87
C ALA C 253 43.75 7.24 8.42
N PRO C 254 42.97 8.09 7.78
CA PRO C 254 42.60 7.93 6.38
C PRO C 254 43.77 8.28 5.47
N ARG C 255 43.90 7.67 4.28
CA ARG C 255 44.94 8.06 3.33
C ARG C 255 44.38 9.04 2.28
N GLY C 256 43.09 9.35 2.29
CA GLY C 256 42.52 10.27 1.35
C GLY C 256 41.02 10.04 1.35
N TYR C 257 40.35 10.30 0.24
CA TYR C 257 38.90 10.19 0.24
C TYR C 257 38.38 9.37 -0.89
N PHE C 258 37.26 8.71 -0.66
CA PHE C 258 36.56 8.03 -1.72
C PHE C 258 35.69 9.10 -2.27
N LYS C 259 35.44 9.12 -3.55
CA LYS C 259 34.52 10.13 -3.97
C LYS C 259 33.14 9.55 -4.12
N MET C 260 32.16 10.38 -3.81
CA MET C 260 30.80 9.91 -3.79
C MET C 260 30.06 10.33 -5.00
N ARG C 261 29.18 9.48 -5.50
CA ARG C 261 28.28 9.93 -6.52
C ARG C 261 26.84 9.46 -6.29
N THR C 262 25.96 9.81 -7.21
CA THR C 262 24.55 9.60 -7.07
C THR C 262 24.14 8.89 -8.31
N GLY C 263 23.58 7.70 -8.23
CA GLY C 263 23.20 7.00 -9.46
C GLY C 263 22.28 5.85 -9.13
N LYS C 264 22.27 4.84 -9.99
CA LYS C 264 21.36 3.73 -9.82
C LYS C 264 22.05 2.51 -9.28
N SER C 265 23.14 2.67 -8.59
CA SER C 265 23.89 1.52 -8.14
C SER C 265 23.27 0.99 -6.89
N SER C 266 23.49 -0.29 -6.68
CA SER C 266 23.02 -1.00 -5.51
C SER C 266 23.88 -2.23 -5.36
N ILE C 267 23.62 -3.08 -4.38
CA ILE C 267 24.40 -4.28 -4.15
C ILE C 267 23.44 -5.45 -4.05
N MET C 268 23.84 -6.70 -4.27
CA MET C 268 22.90 -7.82 -4.23
C MET C 268 23.67 -9.00 -3.76
N ARG C 269 23.11 -9.83 -2.93
CA ARG C 269 23.83 -10.98 -2.45
C ARG C 269 23.29 -12.10 -3.30
N SER C 270 24.15 -12.84 -3.99
CA SER C 270 23.70 -13.88 -4.88
C SER C 270 24.88 -14.74 -5.24
N ASP C 271 24.65 -16.05 -5.31
CA ASP C 271 25.67 -16.93 -5.86
C ASP C 271 25.30 -17.31 -7.27
N ALA C 272 24.37 -16.63 -7.92
CA ALA C 272 24.10 -16.92 -9.31
C ALA C 272 25.31 -16.62 -10.18
N PRO C 273 25.54 -17.38 -11.25
CA PRO C 273 26.61 -17.24 -12.20
C PRO C 273 26.32 -16.04 -13.05
N ILE C 274 27.30 -15.20 -13.35
CA ILE C 274 27.09 -14.11 -14.29
C ILE C 274 27.36 -14.68 -15.67
N ASP C 275 26.56 -14.35 -16.65
CA ASP C 275 26.66 -14.94 -17.96
C ASP C 275 26.42 -13.85 -18.97
N THR C 276 26.67 -14.12 -20.23
CA THR C 276 26.60 -13.06 -21.20
C THR C 276 25.31 -13.11 -21.95
N CYS C 277 24.40 -12.23 -21.59
CA CYS C 277 23.08 -12.13 -22.21
C CYS C 277 22.53 -10.76 -21.86
N ILE C 278 21.46 -10.29 -22.46
CA ILE C 278 21.01 -8.98 -22.03
C ILE C 278 19.68 -9.19 -21.36
N SER C 279 19.54 -8.71 -20.15
CA SER C 279 18.35 -8.83 -19.34
C SER C 279 18.25 -7.62 -18.46
N GLU C 280 17.08 -7.04 -18.37
CA GLU C 280 16.92 -5.84 -17.59
C GLU C 280 16.68 -6.04 -16.11
N CYS C 281 16.06 -7.15 -15.76
CA CYS C 281 15.61 -7.38 -14.40
C CYS C 281 16.53 -8.37 -13.73
N ILE C 282 17.08 -8.11 -12.54
CA ILE C 282 17.94 -9.08 -11.90
C ILE C 282 17.37 -9.41 -10.55
N THR C 283 17.42 -10.67 -10.24
CA THR C 283 16.89 -11.29 -9.05
C THR C 283 18.08 -12.04 -8.47
N PRO C 284 18.22 -12.30 -7.17
CA PRO C 284 19.35 -13.06 -6.67
C PRO C 284 19.26 -14.47 -7.25
N ASN C 285 18.09 -14.95 -7.64
CA ASN C 285 17.97 -16.23 -8.34
C ASN C 285 18.43 -16.15 -9.80
N GLY C 286 18.96 -15.06 -10.32
CA GLY C 286 19.29 -14.98 -11.73
C GLY C 286 18.33 -14.02 -12.42
N SER C 287 18.61 -13.60 -13.65
CA SER C 287 17.72 -12.71 -14.35
C SER C 287 16.40 -13.36 -14.70
N ILE C 288 15.35 -12.53 -14.85
CA ILE C 288 14.04 -13.02 -15.21
C ILE C 288 13.48 -12.08 -16.28
N PRO C 289 12.64 -12.51 -17.21
CA PRO C 289 12.08 -11.64 -18.22
C PRO C 289 10.94 -10.76 -17.71
N ASN C 290 11.05 -9.47 -18.01
CA ASN C 290 10.05 -8.55 -17.54
C ASN C 290 8.96 -8.32 -18.55
N ASP C 291 8.56 -9.36 -19.29
CA ASP C 291 7.49 -9.21 -20.23
C ASP C 291 6.17 -9.24 -19.45
N LYS C 292 6.02 -10.12 -18.44
CA LYS C 292 4.80 -10.21 -17.65
C LYS C 292 4.70 -9.11 -16.59
N PRO C 293 3.54 -8.70 -16.03
CA PRO C 293 3.47 -7.64 -15.04
C PRO C 293 3.80 -8.01 -13.63
N PHE C 294 3.73 -9.29 -13.26
CA PHE C 294 3.96 -9.69 -11.88
C PHE C 294 4.99 -10.80 -11.86
N GLN C 295 5.66 -11.09 -10.75
CA GLN C 295 6.61 -12.18 -10.74
C GLN C 295 6.61 -12.76 -9.38
N ASN C 296 6.97 -14.02 -9.30
CA ASN C 296 6.97 -14.75 -8.04
C ASN C 296 8.36 -15.33 -7.82
N VAL C 297 9.37 -14.87 -8.56
CA VAL C 297 10.70 -15.45 -8.39
C VAL C 297 11.35 -14.94 -7.12
N ASN C 298 11.50 -13.64 -6.85
CA ASN C 298 12.12 -13.20 -5.59
C ASN C 298 11.69 -11.76 -5.30
N LYS C 299 11.54 -11.36 -4.02
CA LYS C 299 11.13 -10.02 -3.63
C LYS C 299 12.30 -9.07 -3.73
N ILE C 300 13.50 -9.61 -3.93
CA ILE C 300 14.66 -8.81 -4.16
C ILE C 300 14.84 -8.67 -5.66
N THR C 301 14.85 -7.47 -6.16
CA THR C 301 15.06 -7.27 -7.57
C THR C 301 15.91 -6.00 -7.78
N TYR C 302 16.48 -5.87 -8.97
CA TYR C 302 17.22 -4.69 -9.37
C TYR C 302 16.88 -4.45 -10.84
N GLY C 303 16.47 -3.25 -11.26
CA GLY C 303 16.22 -3.01 -12.66
C GLY C 303 14.74 -2.94 -12.98
N ALA C 304 14.37 -3.09 -14.27
CA ALA C 304 12.97 -3.01 -14.69
C ALA C 304 12.32 -4.35 -14.47
N CYS C 305 11.69 -4.57 -13.33
CA CYS C 305 11.17 -5.90 -13.01
C CYS C 305 9.68 -5.97 -12.78
N PRO C 306 9.05 -7.14 -12.88
CA PRO C 306 7.63 -7.25 -12.61
C PRO C 306 7.38 -7.12 -11.10
N LYS C 307 6.16 -6.78 -10.65
CA LYS C 307 5.94 -6.56 -9.23
C LYS C 307 5.82 -7.93 -8.60
N TYR C 308 6.56 -8.18 -7.51
CA TYR C 308 6.54 -9.44 -6.80
C TYR C 308 5.18 -9.64 -6.15
N VAL C 309 4.66 -10.84 -6.29
CA VAL C 309 3.33 -11.17 -5.88
C VAL C 309 3.44 -12.51 -5.18
N LYS C 310 2.58 -12.79 -4.23
CA LYS C 310 2.57 -14.07 -3.57
C LYS C 310 2.03 -15.14 -4.50
N GLN C 311 1.09 -14.86 -5.42
CA GLN C 311 0.56 -15.86 -6.34
C GLN C 311 1.59 -16.45 -7.26
N ASN C 312 1.56 -17.72 -7.61
CA ASN C 312 2.54 -18.17 -8.62
C ASN C 312 1.91 -18.34 -10.00
N THR C 313 0.58 -18.25 -10.09
CA THR C 313 -0.01 -18.19 -11.40
C THR C 313 -1.26 -17.31 -11.38
N LEU C 314 -1.44 -16.47 -12.41
CA LEU C 314 -2.62 -15.66 -12.62
C LEU C 314 -2.85 -15.61 -14.13
N LYS C 315 -3.89 -16.29 -14.56
CA LYS C 315 -4.21 -16.36 -15.96
C LYS C 315 -5.24 -15.35 -16.36
N LEU C 316 -4.90 -14.55 -17.36
CA LEU C 316 -5.80 -13.56 -17.89
C LEU C 316 -6.49 -14.15 -19.10
N ALA C 317 -7.81 -14.27 -19.10
CA ALA C 317 -8.57 -14.77 -20.24
C ALA C 317 -8.37 -13.91 -21.44
N THR C 318 -8.07 -14.52 -22.56
CA THR C 318 -7.93 -13.81 -23.82
C THR C 318 -8.90 -14.40 -24.82
N GLY C 319 -10.01 -15.00 -24.37
CA GLY C 319 -10.97 -15.59 -25.28
C GLY C 319 -12.29 -15.78 -24.57
N MET C 320 -13.31 -16.10 -25.33
CA MET C 320 -14.66 -16.28 -24.83
C MET C 320 -14.79 -17.52 -23.99
N ARG C 321 -15.96 -17.78 -23.42
CA ARG C 321 -16.18 -18.98 -22.67
C ARG C 321 -16.15 -20.20 -23.61
N ASN C 322 -15.55 -21.31 -23.20
CA ASN C 322 -15.46 -22.51 -24.01
C ASN C 322 -16.70 -23.39 -23.73
N VAL C 323 -17.60 -23.51 -24.68
CA VAL C 323 -18.79 -24.32 -24.51
C VAL C 323 -18.66 -25.35 -25.62
N PRO C 324 -17.94 -26.48 -25.52
CA PRO C 324 -17.76 -27.45 -26.62
C PRO C 324 -18.98 -28.31 -26.97
N GLU C 325 -19.13 -29.04 -28.08
CA GLU C 325 -20.37 -29.81 -28.27
C GLU C 325 -20.27 -31.30 -27.93
N LYS C 326 -19.11 -31.97 -27.91
CA LYS C 326 -19.05 -33.40 -27.59
C LYS C 326 -19.41 -33.71 -26.12
N GLN C 327 -19.39 -34.96 -25.61
CA GLN C 327 -19.53 -35.17 -24.16
C GLN C 327 -18.23 -34.70 -23.41
N THR C 328 -17.68 -35.45 -22.45
CA THR C 328 -16.31 -35.21 -22.04
C THR C 328 -15.53 -36.32 -22.77
N GLY D 1 -23.12 -14.99 -20.28
CA GLY D 1 -22.76 -13.98 -19.28
C GLY D 1 -23.89 -12.96 -19.29
N LEU D 2 -23.61 -11.66 -19.22
CA LEU D 2 -24.67 -10.68 -19.10
C LEU D 2 -25.64 -10.72 -20.26
N PHE D 3 -25.26 -11.09 -21.46
CA PHE D 3 -26.23 -11.03 -22.53
C PHE D 3 -26.90 -12.36 -22.80
N GLY D 4 -26.38 -13.46 -22.30
CA GLY D 4 -27.06 -14.74 -22.45
C GLY D 4 -27.10 -15.34 -23.87
N ALA D 5 -26.15 -15.00 -24.72
CA ALA D 5 -26.08 -15.60 -26.02
C ALA D 5 -25.15 -16.80 -25.84
N ILE D 6 -23.85 -16.54 -25.59
CA ILE D 6 -22.87 -17.60 -25.39
C ILE D 6 -23.25 -18.34 -24.12
N ALA D 7 -23.28 -19.68 -24.22
CA ALA D 7 -23.66 -20.57 -23.15
C ALA D 7 -25.00 -20.08 -22.64
N GLY D 8 -25.82 -19.61 -23.59
CA GLY D 8 -27.11 -19.09 -23.27
C GLY D 8 -28.05 -19.59 -24.33
N PHE D 9 -28.65 -18.70 -25.14
CA PHE D 9 -29.57 -19.18 -26.15
C PHE D 9 -28.84 -19.89 -27.26
N ILE D 10 -27.55 -19.64 -27.41
CA ILE D 10 -26.79 -20.42 -28.35
C ILE D 10 -26.24 -21.51 -27.47
N GLU D 11 -26.81 -22.71 -27.66
CA GLU D 11 -26.50 -23.85 -26.82
C GLU D 11 -25.03 -24.20 -26.64
N ASN D 12 -24.23 -24.19 -27.70
CA ASN D 12 -22.82 -24.50 -27.54
C ASN D 12 -22.03 -23.99 -28.71
N GLY D 13 -20.73 -23.99 -28.58
CA GLY D 13 -19.85 -23.53 -29.63
C GLY D 13 -19.59 -24.59 -30.68
N TRP D 14 -18.94 -24.20 -31.75
CA TRP D 14 -18.65 -25.07 -32.85
C TRP D 14 -17.16 -25.27 -32.83
N GLU D 15 -16.70 -26.47 -32.45
CA GLU D 15 -15.26 -26.76 -32.45
C GLU D 15 -14.74 -26.72 -33.86
N GLY D 16 -15.63 -27.01 -34.80
CA GLY D 16 -15.28 -26.99 -36.21
C GLY D 16 -14.90 -25.63 -36.78
N MET D 17 -15.34 -24.52 -36.18
CA MET D 17 -15.10 -23.24 -36.81
C MET D 17 -13.67 -22.84 -36.52
N ILE D 18 -12.84 -22.93 -37.54
CA ILE D 18 -11.44 -22.69 -37.29
C ILE D 18 -10.97 -21.39 -37.89
N ASP D 19 -11.83 -20.77 -38.66
CA ASP D 19 -11.49 -19.59 -39.41
C ASP D 19 -11.95 -18.28 -38.77
N GLY D 20 -12.50 -18.27 -37.56
CA GLY D 20 -12.91 -17.04 -36.92
C GLY D 20 -13.61 -17.35 -35.63
N TRP D 21 -14.00 -16.33 -34.85
CA TRP D 21 -14.61 -16.60 -33.56
C TRP D 21 -16.12 -16.67 -33.59
N TYR D 22 -16.77 -15.99 -34.52
CA TYR D 22 -18.22 -15.98 -34.60
C TYR D 22 -18.58 -16.30 -36.04
N GLY D 23 -19.75 -16.81 -36.38
CA GLY D 23 -20.03 -17.08 -37.77
C GLY D 23 -21.38 -17.71 -38.02
N PHE D 24 -21.57 -18.17 -39.26
CA PHE D 24 -22.82 -18.68 -39.73
C PHE D 24 -22.73 -20.11 -40.23
N ARG D 25 -23.76 -20.87 -40.02
CA ARG D 25 -23.95 -22.16 -40.60
C ARG D 25 -25.30 -22.03 -41.27
N HIS D 26 -25.55 -22.46 -42.49
CA HIS D 26 -26.83 -22.26 -43.14
C HIS D 26 -27.16 -23.49 -43.96
N GLN D 27 -28.43 -23.67 -44.27
CA GLN D 27 -28.85 -24.72 -45.16
C GLN D 27 -29.84 -24.02 -46.07
N ASN D 28 -29.63 -24.09 -47.38
CA ASN D 28 -30.52 -23.45 -48.28
C ASN D 28 -30.82 -24.37 -49.45
N SER D 29 -31.36 -23.85 -50.56
CA SER D 29 -31.71 -24.65 -51.73
C SER D 29 -30.49 -25.33 -52.31
N GLU D 30 -29.31 -24.75 -52.12
CA GLU D 30 -28.10 -25.24 -52.72
C GLU D 30 -27.33 -26.19 -51.83
N GLY D 31 -27.75 -26.47 -50.58
CA GLY D 31 -27.07 -27.43 -49.70
C GLY D 31 -26.72 -26.83 -48.33
N THR D 32 -25.70 -27.30 -47.63
CA THR D 32 -25.36 -26.74 -46.35
C THR D 32 -24.09 -25.92 -46.45
N GLY D 33 -23.75 -25.11 -45.41
CA GLY D 33 -22.51 -24.37 -45.42
C GLY D 33 -22.15 -23.74 -44.09
N GLN D 34 -20.87 -23.40 -43.83
CA GLN D 34 -20.41 -22.73 -42.64
C GLN D 34 -19.55 -21.55 -43.09
N ALA D 35 -19.33 -20.48 -42.32
CA ALA D 35 -18.45 -19.37 -42.70
C ALA D 35 -18.20 -18.45 -41.51
N ALA D 36 -16.97 -18.09 -41.13
CA ALA D 36 -16.73 -17.21 -40.01
C ALA D 36 -17.12 -15.79 -40.35
N ASP D 37 -17.51 -14.99 -39.36
CA ASP D 37 -17.84 -13.59 -39.57
C ASP D 37 -16.62 -12.88 -39.10
N LEU D 38 -15.95 -12.18 -40.02
CA LEU D 38 -14.69 -11.59 -39.62
C LEU D 38 -14.81 -10.25 -38.94
N LYS D 39 -15.91 -9.51 -39.12
CA LYS D 39 -16.02 -8.22 -38.45
C LYS D 39 -16.18 -8.35 -36.97
N SER D 40 -17.03 -9.24 -36.49
CA SER D 40 -17.19 -9.37 -35.08
C SER D 40 -15.99 -10.10 -34.51
N THR D 41 -15.40 -11.06 -35.24
CA THR D 41 -14.17 -11.68 -34.74
C THR D 41 -13.11 -10.64 -34.50
N GLN D 42 -12.94 -9.69 -35.42
CA GLN D 42 -11.93 -8.66 -35.23
C GLN D 42 -12.34 -7.74 -34.09
N ALA D 43 -13.63 -7.44 -33.92
CA ALA D 43 -14.08 -6.58 -32.83
C ALA D 43 -13.74 -7.15 -31.49
N ALA D 44 -14.03 -8.42 -31.27
CA ALA D 44 -13.70 -9.04 -30.01
C ALA D 44 -12.19 -9.11 -29.87
N ILE D 45 -11.44 -9.48 -30.92
CA ILE D 45 -9.99 -9.58 -30.79
C ILE D 45 -9.32 -8.27 -30.49
N ASP D 46 -9.72 -7.19 -31.14
CA ASP D 46 -9.15 -5.91 -30.87
C ASP D 46 -9.36 -5.44 -29.46
N GLN D 47 -10.50 -5.70 -28.85
CA GLN D 47 -10.72 -5.26 -27.48
C GLN D 47 -9.90 -6.07 -26.52
N ILE D 48 -9.82 -7.38 -26.72
CA ILE D 48 -9.01 -8.22 -25.86
C ILE D 48 -7.53 -7.88 -26.02
N ASN D 49 -7.04 -7.51 -27.20
CA ASN D 49 -5.66 -7.05 -27.28
C ASN D 49 -5.46 -5.74 -26.60
N GLY D 50 -6.43 -4.83 -26.67
CA GLY D 50 -6.29 -3.53 -26.07
C GLY D 50 -6.14 -3.68 -24.59
N LYS D 51 -6.97 -4.56 -24.06
CA LYS D 51 -7.00 -4.86 -22.66
C LYS D 51 -5.67 -5.45 -22.28
N LEU D 52 -5.19 -6.37 -23.10
CA LEU D 52 -3.93 -7.04 -22.85
C LEU D 52 -2.75 -6.08 -22.85
N ASN D 53 -2.76 -5.14 -23.75
CA ASN D 53 -1.63 -4.24 -23.84
C ASN D 53 -1.55 -3.27 -22.70
N ARG D 54 -2.67 -2.91 -22.10
CA ARG D 54 -2.70 -1.99 -21.00
C ARG D 54 -2.10 -2.71 -19.81
N VAL D 55 -2.35 -4.01 -19.65
CA VAL D 55 -1.82 -4.80 -18.55
C VAL D 55 -0.35 -5.12 -18.73
N ILE D 56 0.18 -5.15 -19.93
CA ILE D 56 1.61 -5.38 -20.06
C ILE D 56 2.43 -4.06 -20.09
N GLU D 57 1.72 -2.91 -19.90
CA GLU D 57 2.26 -1.55 -19.84
C GLU D 57 3.24 -1.49 -18.68
N LYS D 58 4.44 -1.08 -19.08
CA LYS D 58 5.59 -0.73 -18.23
C LYS D 58 5.76 -1.28 -16.81
N THR D 59 6.74 -2.17 -16.73
CA THR D 59 7.28 -2.55 -15.44
C THR D 59 8.08 -1.31 -15.04
N ASN D 60 7.84 -0.71 -13.90
CA ASN D 60 8.63 0.43 -13.50
C ASN D 60 9.94 -0.11 -12.95
N GLU D 61 11.02 0.67 -12.96
CA GLU D 61 12.29 0.12 -12.50
C GLU D 61 12.69 0.70 -11.18
N LYS D 62 13.30 -0.09 -10.33
CA LYS D 62 13.71 0.36 -9.02
C LYS D 62 15.15 -0.06 -8.87
N PHE D 63 15.98 0.72 -8.19
CA PHE D 63 17.38 0.36 -8.03
C PHE D 63 17.69 0.09 -6.56
N HIS D 64 18.46 0.90 -5.83
CA HIS D 64 18.77 0.59 -4.43
C HIS D 64 17.48 0.64 -3.63
N GLN D 65 17.10 -0.37 -2.85
CA GLN D 65 15.85 -0.32 -2.13
C GLN D 65 16.13 -0.58 -0.66
N ILE D 66 15.56 -1.56 0.04
CA ILE D 66 15.90 -1.83 1.42
C ILE D 66 16.28 -3.31 1.44
N GLU D 67 16.97 -3.76 2.48
CA GLU D 67 17.32 -5.15 2.61
C GLU D 67 16.10 -5.96 2.95
N LYS D 68 15.98 -7.14 2.41
CA LYS D 68 14.78 -7.90 2.65
C LYS D 68 15.07 -9.28 3.19
N GLU D 69 16.34 -9.55 3.49
CA GLU D 69 16.80 -10.81 4.02
C GLU D 69 17.84 -10.44 5.07
N PHE D 70 17.81 -11.08 6.24
CA PHE D 70 18.72 -10.74 7.34
C PHE D 70 19.24 -12.02 7.96
N SER D 71 20.41 -12.07 8.49
CA SER D 71 20.89 -13.24 9.18
C SER D 71 21.02 -13.09 10.69
N GLU D 72 20.98 -11.90 11.29
CA GLU D 72 21.10 -11.77 12.73
C GLU D 72 19.79 -11.19 13.24
N VAL D 73 19.53 -11.28 14.54
CA VAL D 73 18.30 -10.78 15.12
C VAL D 73 18.58 -9.40 15.66
N GLU D 74 17.81 -8.40 15.21
CA GLU D 74 18.08 -7.06 15.67
C GLU D 74 16.96 -6.41 16.44
N GLY D 75 15.71 -6.81 16.23
CA GLY D 75 14.60 -6.17 16.94
C GLY D 75 13.90 -5.04 16.19
N ARG D 76 13.75 -3.88 16.84
CA ARG D 76 12.86 -2.83 16.36
C ARG D 76 13.00 -2.40 14.90
N ILE D 77 14.19 -2.03 14.45
CA ILE D 77 14.32 -1.55 13.09
C ILE D 77 14.14 -2.69 12.10
N GLN D 78 14.63 -3.90 12.42
CA GLN D 78 14.49 -4.98 11.48
C GLN D 78 13.05 -5.45 11.42
N ASP D 79 12.30 -5.38 12.52
CA ASP D 79 10.90 -5.74 12.46
C ASP D 79 10.15 -4.79 11.51
N LEU D 80 10.50 -3.49 11.48
CA LEU D 80 9.84 -2.54 10.62
C LEU D 80 10.20 -2.79 9.18
N GLU D 81 11.48 -3.08 8.89
CA GLU D 81 11.90 -3.37 7.54
C GLU D 81 11.11 -4.52 6.95
N LYS D 82 11.00 -5.59 7.74
CA LYS D 82 10.21 -6.74 7.34
C LYS D 82 8.73 -6.38 7.22
N TYR D 83 8.15 -5.59 8.15
CA TYR D 83 6.75 -5.22 8.09
C TYR D 83 6.49 -4.30 6.92
N VAL D 84 7.38 -3.39 6.53
CA VAL D 84 7.13 -2.56 5.34
C VAL D 84 7.00 -3.42 4.10
N GLU D 85 7.90 -4.41 3.94
CA GLU D 85 7.86 -5.26 2.77
C GLU D 85 6.68 -6.21 2.75
N ASP D 86 6.34 -6.80 3.88
CA ASP D 86 5.25 -7.74 3.87
C ASP D 86 3.95 -7.03 3.61
N THR D 87 3.76 -5.79 4.14
CA THR D 87 2.52 -5.17 3.78
C THR D 87 2.55 -4.72 2.32
N LYS D 88 3.74 -4.40 1.74
CA LYS D 88 3.79 -4.03 0.34
C LYS D 88 3.39 -5.22 -0.54
N ILE D 89 3.96 -6.40 -0.25
CA ILE D 89 3.63 -7.62 -1.01
C ILE D 89 2.17 -8.00 -0.89
N ASP D 90 1.52 -7.92 0.28
CA ASP D 90 0.12 -8.30 0.31
C ASP D 90 -0.74 -7.32 -0.49
N LEU D 91 -0.39 -6.01 -0.46
CA LEU D 91 -1.16 -5.04 -1.20
C LEU D 91 -0.99 -5.30 -2.68
N TRP D 92 0.24 -5.51 -3.18
CA TRP D 92 0.37 -5.83 -4.59
C TRP D 92 -0.26 -7.15 -4.98
N SER D 93 -0.28 -8.15 -4.10
CA SER D 93 -0.91 -9.42 -4.37
C SER D 93 -2.40 -9.28 -4.46
N TYR D 94 -3.03 -8.47 -3.59
CA TYR D 94 -4.46 -8.19 -3.64
C TYR D 94 -4.76 -7.56 -4.96
N ASN D 95 -3.95 -6.57 -5.37
CA ASN D 95 -4.13 -5.91 -6.65
C ASN D 95 -4.09 -6.88 -7.80
N ALA D 96 -3.15 -7.82 -7.84
CA ALA D 96 -3.05 -8.71 -8.98
C ALA D 96 -4.28 -9.62 -9.07
N GLU D 97 -4.71 -10.09 -7.90
CA GLU D 97 -5.83 -10.99 -7.83
C GLU D 97 -7.14 -10.33 -8.22
N LEU D 98 -7.40 -9.08 -7.78
CA LEU D 98 -8.62 -8.40 -8.17
C LEU D 98 -8.57 -8.00 -9.63
N LEU D 99 -7.39 -7.62 -10.16
CA LEU D 99 -7.25 -7.16 -11.54
C LEU D 99 -7.62 -8.31 -12.42
N VAL D 100 -7.10 -9.53 -12.25
CA VAL D 100 -7.53 -10.57 -13.21
C VAL D 100 -8.98 -10.98 -13.01
N ALA D 101 -9.54 -10.91 -11.80
CA ALA D 101 -10.97 -11.19 -11.67
C ALA D 101 -11.84 -10.22 -12.48
N LEU D 102 -11.66 -8.91 -12.31
CA LEU D 102 -12.46 -7.93 -13.01
C LEU D 102 -12.25 -8.16 -14.49
N GLU D 103 -10.99 -8.22 -14.91
CA GLU D 103 -10.67 -8.38 -16.31
C GLU D 103 -11.34 -9.58 -16.97
N ASN D 104 -11.26 -10.74 -16.31
CA ASN D 104 -11.79 -11.98 -16.87
C ASN D 104 -13.31 -11.97 -16.93
N GLN D 105 -13.92 -11.37 -15.93
CA GLN D 105 -15.35 -11.26 -15.89
C GLN D 105 -15.82 -10.45 -17.07
N HIS D 106 -15.09 -9.35 -17.32
CA HIS D 106 -15.39 -8.47 -18.40
C HIS D 106 -15.16 -9.16 -19.73
N THR D 107 -14.06 -9.90 -19.92
CA THR D 107 -13.80 -10.55 -21.20
C THR D 107 -14.91 -11.52 -21.53
N ILE D 108 -15.45 -12.25 -20.56
CA ILE D 108 -16.55 -13.12 -20.85
C ILE D 108 -17.78 -12.29 -21.23
N ASP D 109 -18.16 -11.19 -20.55
CA ASP D 109 -19.35 -10.45 -20.96
C ASP D 109 -19.19 -9.76 -22.29
N LEU D 110 -17.99 -9.28 -22.58
CA LEU D 110 -17.65 -8.61 -23.82
C LEU D 110 -17.83 -9.56 -24.99
N THR D 111 -17.26 -10.77 -24.93
CA THR D 111 -17.37 -11.72 -26.03
C THR D 111 -18.81 -12.21 -26.17
N ASP D 112 -19.55 -12.26 -25.03
CA ASP D 112 -20.99 -12.58 -25.03
C ASP D 112 -21.77 -11.48 -25.78
N SER D 113 -21.45 -10.23 -25.46
CA SER D 113 -21.98 -9.07 -26.12
C SER D 113 -21.81 -9.14 -27.63
N GLU D 114 -20.59 -9.38 -28.14
CA GLU D 114 -20.34 -9.44 -29.56
C GLU D 114 -21.17 -10.50 -30.23
N MET D 115 -21.36 -11.64 -29.56
CA MET D 115 -22.20 -12.70 -30.11
C MET D 115 -23.58 -12.18 -30.31
N ASN D 116 -24.10 -11.58 -29.24
CA ASN D 116 -25.44 -11.05 -29.27
C ASN D 116 -25.57 -9.92 -30.27
N LYS D 117 -24.54 -9.11 -30.47
CA LYS D 117 -24.62 -8.01 -31.39
C LYS D 117 -24.75 -8.53 -32.80
N LEU D 118 -23.96 -9.54 -33.17
CA LEU D 118 -24.04 -10.13 -34.51
C LEU D 118 -25.41 -10.71 -34.72
N PHE D 119 -25.98 -11.33 -33.69
CA PHE D 119 -27.30 -11.86 -33.81
C PHE D 119 -28.29 -10.74 -34.11
N GLU D 120 -28.29 -9.69 -33.31
CA GLU D 120 -29.20 -8.56 -33.50
C GLU D 120 -29.08 -7.89 -34.82
N LYS D 121 -27.85 -7.81 -35.29
CA LYS D 121 -27.56 -7.19 -36.55
C LYS D 121 -28.17 -8.04 -37.66
N THR D 122 -27.99 -9.37 -37.64
CA THR D 122 -28.61 -10.23 -38.64
C THR D 122 -30.13 -10.18 -38.55
N ARG D 123 -30.69 -10.15 -37.35
CA ARG D 123 -32.14 -10.02 -37.12
C ARG D 123 -32.70 -8.81 -37.87
N ARG D 124 -32.13 -7.65 -37.57
CA ARG D 124 -32.57 -6.41 -38.15
C ARG D 124 -32.55 -6.41 -39.64
N GLN D 125 -31.54 -7.04 -40.22
CA GLN D 125 -31.37 -7.07 -41.67
C GLN D 125 -32.43 -7.94 -42.37
N LEU D 126 -32.80 -9.07 -41.78
CA LEU D 126 -33.78 -9.93 -42.36
C LEU D 126 -35.19 -9.34 -42.29
N ARG D 127 -35.43 -8.29 -41.53
CA ARG D 127 -36.76 -7.66 -41.40
C ARG D 127 -37.98 -8.58 -41.30
N GLU D 128 -39.01 -8.48 -42.13
CA GLU D 128 -40.17 -9.35 -42.00
C GLU D 128 -40.03 -10.72 -42.67
N ASN D 129 -38.83 -11.11 -43.12
CA ASN D 129 -38.64 -12.30 -43.92
C ASN D 129 -38.17 -13.52 -43.18
N ALA D 130 -37.87 -13.40 -41.91
CA ALA D 130 -37.36 -14.54 -41.19
C ALA D 130 -37.94 -14.52 -39.81
N GLU D 131 -37.97 -15.66 -39.14
CA GLU D 131 -38.38 -15.69 -37.77
C GLU D 131 -37.29 -16.32 -36.97
N GLU D 132 -37.18 -15.90 -35.73
CA GLU D 132 -36.17 -16.43 -34.85
C GLU D 132 -36.59 -17.75 -34.25
N MET D 133 -35.87 -18.82 -34.50
CA MET D 133 -36.23 -20.08 -33.90
C MET D 133 -35.86 -20.12 -32.42
N GLY D 134 -35.21 -19.07 -31.89
CA GLY D 134 -34.95 -19.03 -30.48
C GLY D 134 -33.70 -19.76 -30.00
N ASN D 135 -32.94 -20.33 -30.89
CA ASN D 135 -31.71 -21.04 -30.56
C ASN D 135 -30.61 -20.39 -31.35
N GLY D 136 -30.73 -19.11 -31.68
CA GLY D 136 -29.72 -18.47 -32.50
C GLY D 136 -29.84 -18.77 -33.98
N CYS D 137 -30.86 -19.51 -34.43
CA CYS D 137 -31.05 -19.74 -35.86
C CYS D 137 -32.27 -18.98 -36.35
N PHE D 138 -32.23 -18.39 -37.52
CA PHE D 138 -33.42 -17.83 -38.14
C PHE D 138 -33.96 -18.78 -39.20
N LYS D 139 -35.27 -18.83 -39.31
CA LYS D 139 -35.94 -19.56 -40.35
C LYS D 139 -36.25 -18.52 -41.41
N ILE D 140 -35.61 -18.54 -42.59
CA ILE D 140 -35.87 -17.57 -43.65
C ILE D 140 -37.05 -18.06 -44.48
N TYR D 141 -38.17 -17.35 -44.50
CA TYR D 141 -39.34 -17.79 -45.22
C TYR D 141 -39.35 -17.47 -46.71
N HIS D 142 -38.27 -17.66 -47.42
CA HIS D 142 -38.29 -17.48 -48.87
C HIS D 142 -37.13 -18.28 -49.47
N LYS D 143 -37.11 -18.55 -50.78
CA LYS D 143 -36.05 -19.32 -51.37
C LYS D 143 -34.77 -18.51 -51.29
N CYS D 144 -33.76 -18.96 -50.57
CA CYS D 144 -32.54 -18.17 -50.45
C CYS D 144 -31.34 -19.04 -50.83
N ASP D 145 -30.85 -18.85 -52.05
CA ASP D 145 -29.72 -19.64 -52.55
C ASP D 145 -28.42 -19.17 -51.97
N ASN D 146 -27.31 -19.75 -52.37
CA ASN D 146 -26.02 -19.40 -51.82
C ASN D 146 -25.66 -17.96 -51.97
N ALA D 147 -26.08 -17.30 -53.01
CA ALA D 147 -25.72 -15.90 -53.19
C ALA D 147 -26.53 -15.05 -52.25
N CYS D 148 -27.77 -15.50 -52.01
CA CYS D 148 -28.65 -14.86 -51.03
C CYS D 148 -27.98 -15.01 -49.67
N ILE D 149 -27.60 -16.23 -49.21
CA ILE D 149 -26.94 -16.38 -47.92
C ILE D 149 -25.69 -15.50 -47.89
N GLU D 150 -24.92 -15.38 -48.98
CA GLU D 150 -23.76 -14.52 -49.00
C GLU D 150 -24.13 -13.06 -48.80
N SER D 151 -25.26 -12.59 -49.33
CA SER D 151 -25.59 -11.19 -49.11
C SER D 151 -26.00 -10.90 -47.66
N ILE D 152 -26.63 -11.84 -46.93
CA ILE D 152 -26.95 -11.62 -45.53
C ILE D 152 -25.64 -11.52 -44.80
N ARG D 153 -24.71 -12.44 -45.07
CA ARG D 153 -23.41 -12.47 -44.42
C ARG D 153 -22.63 -11.22 -44.71
N ASN D 154 -22.46 -10.80 -45.96
CA ASN D 154 -21.71 -9.58 -46.23
C ASN D 154 -22.53 -8.31 -46.09
N GLY D 155 -23.75 -8.40 -45.55
CA GLY D 155 -24.52 -7.23 -45.18
C GLY D 155 -25.17 -6.46 -46.29
N THR D 156 -25.36 -7.04 -47.45
CA THR D 156 -25.99 -6.32 -48.51
C THR D 156 -27.39 -6.86 -48.81
N TYR D 157 -27.95 -7.72 -47.95
CA TYR D 157 -29.23 -8.33 -48.25
C TYR D 157 -30.31 -7.27 -48.37
N ASP D 158 -31.12 -7.33 -49.43
CA ASP D 158 -32.24 -6.41 -49.58
C ASP D 158 -33.49 -7.14 -49.23
N HIS D 159 -34.11 -6.76 -48.12
CA HIS D 159 -35.27 -7.49 -47.67
C HIS D 159 -36.44 -7.29 -48.61
N ASP D 160 -36.52 -6.11 -49.24
CA ASP D 160 -37.64 -5.81 -50.08
C ASP D 160 -37.80 -6.75 -51.24
N VAL D 161 -36.66 -7.18 -51.80
CA VAL D 161 -36.63 -8.13 -52.89
C VAL D 161 -37.46 -9.36 -52.56
N TYR D 162 -37.48 -9.80 -51.30
CA TYR D 162 -38.18 -11.04 -50.99
C TYR D 162 -39.35 -10.87 -50.06
N ARG D 163 -39.71 -9.64 -49.75
CA ARG D 163 -40.75 -9.42 -48.78
C ARG D 163 -42.10 -10.03 -49.12
N ASP D 164 -42.64 -9.95 -50.34
CA ASP D 164 -43.95 -10.55 -50.60
C ASP D 164 -43.90 -12.07 -50.56
N GLU D 165 -42.81 -12.65 -51.08
CA GLU D 165 -42.62 -14.10 -51.05
C GLU D 165 -42.63 -14.59 -49.62
N ALA D 166 -41.82 -13.93 -48.80
CA ALA D 166 -41.71 -14.24 -47.40
C ALA D 166 -43.01 -14.03 -46.67
N LEU D 167 -43.67 -12.87 -46.78
CA LEU D 167 -44.89 -12.63 -46.04
C LEU D 167 -45.98 -13.62 -46.36
N ASN D 168 -46.03 -14.05 -47.61
CA ASN D 168 -46.97 -15.05 -48.00
C ASN D 168 -46.75 -16.40 -47.31
N ASN D 169 -45.50 -16.90 -47.47
CA ASN D 169 -45.00 -18.14 -46.90
C ASN D 169 -45.15 -18.17 -45.39
N ARG D 170 -44.94 -17.02 -44.77
CA ARG D 170 -44.86 -16.89 -43.34
C ARG D 170 -46.21 -16.79 -42.67
N PHE D 171 -47.08 -15.99 -43.25
CA PHE D 171 -48.35 -15.82 -42.61
C PHE D 171 -49.40 -16.64 -43.32
N GLN D 172 -49.91 -16.14 -44.45
CA GLN D 172 -51.08 -16.69 -45.12
C GLN D 172 -51.45 -18.12 -44.78
N ILE D 173 -50.62 -19.08 -45.20
CA ILE D 173 -50.83 -20.51 -44.97
C ILE D 173 -52.29 -20.98 -44.82
N LYS D 174 -52.94 -20.90 -43.65
CA LYS D 174 -54.33 -21.33 -43.54
C LYS D 174 -54.93 -20.87 -42.21
N GLY D 175 -54.39 -19.78 -41.68
CA GLY D 175 -54.86 -19.25 -40.42
C GLY D 175 -54.45 -17.79 -40.34
N GLN E 1 -55.58 -28.90 -38.72
CA GLN E 1 -54.33 -29.18 -38.05
C GLN E 1 -54.96 -29.28 -36.65
N ASP E 2 -54.48 -28.61 -35.60
CA ASP E 2 -55.21 -28.56 -34.35
C ASP E 2 -56.52 -27.84 -34.65
N LEU E 3 -57.64 -28.40 -34.20
CA LEU E 3 -58.93 -27.85 -34.55
C LEU E 3 -59.60 -27.24 -33.33
N PRO E 4 -59.69 -25.89 -33.27
CA PRO E 4 -60.27 -25.12 -32.15
C PRO E 4 -61.66 -25.55 -31.68
N GLY E 5 -62.51 -26.04 -32.60
CA GLY E 5 -63.86 -26.43 -32.25
C GLY E 5 -64.75 -25.20 -32.05
N ASN E 6 -64.50 -24.37 -31.02
CA ASN E 6 -65.37 -23.24 -30.74
C ASN E 6 -64.73 -22.01 -30.09
N ASP E 7 -63.95 -22.14 -29.00
CA ASP E 7 -63.52 -20.95 -28.24
C ASP E 7 -62.56 -20.00 -28.99
N ASN E 8 -62.73 -18.71 -28.65
CA ASN E 8 -62.00 -17.59 -29.24
C ASN E 8 -61.59 -16.63 -28.11
N SER E 9 -60.32 -16.61 -27.66
CA SER E 9 -60.00 -15.75 -26.53
C SER E 9 -58.49 -15.55 -26.46
N THR E 10 -58.01 -14.78 -25.50
CA THR E 10 -56.61 -14.48 -25.34
C THR E 10 -56.19 -14.75 -23.89
N ALA E 11 -54.92 -14.59 -23.52
CA ALA E 11 -54.48 -14.77 -22.15
C ALA E 11 -53.44 -13.72 -21.88
N THR E 12 -53.09 -13.45 -20.64
CA THR E 12 -52.08 -12.45 -20.36
C THR E 12 -51.05 -13.06 -19.45
N LEU E 13 -49.76 -12.97 -19.77
CA LEU E 13 -48.73 -13.56 -18.92
C LEU E 13 -47.78 -12.43 -18.57
N CYS E 14 -47.51 -12.18 -17.29
CA CYS E 14 -46.63 -11.09 -16.92
C CYS E 14 -45.44 -11.64 -16.21
N LEU E 15 -44.24 -11.23 -16.57
CA LEU E 15 -43.05 -11.68 -15.88
C LEU E 15 -42.73 -10.61 -14.85
N GLY E 16 -42.07 -10.95 -13.74
CA GLY E 16 -41.74 -9.94 -12.75
C GLY E 16 -40.78 -10.52 -11.75
N HIS E 17 -40.45 -9.78 -10.70
CA HIS E 17 -39.47 -10.22 -9.72
C HIS E 17 -39.94 -9.92 -8.31
N HIS E 18 -39.37 -10.48 -7.25
CA HIS E 18 -39.80 -10.20 -5.89
C HIS E 18 -39.40 -8.79 -5.43
N ALA E 19 -39.87 -8.42 -4.25
CA ALA E 19 -39.52 -7.18 -3.61
C ALA E 19 -39.79 -7.47 -2.15
N VAL E 20 -39.15 -6.73 -1.23
CA VAL E 20 -39.32 -7.00 0.17
C VAL E 20 -39.78 -5.71 0.79
N PRO E 21 -40.59 -5.73 1.83
CA PRO E 21 -41.09 -4.51 2.44
C PRO E 21 -39.99 -3.64 3.08
N ASN E 22 -39.05 -4.34 3.71
CA ASN E 22 -37.90 -3.77 4.38
C ASN E 22 -36.80 -3.46 3.37
N GLY E 23 -35.70 -4.19 3.14
CA GLY E 23 -34.73 -3.69 2.14
C GLY E 23 -33.56 -3.01 2.82
N THR E 24 -32.38 -2.86 2.18
CA THR E 24 -31.19 -2.35 2.83
C THR E 24 -30.50 -1.44 1.87
N LEU E 25 -29.95 -0.34 2.37
CA LEU E 25 -29.26 0.60 1.52
C LEU E 25 -27.82 0.17 1.34
N VAL E 26 -27.27 0.21 0.14
CA VAL E 26 -25.88 -0.12 -0.11
C VAL E 26 -25.24 0.91 -1.03
N LYS E 27 -23.91 1.02 -1.08
CA LYS E 27 -23.19 1.98 -1.91
C LYS E 27 -22.94 1.35 -3.25
N THR E 28 -22.69 2.09 -4.30
CA THR E 28 -22.55 1.61 -5.67
C THR E 28 -21.48 2.47 -6.31
N ILE E 29 -21.14 2.25 -7.57
CA ILE E 29 -20.20 3.08 -8.30
C ILE E 29 -20.93 4.39 -8.55
N THR E 30 -22.18 4.35 -9.00
CA THR E 30 -22.93 5.56 -9.28
C THR E 30 -23.79 6.11 -8.17
N ASP E 31 -24.19 5.37 -7.15
CA ASP E 31 -25.05 5.88 -6.06
C ASP E 31 -24.37 5.58 -4.77
N ASP E 32 -24.66 6.24 -3.69
CA ASP E 32 -24.09 5.83 -2.44
C ASP E 32 -25.18 5.42 -1.48
N GLN E 33 -26.43 5.55 -1.86
CA GLN E 33 -27.44 4.83 -1.12
C GLN E 33 -28.41 4.28 -2.12
N ILE E 34 -28.39 3.01 -2.44
CA ILE E 34 -29.42 2.47 -3.31
C ILE E 34 -29.97 1.28 -2.57
N GLU E 35 -31.27 1.02 -2.63
CA GLU E 35 -31.88 0.01 -1.76
C GLU E 35 -31.96 -1.33 -2.44
N VAL E 36 -31.41 -2.37 -1.84
CA VAL E 36 -31.47 -3.70 -2.39
C VAL E 36 -32.29 -4.56 -1.45
N THR E 37 -32.76 -5.69 -1.96
CA THR E 37 -33.47 -6.72 -1.27
C THR E 37 -32.76 -7.20 -0.04
N ASN E 38 -31.44 -7.36 -0.06
CA ASN E 38 -30.72 -7.92 1.06
C ASN E 38 -29.23 -7.65 0.95
N ALA E 39 -28.45 -7.67 2.01
CA ALA E 39 -27.04 -7.35 1.95
C ALA E 39 -26.35 -8.12 3.05
N THR E 40 -25.03 -8.10 3.17
CA THR E 40 -24.31 -8.79 4.24
C THR E 40 -23.16 -7.90 4.68
N GLU E 41 -22.81 -7.88 5.96
CA GLU E 41 -21.85 -6.97 6.50
C GLU E 41 -20.47 -7.52 6.33
N LEU E 42 -19.52 -6.73 5.87
CA LEU E 42 -18.17 -7.23 5.71
C LEU E 42 -17.20 -6.67 6.74
N VAL E 43 -17.59 -5.76 7.63
CA VAL E 43 -16.68 -5.21 8.63
C VAL E 43 -17.09 -5.78 9.98
N GLN E 44 -16.20 -6.55 10.62
CA GLN E 44 -16.40 -7.05 11.97
C GLN E 44 -16.12 -5.91 12.95
N SER E 45 -17.09 -5.47 13.73
CA SER E 45 -16.90 -4.29 14.55
C SER E 45 -17.06 -4.49 16.03
N SER E 46 -17.16 -5.74 16.47
CA SER E 46 -17.32 -5.97 17.89
C SER E 46 -16.49 -7.14 18.34
N SER E 47 -15.94 -7.05 19.55
CA SER E 47 -15.16 -8.10 20.14
C SER E 47 -16.04 -8.76 21.18
N THR E 48 -15.62 -9.93 21.62
CA THR E 48 -16.31 -10.62 22.71
C THR E 48 -15.88 -10.00 24.03
N GLY E 49 -14.73 -9.34 24.05
CA GLY E 49 -14.22 -8.73 25.26
C GLY E 49 -13.32 -9.69 25.99
N LYS E 50 -13.16 -10.89 25.51
CA LYS E 50 -12.32 -11.86 26.19
C LYS E 50 -11.35 -12.49 25.23
N ILE E 51 -10.12 -12.70 25.66
CA ILE E 51 -9.11 -13.35 24.84
C ILE E 51 -9.32 -14.83 24.99
N CYS E 52 -9.77 -15.52 23.96
CA CYS E 52 -9.92 -16.97 24.05
C CYS E 52 -8.57 -17.65 24.18
N ASN E 53 -8.49 -18.59 25.09
CA ASN E 53 -7.24 -19.31 25.40
C ASN E 53 -6.91 -20.47 24.47
N ASN E 54 -7.49 -20.45 23.29
CA ASN E 54 -7.35 -21.56 22.36
C ASN E 54 -7.65 -21.05 20.97
N PRO E 55 -7.00 -21.40 19.87
CA PRO E 55 -5.90 -22.32 19.72
C PRO E 55 -4.49 -21.85 20.01
N HIS E 56 -4.21 -20.58 20.32
CA HIS E 56 -2.81 -20.22 20.52
C HIS E 56 -2.50 -20.36 22.00
N ARG E 57 -1.25 -20.37 22.41
CA ARG E 57 -0.90 -20.54 23.80
C ARG E 57 -0.77 -19.18 24.45
N ILE E 58 -1.78 -18.69 25.14
CA ILE E 58 -1.70 -17.36 25.73
C ILE E 58 -1.01 -17.48 27.08
N LEU E 59 0.01 -16.68 27.42
CA LEU E 59 0.64 -16.74 28.72
C LEU E 59 0.26 -15.44 29.43
N ASP E 60 -0.52 -15.41 30.52
CA ASP E 60 -0.91 -14.14 31.07
C ASP E 60 0.23 -13.69 31.94
N GLY E 61 0.72 -12.48 31.74
CA GLY E 61 1.88 -12.04 32.45
C GLY E 61 1.57 -11.65 33.86
N ILE E 62 0.29 -11.60 34.24
CA ILE E 62 -0.20 -11.16 35.54
C ILE E 62 0.46 -9.82 35.88
N ASP E 63 1.26 -9.66 36.92
CA ASP E 63 1.90 -8.38 37.16
C ASP E 63 3.38 -8.33 36.84
N CYS E 64 3.78 -9.08 35.82
CA CYS E 64 5.11 -9.10 35.29
C CYS E 64 5.14 -8.65 33.84
N THR E 65 6.06 -7.76 33.49
CA THR E 65 6.27 -7.51 32.09
C THR E 65 7.15 -8.65 31.60
N LEU E 66 7.30 -8.87 30.31
CA LEU E 66 8.14 -9.94 29.82
C LEU E 66 9.58 -9.72 30.21
N ILE E 67 10.11 -8.49 30.17
CA ILE E 67 11.52 -8.26 30.56
C ILE E 67 11.75 -8.64 32.04
N ASP E 68 10.86 -8.30 32.99
CA ASP E 68 11.06 -8.72 34.36
C ASP E 68 10.95 -10.22 34.49
N ALA E 69 10.06 -10.88 33.74
CA ALA E 69 10.02 -12.33 33.73
C ALA E 69 11.39 -12.85 33.25
N LEU E 70 11.97 -12.19 32.25
CA LEU E 70 13.23 -12.63 31.67
C LEU E 70 14.37 -12.46 32.67
N LEU E 71 14.51 -11.28 33.23
CA LEU E 71 15.60 -10.98 34.14
C LEU E 71 15.50 -11.79 35.43
N GLY E 72 14.30 -11.99 35.92
CA GLY E 72 14.11 -12.83 37.07
C GLY E 72 13.79 -12.07 38.31
N ASP E 73 12.94 -11.06 38.19
CA ASP E 73 12.42 -10.31 39.32
C ASP E 73 11.84 -11.36 40.27
N PRO E 74 12.09 -11.37 41.57
CA PRO E 74 11.56 -12.36 42.47
C PRO E 74 10.09 -12.61 42.25
N HIS E 75 9.30 -11.55 42.16
CA HIS E 75 7.86 -11.73 42.03
C HIS E 75 7.47 -12.39 40.73
N CYS E 76 8.35 -12.44 39.75
CA CYS E 76 8.07 -13.07 38.48
C CYS E 76 8.70 -14.43 38.37
N ASP E 77 9.19 -15.04 39.47
CA ASP E 77 9.85 -16.34 39.35
C ASP E 77 8.95 -17.45 38.80
N VAL E 78 7.66 -17.18 38.85
CA VAL E 78 6.62 -18.06 38.31
C VAL E 78 6.86 -18.39 36.86
N PHE E 79 7.44 -17.47 36.08
CA PHE E 79 7.58 -17.67 34.65
C PHE E 79 8.84 -18.36 34.22
N GLN E 80 9.65 -18.92 35.12
CA GLN E 80 10.92 -19.49 34.67
C GLN E 80 10.69 -20.61 33.67
N ASN E 81 11.40 -20.57 32.55
CA ASN E 81 11.31 -21.57 31.51
C ASN E 81 9.94 -21.65 30.87
N GLU E 82 9.11 -20.62 31.03
CA GLU E 82 7.80 -20.62 30.45
C GLU E 82 7.81 -20.44 28.93
N THR E 83 6.70 -20.65 28.23
CA THR E 83 6.65 -20.50 26.78
C THR E 83 5.31 -19.98 26.36
N TRP E 84 5.19 -19.46 25.14
CA TRP E 84 3.95 -18.83 24.72
C TRP E 84 3.84 -18.68 23.21
N ASP E 85 2.60 -18.55 22.76
CA ASP E 85 2.37 -18.10 21.41
C ASP E 85 2.14 -16.60 21.51
N LEU E 86 1.47 -16.16 22.59
CA LEU E 86 1.21 -14.78 22.75
C LEU E 86 1.43 -14.50 24.21
N PHE E 87 2.33 -13.58 24.56
CA PHE E 87 2.52 -13.19 25.94
C PHE E 87 1.64 -11.98 26.13
N VAL E 88 0.72 -11.93 27.09
CA VAL E 88 -0.14 -10.78 27.30
C VAL E 88 0.42 -9.98 28.43
N GLU E 89 0.76 -8.71 28.25
CA GLU E 89 1.25 -7.91 29.35
C GLU E 89 0.09 -7.05 29.83
N ARG E 90 0.03 -6.83 31.15
CA ARG E 90 -1.12 -6.15 31.77
C ARG E 90 -0.75 -4.77 32.26
N SER E 91 -1.66 -3.81 32.28
CA SER E 91 -1.35 -2.46 32.71
C SER E 91 -0.92 -2.38 34.16
N LYS E 92 -1.25 -3.42 34.91
CA LYS E 92 -0.97 -3.48 36.32
C LYS E 92 0.38 -4.01 36.65
N ALA E 93 1.16 -4.43 35.66
CA ALA E 93 2.43 -5.04 35.94
C ALA E 93 3.36 -4.03 36.59
N PHE E 94 4.27 -4.48 37.42
CA PHE E 94 5.14 -3.58 38.13
C PHE E 94 6.45 -4.28 38.30
N SER E 95 7.53 -3.54 38.44
CA SER E 95 8.80 -4.15 38.75
C SER E 95 9.03 -3.92 40.22
N ASN E 96 9.73 -4.83 40.84
CA ASN E 96 9.92 -4.74 42.25
C ASN E 96 11.24 -5.37 42.62
N CYS E 97 12.34 -4.88 42.05
CA CYS E 97 13.67 -5.40 42.33
C CYS E 97 14.64 -4.26 42.08
N TYR E 98 15.93 -4.50 41.91
CA TYR E 98 16.93 -3.46 41.75
C TYR E 98 16.57 -2.56 40.60
N PRO E 99 16.63 -1.23 40.73
CA PRO E 99 16.32 -0.30 39.66
C PRO E 99 17.24 -0.53 38.46
N TYR E 100 16.69 -0.79 37.29
CA TYR E 100 17.51 -1.07 36.13
C TYR E 100 17.03 -0.28 34.94
N ASP E 101 17.78 -0.19 33.84
CA ASP E 101 17.28 0.38 32.62
C ASP E 101 17.84 -0.47 31.51
N VAL E 102 17.16 -0.55 30.38
CA VAL E 102 17.65 -1.35 29.29
C VAL E 102 17.81 -0.43 28.08
N PRO E 103 19.02 -0.09 27.64
CA PRO E 103 19.29 0.78 26.51
C PRO E 103 18.40 0.53 25.33
N ASP E 104 18.19 -0.66 24.80
CA ASP E 104 17.20 -0.72 23.75
C ASP E 104 16.12 -1.69 24.17
N TYR E 105 15.43 -1.31 25.23
CA TYR E 105 14.36 -2.11 25.81
C TYR E 105 13.47 -2.66 24.74
N ALA E 106 13.10 -1.80 23.83
CA ALA E 106 12.22 -2.15 22.76
C ALA E 106 12.74 -3.26 21.86
N SER E 107 14.03 -3.33 21.54
CA SER E 107 14.46 -4.47 20.77
C SER E 107 14.58 -5.72 21.61
N LEU E 108 15.06 -5.69 22.86
CA LEU E 108 15.15 -6.89 23.69
C LEU E 108 13.76 -7.46 23.96
N ARG E 109 12.75 -6.66 24.29
CA ARG E 109 11.37 -7.12 24.41
C ARG E 109 10.93 -7.80 23.11
N SER E 110 11.21 -7.23 21.93
CA SER E 110 10.80 -7.82 20.68
C SER E 110 11.41 -9.18 20.46
N LEU E 111 12.72 -9.19 20.63
CA LEU E 111 13.55 -10.33 20.36
C LEU E 111 13.17 -11.51 21.23
N VAL E 112 12.90 -11.31 22.53
CA VAL E 112 12.44 -12.40 23.38
C VAL E 112 10.99 -12.73 23.06
N ALA E 113 10.15 -11.72 22.84
CA ALA E 113 8.75 -11.92 22.58
C ALA E 113 8.49 -12.82 21.40
N SER E 114 9.27 -12.76 20.34
CA SER E 114 9.00 -13.67 19.25
C SER E 114 9.82 -14.94 19.30
N SER E 115 10.82 -15.02 20.16
CA SER E 115 11.53 -16.28 20.34
C SER E 115 10.51 -17.21 20.98
N GLY E 116 9.79 -16.71 21.96
CA GLY E 116 8.72 -17.45 22.57
C GLY E 116 9.13 -18.41 23.67
N THR E 117 10.30 -18.31 24.28
CA THR E 117 10.66 -19.22 25.34
C THR E 117 11.59 -18.52 26.30
N LEU E 118 11.40 -18.79 27.59
CA LEU E 118 12.26 -18.24 28.61
C LEU E 118 13.18 -19.32 29.17
N GLU E 119 13.30 -20.46 28.44
CA GLU E 119 14.15 -21.60 28.76
C GLU E 119 15.57 -21.21 29.02
N PHE E 120 16.01 -21.41 30.24
CA PHE E 120 17.33 -20.97 30.64
C PHE E 120 18.17 -22.16 31.03
N ILE E 121 19.44 -22.11 30.61
CA ILE E 121 20.39 -23.17 30.87
C ILE E 121 21.47 -22.53 31.72
N THR E 122 21.74 -23.01 32.92
CA THR E 122 22.80 -22.43 33.73
C THR E 122 24.13 -22.97 33.27
N GLU E 123 25.14 -22.14 33.14
CA GLU E 123 26.43 -22.60 32.68
C GLU E 123 27.46 -22.40 33.77
N GLY E 124 28.56 -23.14 33.67
CA GLY E 124 29.55 -23.15 34.71
C GLY E 124 30.57 -22.04 34.61
N PHE E 125 30.17 -20.78 34.80
CA PHE E 125 31.14 -19.72 34.72
C PHE E 125 31.92 -19.73 36.01
N THR E 126 33.23 -19.49 35.97
CA THR E 126 33.99 -19.49 37.20
C THR E 126 34.53 -18.09 37.40
N TRP E 127 34.06 -17.42 38.42
CA TRP E 127 34.54 -16.07 38.67
C TRP E 127 35.55 -16.15 39.79
N THR E 128 36.86 -16.17 39.49
CA THR E 128 37.86 -16.31 40.56
C THR E 128 38.34 -14.99 41.10
N GLY E 129 38.24 -14.76 42.39
CA GLY E 129 38.80 -13.55 42.96
C GLY E 129 37.77 -12.49 43.26
N VAL E 130 36.50 -12.77 43.06
CA VAL E 130 35.42 -11.83 43.32
C VAL E 130 34.38 -12.56 44.17
N THR E 131 33.56 -11.82 44.88
CA THR E 131 32.48 -12.37 45.67
C THR E 131 31.25 -12.50 44.80
N GLN E 132 30.61 -13.66 44.76
CA GLN E 132 29.43 -13.88 43.93
C GLN E 132 28.12 -13.63 44.62
N ASN E 133 27.06 -13.64 43.84
CA ASN E 133 25.71 -13.63 44.36
C ASN E 133 25.29 -12.41 45.15
N GLY E 134 25.83 -11.22 44.86
CA GLY E 134 25.39 -10.00 45.55
C GLY E 134 23.88 -9.79 45.40
N GLY E 135 23.26 -9.18 46.40
CA GLY E 135 21.83 -8.98 46.38
C GLY E 135 21.56 -7.62 47.01
N SER E 136 20.31 -7.22 47.05
CA SER E 136 19.94 -5.93 47.52
C SER E 136 18.64 -6.08 48.23
N ASN E 137 18.42 -5.16 49.13
CA ASN E 137 17.19 -5.15 49.85
C ASN E 137 16.05 -4.60 49.02
N ALA E 138 16.34 -3.96 47.89
CA ALA E 138 15.29 -3.52 46.98
C ALA E 138 14.77 -4.64 46.10
N CYS E 139 15.39 -5.83 46.16
CA CYS E 139 14.99 -6.99 45.40
C CYS E 139 14.86 -8.12 46.40
N LYS E 140 14.01 -7.93 47.39
CA LYS E 140 13.82 -8.88 48.48
C LYS E 140 13.43 -10.25 47.95
N ARG E 141 14.18 -11.31 48.23
CA ARG E 141 13.71 -12.60 47.82
C ARG E 141 13.48 -13.28 49.14
N GLY E 142 12.19 -13.40 49.42
CA GLY E 142 11.74 -13.91 50.70
C GLY E 142 11.99 -12.84 51.76
N PRO E 143 12.52 -13.18 52.93
CA PRO E 143 12.80 -12.22 53.99
C PRO E 143 14.08 -11.45 53.71
N GLY E 144 15.00 -12.09 52.97
CA GLY E 144 16.33 -11.57 52.74
C GLY E 144 16.46 -10.66 51.55
N SER E 145 17.68 -10.19 51.38
CA SER E 145 18.08 -9.43 50.21
C SER E 145 18.07 -10.39 49.04
N GLY E 146 17.96 -9.91 47.81
CA GLY E 146 17.98 -10.80 46.64
C GLY E 146 18.36 -10.01 45.41
N PHE E 147 18.26 -10.62 44.25
CA PHE E 147 18.61 -9.99 43.00
C PHE E 147 17.92 -10.77 41.90
N PHE E 148 18.09 -10.39 40.64
CA PHE E 148 17.44 -11.08 39.55
C PHE E 148 17.90 -12.53 39.52
N SER E 149 17.00 -13.52 39.40
CA SER E 149 17.44 -14.88 39.39
C SER E 149 18.39 -15.23 38.27
N ARG E 150 18.35 -14.55 37.12
CA ARG E 150 19.19 -14.95 36.02
C ARG E 150 20.48 -14.19 35.88
N LEU E 151 20.86 -13.32 36.82
CA LEU E 151 22.07 -12.50 36.70
C LEU E 151 22.94 -12.69 37.95
N ASN E 152 24.23 -12.34 37.98
CA ASN E 152 25.06 -12.65 39.13
C ASN E 152 25.92 -11.46 39.45
N TRP E 153 25.63 -10.74 40.54
CA TRP E 153 26.34 -9.51 40.90
C TRP E 153 27.65 -9.81 41.58
N LEU E 154 28.75 -9.43 40.96
CA LEU E 154 30.06 -9.72 41.48
C LEU E 154 30.59 -8.46 42.13
N THR E 155 31.18 -8.62 43.30
CA THR E 155 31.81 -7.56 44.06
C THR E 155 33.20 -8.01 44.46
N LYS E 156 34.03 -7.15 45.03
CA LYS E 156 35.40 -7.54 45.40
C LYS E 156 35.47 -8.66 46.41
N SER E 157 36.63 -9.34 46.46
CA SER E 157 36.87 -10.26 47.55
C SER E 157 38.03 -9.67 48.31
N GLY E 158 37.78 -9.38 49.58
CA GLY E 158 38.79 -8.82 50.44
C GLY E 158 39.16 -7.43 49.97
N SER E 159 40.29 -7.29 49.30
CA SER E 159 40.69 -5.97 48.87
C SER E 159 40.99 -5.90 47.40
N THR E 160 40.42 -6.83 46.64
CA THR E 160 40.74 -6.88 45.25
C THR E 160 39.59 -7.36 44.38
N TYR E 161 39.49 -6.73 43.22
CA TYR E 161 38.61 -7.18 42.17
C TYR E 161 39.59 -7.36 41.03
N PRO E 162 39.88 -8.59 40.60
CA PRO E 162 40.81 -8.90 39.52
C PRO E 162 40.29 -8.54 38.14
N VAL E 163 41.10 -8.71 37.12
CA VAL E 163 40.58 -8.58 35.79
C VAL E 163 39.98 -9.92 35.46
N LEU E 164 38.68 -9.99 35.42
CA LEU E 164 38.02 -11.22 35.08
C LEU E 164 38.14 -11.36 33.58
N ASN E 165 38.49 -12.54 33.11
CA ASN E 165 38.57 -12.79 31.70
C ASN E 165 38.08 -14.20 31.50
N VAL E 166 36.78 -14.44 31.30
CA VAL E 166 36.26 -15.79 31.17
C VAL E 166 35.73 -16.06 29.77
N THR E 167 35.53 -17.32 29.41
CA THR E 167 35.06 -17.63 28.07
C THR E 167 34.08 -18.80 28.08
N MET E 168 33.10 -18.78 27.21
CA MET E 168 32.11 -19.83 27.14
C MET E 168 31.84 -20.12 25.67
N PRO E 169 32.17 -21.29 25.15
CA PRO E 169 31.99 -21.68 23.75
C PRO E 169 30.59 -22.07 23.41
N ASN E 170 30.14 -21.71 22.22
CA ASN E 170 28.85 -22.18 21.79
C ASN E 170 29.18 -23.42 21.03
N ASN E 171 28.97 -24.55 21.69
CA ASN E 171 29.29 -25.78 21.01
C ASN E 171 28.08 -26.51 20.51
N ASP E 172 26.91 -26.02 20.87
CA ASP E 172 25.68 -26.66 20.51
C ASP E 172 25.36 -26.16 19.13
N ASN E 173 24.21 -26.50 18.64
CA ASN E 173 23.86 -26.19 17.27
C ASN E 173 22.77 -25.16 17.23
N PHE E 174 22.63 -24.34 18.26
CA PHE E 174 21.61 -23.31 18.27
C PHE E 174 22.21 -22.01 18.76
N ASP E 175 21.52 -20.89 18.59
CA ASP E 175 22.03 -19.65 19.12
C ASP E 175 21.69 -19.57 20.58
N LYS E 176 22.55 -18.87 21.30
CA LYS E 176 22.43 -18.68 22.71
C LYS E 176 22.25 -17.20 22.98
N LEU E 177 21.23 -16.78 23.71
CA LEU E 177 21.05 -15.38 24.05
C LEU E 177 21.64 -15.21 25.45
N TYR E 178 22.59 -14.30 25.68
CA TYR E 178 23.13 -14.03 27.01
C TYR E 178 22.66 -12.69 27.48
N ILE E 179 22.04 -12.55 28.66
CA ILE E 179 21.67 -11.25 29.23
C ILE E 179 22.71 -10.94 30.30
N TRP E 180 23.33 -9.78 30.27
CA TRP E 180 24.32 -9.40 31.24
C TRP E 180 24.12 -7.93 31.55
N GLY E 181 24.93 -7.23 32.34
CA GLY E 181 24.68 -5.84 32.62
C GLY E 181 25.84 -5.23 33.36
N ILE E 182 25.69 -3.98 33.77
CA ILE E 182 26.73 -3.26 34.44
C ILE E 182 26.11 -2.47 35.58
N HIS E 183 26.80 -2.24 36.72
CA HIS E 183 26.23 -1.51 37.84
C HIS E 183 26.81 -0.11 37.86
N HIS E 184 25.93 0.90 37.85
CA HIS E 184 26.28 2.30 37.89
C HIS E 184 26.18 2.79 39.34
N PRO E 185 27.28 2.99 40.06
CA PRO E 185 27.27 3.46 41.44
C PRO E 185 26.78 4.88 41.65
N SER E 186 26.29 5.25 42.83
CA SER E 186 25.93 6.63 43.05
C SER E 186 27.12 7.49 43.36
N THR E 187 28.10 6.98 44.08
CA THR E 187 29.23 7.80 44.49
C THR E 187 30.53 7.12 44.15
N ASN E 188 31.60 7.88 44.02
CA ASN E 188 32.93 7.31 43.82
C ASN E 188 33.30 6.44 44.99
N GLN E 189 32.82 6.80 46.18
CA GLN E 189 33.03 5.99 47.35
C GLN E 189 32.37 4.65 47.13
N GLU E 190 31.11 4.58 46.72
CA GLU E 190 30.43 3.33 46.45
C GLU E 190 31.24 2.49 45.45
N GLN E 191 31.74 3.13 44.40
CA GLN E 191 32.52 2.48 43.38
C GLN E 191 33.69 1.74 43.97
N THR E 192 34.48 2.42 44.77
CA THR E 192 35.67 1.82 45.31
C THR E 192 35.37 0.80 46.40
N SER E 193 34.34 1.02 47.19
CA SER E 193 33.94 0.06 48.19
C SER E 193 33.59 -1.25 47.53
N LEU E 194 32.78 -1.23 46.49
CA LEU E 194 32.37 -2.46 45.86
C LEU E 194 33.39 -3.03 44.89
N TYR E 195 33.98 -2.23 44.01
CA TYR E 195 34.78 -2.81 42.96
C TYR E 195 36.24 -2.41 43.00
N VAL E 196 36.68 -1.72 44.05
CA VAL E 196 38.07 -1.30 44.29
C VAL E 196 38.56 -0.31 43.24
N GLN E 197 38.64 -0.67 41.95
CA GLN E 197 39.02 0.23 40.89
C GLN E 197 38.12 1.45 40.90
N ALA E 198 38.65 2.66 40.70
CA ALA E 198 37.75 3.81 40.65
C ALA E 198 36.99 3.94 39.34
N SER E 199 37.29 3.11 38.35
CA SER E 199 36.59 3.12 37.09
C SER E 199 36.52 1.67 36.61
N GLY E 200 35.32 1.13 36.55
CA GLY E 200 35.10 -0.23 36.08
C GLY E 200 35.02 -0.25 34.56
N ARG E 201 34.78 -1.39 33.96
CA ARG E 201 34.75 -1.55 32.51
C ARG E 201 34.26 -2.94 32.24
N VAL E 202 33.34 -3.14 31.31
CA VAL E 202 32.87 -4.47 30.95
C VAL E 202 33.02 -4.58 29.46
N THR E 203 33.69 -5.60 28.93
CA THR E 203 33.82 -5.83 27.49
C THR E 203 33.30 -7.24 27.23
N VAL E 204 32.23 -7.40 26.45
CA VAL E 204 31.67 -8.70 26.13
C VAL E 204 31.75 -8.83 24.63
N SER E 205 32.38 -9.91 24.16
CA SER E 205 32.67 -10.08 22.77
C SER E 205 32.54 -11.50 22.25
N THR E 206 32.38 -11.60 20.94
CA THR E 206 32.35 -12.86 20.23
C THR E 206 33.34 -12.67 19.09
N ARG E 207 33.54 -13.63 18.22
CA ARG E 207 34.39 -13.42 17.07
C ARG E 207 33.79 -12.37 16.17
N ARG E 208 32.47 -12.18 16.22
CA ARG E 208 31.79 -11.23 15.37
C ARG E 208 31.54 -9.85 15.98
N SER E 209 31.57 -9.65 17.28
CA SER E 209 31.15 -8.37 17.80
C SER E 209 31.81 -8.10 19.11
N GLN E 210 31.63 -6.90 19.65
CA GLN E 210 32.15 -6.55 20.96
C GLN E 210 31.38 -5.35 21.49
N GLN E 211 31.14 -5.29 22.79
CA GLN E 211 30.58 -4.16 23.43
C GLN E 211 31.49 -3.88 24.58
N THR E 212 31.85 -2.63 24.80
CA THR E 212 32.53 -2.24 26.01
C THR E 212 31.67 -1.14 26.56
N ILE E 213 31.24 -1.29 27.81
CA ILE E 213 30.43 -0.31 28.50
C ILE E 213 31.23 0.09 29.73
N ILE E 214 31.32 1.37 30.01
CA ILE E 214 31.97 1.83 31.22
C ILE E 214 30.84 2.39 32.07
N PRO E 215 30.79 2.15 33.38
CA PRO E 215 29.74 2.61 34.27
C PRO E 215 29.70 4.10 34.38
N ASN E 216 28.69 4.68 35.01
CA ASN E 216 28.58 6.12 35.11
C ASN E 216 28.12 6.45 36.50
N ILE E 217 28.96 7.13 37.26
CA ILE E 217 28.66 7.39 38.64
C ILE E 217 27.93 8.69 38.76
N GLY E 218 26.91 8.72 39.61
CA GLY E 218 26.17 9.94 39.86
C GLY E 218 24.87 9.56 40.50
N SER E 219 24.21 10.51 41.16
CA SER E 219 22.96 10.15 41.79
C SER E 219 21.83 10.23 40.79
N ARG E 220 20.99 9.20 40.81
CA ARG E 220 19.76 9.22 40.08
C ARG E 220 18.62 9.39 41.12
N PRO E 221 17.35 9.47 40.73
CA PRO E 221 16.25 9.58 41.67
C PRO E 221 16.15 8.29 42.49
N TRP E 222 15.92 8.45 43.78
CA TRP E 222 15.61 7.38 44.71
C TRP E 222 14.48 6.54 44.15
N VAL E 223 14.78 5.28 43.91
CA VAL E 223 13.82 4.28 43.49
C VAL E 223 14.16 3.11 44.39
N ARG E 224 13.17 2.67 45.16
CA ARG E 224 13.27 1.61 46.14
C ARG E 224 14.50 1.74 47.02
N GLY E 225 14.72 2.95 47.54
CA GLY E 225 15.82 3.19 48.44
C GLY E 225 17.14 3.43 47.75
N LEU E 226 17.19 3.33 46.43
CA LEU E 226 18.44 3.41 45.71
C LEU E 226 18.59 4.53 44.70
N SER E 227 19.79 5.09 44.59
CA SER E 227 20.10 6.03 43.52
C SER E 227 21.01 5.40 42.52
N SER E 228 21.43 4.16 42.74
CA SER E 228 22.25 3.49 41.76
C SER E 228 21.31 2.86 40.77
N ARG E 229 21.84 2.30 39.69
CA ARG E 229 21.05 1.68 38.64
C ARG E 229 21.87 0.57 38.05
N ILE E 230 21.26 -0.41 37.38
CA ILE E 230 22.07 -1.30 36.58
C ILE E 230 21.51 -1.23 35.18
N SER E 231 22.32 -1.23 34.11
CA SER E 231 21.78 -1.23 32.76
C SER E 231 21.93 -2.62 32.20
N ILE E 232 20.95 -3.15 31.48
CA ILE E 232 20.95 -4.49 30.93
C ILE E 232 21.39 -4.50 29.47
N TYR E 233 22.18 -5.47 29.05
CA TYR E 233 22.66 -5.62 27.67
C TYR E 233 22.45 -7.07 27.24
N TRP E 234 22.60 -7.45 25.98
CA TRP E 234 22.35 -8.80 25.54
C TRP E 234 23.33 -9.17 24.45
N THR E 235 23.74 -10.41 24.29
CA THR E 235 24.68 -10.80 23.27
C THR E 235 24.17 -12.11 22.74
N ILE E 236 23.92 -12.28 21.46
CA ILE E 236 23.52 -13.60 20.96
C ILE E 236 24.79 -14.31 20.51
N VAL E 237 25.04 -15.58 20.82
CA VAL E 237 26.28 -16.23 20.42
C VAL E 237 25.89 -17.34 19.48
N LYS E 238 26.44 -17.31 18.28
CA LYS E 238 26.06 -18.26 17.24
C LYS E 238 26.75 -19.60 17.39
N PRO E 239 26.26 -20.72 16.85
CA PRO E 239 26.91 -22.03 16.97
C PRO E 239 28.31 -21.91 16.43
N GLY E 240 29.26 -22.41 17.17
CA GLY E 240 30.63 -22.36 16.76
C GLY E 240 31.36 -21.11 17.24
N ASP E 241 30.64 -20.09 17.73
CA ASP E 241 31.33 -18.88 18.17
C ASP E 241 31.71 -19.02 19.63
N VAL E 242 32.17 -17.98 20.29
CA VAL E 242 32.61 -18.09 21.66
C VAL E 242 32.38 -16.77 22.35
N LEU E 243 31.89 -16.78 23.60
CA LEU E 243 31.68 -15.57 24.36
C LEU E 243 32.91 -15.36 25.22
N VAL E 244 33.47 -14.16 25.29
CA VAL E 244 34.57 -13.82 26.18
C VAL E 244 34.08 -12.63 27.01
N ILE E 245 33.99 -12.74 28.33
CA ILE E 245 33.56 -11.64 29.18
C ILE E 245 34.80 -11.19 29.89
N ASN E 246 35.10 -9.91 29.82
CA ASN E 246 36.30 -9.39 30.37
C ASN E 246 35.95 -8.15 31.13
N SER E 247 36.23 -8.09 32.42
CA SER E 247 35.84 -6.95 33.18
C SER E 247 36.82 -6.75 34.28
N ASN E 248 36.73 -5.55 34.80
CA ASN E 248 37.69 -5.00 35.74
C ASN E 248 36.96 -4.27 36.86
N GLY E 249 35.62 -4.41 36.88
CA GLY E 249 34.79 -3.79 37.88
C GLY E 249 33.39 -3.58 37.31
N ASN E 250 32.38 -3.55 38.17
CA ASN E 250 30.98 -3.26 37.84
C ASN E 250 30.18 -4.30 37.02
N LEU E 251 30.70 -5.50 36.76
CA LEU E 251 29.99 -6.48 35.95
C LEU E 251 28.88 -7.15 36.72
N ILE E 252 27.69 -7.19 36.14
CA ILE E 252 26.57 -8.00 36.61
C ILE E 252 26.62 -9.16 35.61
N ALA E 253 27.13 -10.34 35.98
CA ALA E 253 27.43 -11.43 35.06
C ALA E 253 26.30 -12.36 34.69
N PRO E 254 26.26 -13.02 33.54
CA PRO E 254 25.19 -13.93 33.18
C PRO E 254 25.34 -15.23 33.96
N ARG E 255 24.26 -15.95 34.27
CA ARG E 255 24.37 -17.29 34.87
C ARG E 255 24.26 -18.38 33.81
N GLY E 256 24.02 -18.05 32.54
CA GLY E 256 23.92 -19.03 31.49
C GLY E 256 23.20 -18.41 30.31
N TYR E 257 22.49 -19.19 29.52
CA TYR E 257 21.89 -18.62 28.33
C TYR E 257 20.45 -18.96 28.21
N PHE E 258 19.72 -18.06 27.58
CA PHE E 258 18.34 -18.33 27.22
C PHE E 258 18.46 -18.98 25.87
N LYS E 259 17.64 -19.94 25.55
CA LYS E 259 17.79 -20.42 24.22
C LYS E 259 16.79 -19.78 23.30
N MET E 260 17.21 -19.56 22.09
CA MET E 260 16.38 -18.85 21.15
C MET E 260 15.70 -19.78 20.20
N ARG E 261 14.47 -19.47 19.82
CA ARG E 261 13.90 -20.19 18.72
C ARG E 261 13.18 -19.26 17.75
N THR E 262 12.57 -19.84 16.73
CA THR E 262 11.96 -19.12 15.64
C THR E 262 10.57 -19.63 15.55
N GLY E 263 9.54 -18.82 15.69
CA GLY E 263 8.19 -19.34 15.61
C GLY E 263 7.21 -18.21 15.42
N LYS E 264 5.96 -18.43 15.82
CA LYS E 264 4.92 -17.45 15.61
C LYS E 264 4.60 -16.67 16.86
N SER E 265 5.55 -16.58 17.78
CA SER E 265 5.26 -15.95 19.04
C SER E 265 5.37 -14.46 18.91
N SER E 266 4.64 -13.76 19.76
CA SER E 266 4.63 -12.33 19.79
C SER E 266 4.14 -11.93 21.17
N ILE E 267 3.98 -10.65 21.44
CA ILE E 267 3.54 -10.20 22.76
C ILE E 267 2.40 -9.21 22.53
N MET E 268 1.51 -8.95 23.48
CA MET E 268 0.38 -8.07 23.24
C MET E 268 0.10 -7.39 24.55
N ARG E 269 -0.21 -6.11 24.55
CA ARG E 269 -0.52 -5.46 25.79
C ARG E 269 -2.04 -5.43 25.81
N SER E 270 -2.66 -5.95 26.87
CA SER E 270 -4.09 -6.03 26.91
C SER E 270 -4.51 -6.33 28.34
N ASP E 271 -5.59 -5.68 28.80
CA ASP E 271 -6.18 -6.07 30.06
C ASP E 271 -7.42 -6.90 29.82
N ALA E 272 -7.62 -7.42 28.62
CA ALA E 272 -8.75 -8.30 28.40
C ALA E 272 -8.59 -9.58 29.22
N PRO E 273 -9.69 -10.15 29.71
CA PRO E 273 -9.75 -11.40 30.47
C PRO E 273 -9.48 -12.53 29.55
N ILE E 274 -8.71 -13.52 29.94
CA ILE E 274 -8.54 -14.71 29.11
C ILE E 274 -9.65 -15.66 29.53
N ASP E 275 -10.26 -16.32 28.57
CA ASP E 275 -11.42 -17.13 28.85
C ASP E 275 -11.31 -18.37 28.02
N THR E 276 -12.15 -19.36 28.25
CA THR E 276 -11.97 -20.62 27.58
C THR E 276 -12.92 -20.74 26.44
N CYS E 277 -12.40 -20.56 25.24
CA CYS E 277 -13.17 -20.63 24.01
C CYS E 277 -12.18 -20.77 22.88
N ILE E 278 -12.56 -21.11 21.68
CA ILE E 278 -11.53 -21.22 20.66
C ILE E 278 -11.80 -20.09 19.68
N SER E 279 -10.77 -19.30 19.40
CA SER E 279 -10.83 -18.16 18.51
C SER E 279 -9.46 -18.00 17.91
N GLU E 280 -9.42 -17.78 16.62
CA GLU E 280 -8.17 -17.64 15.94
C GLU E 280 -7.54 -16.27 15.95
N CYS E 281 -8.37 -15.22 16.02
CA CYS E 281 -7.91 -13.87 15.87
C CYS E 281 -7.91 -13.19 17.21
N ILE E 282 -6.82 -12.54 17.65
CA ILE E 282 -6.82 -11.88 18.93
C ILE E 282 -6.48 -10.43 18.72
N THR E 283 -7.19 -9.60 19.44
CA THR E 283 -7.15 -8.16 19.40
C THR E 283 -6.93 -7.76 20.84
N PRO E 284 -6.29 -6.66 21.21
CA PRO E 284 -6.15 -6.31 22.61
C PRO E 284 -7.53 -6.08 23.20
N ASN E 285 -8.54 -5.77 22.39
CA ASN E 285 -9.93 -5.68 22.87
C ASN E 285 -10.55 -7.04 23.10
N GLY E 286 -9.87 -8.16 22.94
CA GLY E 286 -10.50 -9.46 23.08
C GLY E 286 -10.56 -10.12 21.71
N SER E 287 -10.87 -11.40 21.63
CA SER E 287 -10.95 -12.07 20.35
C SER E 287 -12.12 -11.59 19.52
N ILE E 288 -11.99 -11.74 18.20
CA ILE E 288 -13.04 -11.33 17.28
C ILE E 288 -13.18 -12.43 16.24
N PRO E 289 -14.34 -12.68 15.65
CA PRO E 289 -14.51 -13.70 14.63
C PRO E 289 -14.00 -13.28 13.28
N ASN E 290 -13.21 -14.16 12.69
CA ASN E 290 -12.61 -13.87 11.39
C ASN E 290 -13.44 -14.41 10.25
N ASP E 291 -14.75 -14.38 10.36
CA ASP E 291 -15.61 -14.84 9.28
C ASP E 291 -15.65 -13.72 8.24
N LYS E 292 -15.76 -12.44 8.63
CA LYS E 292 -15.82 -11.31 7.70
C LYS E 292 -14.43 -10.95 7.15
N PRO E 293 -14.23 -10.28 6.01
CA PRO E 293 -12.91 -9.95 5.49
C PRO E 293 -12.23 -8.74 6.10
N PHE E 294 -12.96 -7.81 6.70
CA PHE E 294 -12.35 -6.60 7.24
C PHE E 294 -12.78 -6.43 8.69
N GLN E 295 -12.07 -5.67 9.50
CA GLN E 295 -12.52 -5.46 10.86
C GLN E 295 -12.17 -4.06 11.28
N ASN E 296 -12.92 -3.55 12.23
CA ASN E 296 -12.70 -2.21 12.70
C ASN E 296 -12.48 -2.26 14.19
N VAL E 297 -12.17 -3.45 14.75
CA VAL E 297 -12.01 -3.50 16.19
C VAL E 297 -10.67 -2.93 16.62
N ASN E 298 -9.52 -3.37 16.12
CA ASN E 298 -8.25 -2.78 16.54
C ASN E 298 -7.20 -3.09 15.49
N LYS E 299 -6.26 -2.18 15.27
CA LYS E 299 -5.19 -2.36 14.26
C LYS E 299 -4.14 -3.31 14.78
N ILE E 300 -4.19 -3.64 16.07
CA ILE E 300 -3.31 -4.61 16.65
C ILE E 300 -4.01 -5.94 16.62
N THR E 301 -3.42 -6.91 15.96
CA THR E 301 -4.03 -8.21 15.93
C THR E 301 -2.93 -9.28 15.98
N TYR E 302 -3.31 -10.51 16.31
CA TYR E 302 -2.42 -11.66 16.31
C TYR E 302 -3.22 -12.83 15.76
N GLY E 303 -2.73 -13.58 14.80
CA GLY E 303 -3.49 -14.74 14.34
C GLY E 303 -4.16 -14.52 13.00
N ALA E 304 -5.18 -15.33 12.66
CA ALA E 304 -5.85 -15.22 11.37
C ALA E 304 -6.95 -14.18 11.51
N CYS E 305 -6.69 -12.91 11.15
CA CYS E 305 -7.65 -11.86 11.43
C CYS E 305 -8.10 -11.12 10.21
N PRO E 306 -9.25 -10.44 10.23
CA PRO E 306 -9.69 -9.66 9.09
C PRO E 306 -8.80 -8.40 8.93
N LYS E 307 -8.73 -7.76 7.75
CA LYS E 307 -7.84 -6.64 7.58
C LYS E 307 -8.50 -5.44 8.22
N TYR E 308 -7.78 -4.73 9.09
CA TYR E 308 -8.28 -3.53 9.75
C TYR E 308 -8.54 -2.43 8.75
N VAL E 309 -9.70 -1.81 8.90
CA VAL E 309 -10.19 -0.85 7.95
C VAL E 309 -10.72 0.31 8.79
N LYS E 310 -10.67 1.52 8.25
CA LYS E 310 -11.20 2.67 8.95
C LYS E 310 -12.73 2.59 8.97
N GLN E 311 -13.39 2.04 7.93
CA GLN E 311 -14.84 1.98 7.88
C GLN E 311 -15.44 1.14 9.01
N ASN E 312 -16.58 1.47 9.60
CA ASN E 312 -17.15 0.52 10.57
C ASN E 312 -18.27 -0.29 9.98
N THR E 313 -18.75 0.04 8.79
CA THR E 313 -19.69 -0.82 8.13
C THR E 313 -19.49 -0.77 6.63
N LEU E 314 -19.54 -1.93 5.98
CA LEU E 314 -19.52 -2.06 4.54
C LEU E 314 -20.44 -3.21 4.13
N LYS E 315 -21.58 -2.86 3.57
CA LYS E 315 -22.58 -3.86 3.21
C LYS E 315 -22.46 -4.28 1.79
N LEU E 316 -22.34 -5.59 1.59
CA LEU E 316 -22.25 -6.16 0.27
C LEU E 316 -23.63 -6.63 -0.14
N ALA E 317 -24.19 -6.11 -1.23
CA ALA E 317 -25.49 -6.49 -1.72
C ALA E 317 -25.49 -7.94 -2.09
N THR E 318 -26.50 -8.65 -1.64
CA THR E 318 -26.67 -10.06 -1.98
C THR E 318 -28.04 -10.23 -2.60
N GLY E 319 -28.62 -9.20 -3.21
CA GLY E 319 -29.92 -9.33 -3.80
C GLY E 319 -30.12 -8.21 -4.78
N MET E 320 -31.16 -8.29 -5.60
CA MET E 320 -31.48 -7.30 -6.61
C MET E 320 -31.93 -5.99 -6.00
N ARG E 321 -32.25 -5.00 -6.83
CA ARG E 321 -32.78 -3.75 -6.33
C ARG E 321 -34.17 -3.97 -5.77
N ASN E 322 -34.50 -3.31 -4.66
CA ASN E 322 -35.83 -3.43 -4.08
C ASN E 322 -36.75 -2.37 -4.68
N VAL E 323 -37.72 -2.75 -5.48
CA VAL E 323 -38.65 -1.80 -6.06
C VAL E 323 -40.00 -2.26 -5.52
N PRO E 324 -40.49 -1.90 -4.33
CA PRO E 324 -41.76 -2.39 -3.79
C PRO E 324 -43.04 -1.88 -4.39
N GLU E 325 -44.10 -2.58 -4.00
CA GLU E 325 -45.43 -2.28 -4.47
C GLU E 325 -45.96 -1.01 -3.83
N LYS E 326 -45.96 -0.91 -2.49
CA LYS E 326 -46.48 0.30 -1.90
C LYS E 326 -45.41 1.36 -1.73
N GLN E 327 -44.51 1.19 -0.74
CA GLN E 327 -43.53 2.17 -0.27
C GLN E 327 -42.52 1.41 0.59
N THR E 328 -41.59 2.20 1.08
CA THR E 328 -40.46 1.82 1.91
C THR E 328 -40.08 3.11 2.68
N GLY F 1 -31.00 -1.25 -14.08
CA GLY F 1 -29.56 -1.03 -14.21
C GLY F 1 -29.24 -1.11 -15.69
N LEU F 2 -28.16 -1.79 -16.12
CA LEU F 2 -27.77 -1.77 -17.51
C LEU F 2 -28.82 -2.33 -18.43
N PHE F 3 -29.65 -3.25 -18.00
CA PHE F 3 -30.58 -3.80 -18.97
C PHE F 3 -31.95 -3.15 -18.90
N GLY F 4 -32.28 -2.41 -17.83
CA GLY F 4 -33.53 -1.68 -17.78
C GLY F 4 -34.79 -2.53 -17.66
N ALA F 5 -34.70 -3.71 -17.07
CA ALA F 5 -35.87 -4.51 -16.84
C ALA F 5 -36.29 -4.15 -15.44
N ILE F 6 -35.50 -4.52 -14.43
CA ILE F 6 -35.80 -4.21 -13.03
C ILE F 6 -35.72 -2.69 -12.88
N ALA F 7 -36.75 -2.15 -12.22
CA ALA F 7 -36.92 -0.73 -12.01
C ALA F 7 -36.77 -0.06 -13.37
N GLY F 8 -37.32 -0.72 -14.38
CA GLY F 8 -37.19 -0.28 -15.75
C GLY F 8 -38.52 -0.59 -16.39
N PHE F 9 -38.56 -1.43 -17.42
CA PHE F 9 -39.82 -1.69 -18.05
C PHE F 9 -40.72 -2.51 -17.17
N ILE F 10 -40.15 -3.20 -16.21
CA ILE F 10 -40.98 -3.87 -15.23
C ILE F 10 -41.07 -2.84 -14.13
N GLU F 11 -42.24 -2.21 -14.04
CA GLU F 11 -42.51 -1.12 -13.13
C GLU F 11 -42.11 -1.34 -11.68
N ASN F 12 -42.43 -2.47 -11.08
CA ASN F 12 -42.05 -2.72 -9.70
C ASN F 12 -42.08 -4.19 -9.37
N GLY F 13 -41.53 -4.55 -8.24
CA GLY F 13 -41.48 -5.93 -7.82
C GLY F 13 -42.76 -6.36 -7.16
N TRP F 14 -42.89 -7.65 -6.89
CA TRP F 14 -44.04 -8.23 -6.30
C TRP F 14 -43.63 -8.65 -4.92
N GLU F 15 -44.11 -7.96 -3.88
CA GLU F 15 -43.77 -8.32 -2.51
C GLU F 15 -44.38 -9.67 -2.18
N GLY F 16 -45.46 -9.97 -2.89
CA GLY F 16 -46.13 -11.23 -2.69
C GLY F 16 -45.35 -12.48 -3.10
N MET F 17 -44.35 -12.36 -4.00
CA MET F 17 -43.69 -13.55 -4.49
C MET F 17 -42.70 -14.02 -3.45
N ILE F 18 -43.06 -15.08 -2.76
CA ILE F 18 -42.24 -15.51 -1.65
C ILE F 18 -41.47 -16.76 -1.97
N ASP F 19 -41.79 -17.39 -3.08
CA ASP F 19 -41.25 -18.65 -3.47
C ASP F 19 -40.10 -18.59 -4.46
N GLY F 20 -39.60 -17.42 -4.83
CA GLY F 20 -38.49 -17.34 -5.77
C GLY F 20 -38.22 -15.90 -6.12
N TRP F 21 -37.16 -15.61 -6.88
CA TRP F 21 -36.82 -14.24 -7.15
C TRP F 21 -37.46 -13.68 -8.41
N TYR F 22 -37.74 -14.51 -9.38
CA TYR F 22 -38.30 -14.07 -10.64
C TYR F 22 -39.50 -14.98 -10.91
N GLY F 23 -40.49 -14.57 -11.69
CA GLY F 23 -41.60 -15.47 -11.92
C GLY F 23 -42.71 -14.88 -12.77
N PHE F 24 -43.82 -15.60 -12.81
CA PHE F 24 -44.95 -15.29 -13.68
C PHE F 24 -46.26 -15.07 -12.95
N ARG F 25 -47.14 -14.23 -13.55
CA ARG F 25 -48.53 -13.94 -13.14
C ARG F 25 -49.37 -13.95 -14.42
N HIS F 26 -50.50 -14.62 -14.47
CA HIS F 26 -51.23 -14.74 -15.71
C HIS F 26 -52.71 -14.61 -15.45
N GLN F 27 -53.50 -14.33 -16.47
CA GLN F 27 -54.93 -14.30 -16.31
C GLN F 27 -55.47 -14.87 -17.58
N ASN F 28 -56.02 -16.06 -17.52
CA ASN F 28 -56.59 -16.68 -18.70
C ASN F 28 -58.08 -16.92 -18.43
N SER F 29 -58.81 -17.48 -19.40
CA SER F 29 -60.23 -17.80 -19.27
C SER F 29 -60.54 -18.80 -18.16
N GLU F 30 -59.53 -19.39 -17.54
CA GLU F 30 -59.75 -20.36 -16.50
C GLU F 30 -59.52 -19.66 -15.15
N GLY F 31 -58.68 -18.62 -15.09
CA GLY F 31 -58.40 -17.97 -13.84
C GLY F 31 -57.16 -17.09 -13.90
N THR F 32 -56.59 -16.86 -12.72
CA THR F 32 -55.39 -16.06 -12.57
C THR F 32 -54.46 -16.89 -11.74
N GLY F 33 -53.13 -16.71 -11.84
CA GLY F 33 -52.17 -17.44 -11.00
C GLY F 33 -50.82 -16.75 -11.01
N GLN F 34 -50.01 -17.10 -10.02
CA GLN F 34 -48.67 -16.60 -9.87
C GLN F 34 -47.77 -17.83 -9.74
N ALA F 35 -46.47 -17.78 -10.01
CA ALA F 35 -45.57 -18.93 -9.84
C ALA F 35 -44.11 -18.49 -9.99
N ALA F 36 -43.20 -18.82 -9.08
CA ALA F 36 -41.82 -18.39 -9.23
C ALA F 36 -41.12 -19.20 -10.30
N ASP F 37 -40.09 -18.63 -10.95
CA ASP F 37 -39.33 -19.34 -11.95
C ASP F 37 -38.09 -19.74 -11.22
N LEU F 38 -37.87 -21.03 -11.06
CA LEU F 38 -36.75 -21.43 -10.25
C LEU F 38 -35.43 -21.48 -10.98
N LYS F 39 -35.39 -21.57 -12.30
CA LYS F 39 -34.12 -21.61 -12.99
C LYS F 39 -33.41 -20.30 -12.92
N SER F 40 -34.08 -19.19 -13.18
CA SER F 40 -33.41 -17.92 -13.13
C SER F 40 -33.17 -17.55 -11.67
N THR F 41 -34.07 -17.91 -10.75
CA THR F 41 -33.79 -17.67 -9.35
C THR F 41 -32.49 -18.33 -8.93
N GLN F 42 -32.28 -19.58 -9.35
CA GLN F 42 -31.05 -20.27 -8.99
C GLN F 42 -29.86 -19.64 -9.71
N ALA F 43 -30.02 -19.21 -10.96
CA ALA F 43 -28.94 -18.57 -11.67
C ALA F 43 -28.44 -17.31 -10.98
N ALA F 44 -29.35 -16.43 -10.56
CA ALA F 44 -28.95 -15.26 -9.85
C ALA F 44 -28.35 -15.64 -8.50
N ILE F 45 -28.95 -16.60 -7.80
CA ILE F 45 -28.43 -16.96 -6.48
C ILE F 45 -27.06 -17.56 -6.53
N ASP F 46 -26.81 -18.43 -7.48
CA ASP F 46 -25.50 -19.04 -7.59
C ASP F 46 -24.41 -18.04 -7.88
N GLN F 47 -24.66 -17.02 -8.69
CA GLN F 47 -23.61 -16.04 -8.98
C GLN F 47 -23.34 -15.17 -7.77
N ILE F 48 -24.39 -14.75 -7.05
CA ILE F 48 -24.20 -13.96 -5.88
C ILE F 48 -23.51 -14.78 -4.81
N ASN F 49 -23.74 -16.10 -4.68
CA ASN F 49 -22.97 -16.86 -3.73
C ASN F 49 -21.53 -17.00 -4.16
N GLY F 50 -21.28 -17.15 -5.45
CA GLY F 50 -19.94 -17.31 -5.94
C GLY F 50 -19.11 -16.10 -5.61
N LYS F 51 -19.73 -14.96 -5.81
CA LYS F 51 -19.15 -13.65 -5.56
C LYS F 51 -18.88 -13.55 -4.08
N LEU F 52 -19.85 -13.97 -3.28
CA LEU F 52 -19.74 -13.90 -1.84
C LEU F 52 -18.60 -14.75 -1.32
N ASN F 53 -18.44 -15.93 -1.88
CA ASN F 53 -17.43 -16.83 -1.37
C ASN F 53 -16.05 -16.37 -1.70
N ARG F 54 -15.86 -15.66 -2.78
CA ARG F 54 -14.54 -15.20 -3.17
C ARG F 54 -14.16 -14.11 -2.18
N VAL F 55 -15.07 -13.30 -1.71
CA VAL F 55 -14.82 -12.21 -0.77
C VAL F 55 -14.61 -12.75 0.62
N ILE F 56 -15.16 -13.88 1.00
CA ILE F 56 -14.88 -14.40 2.33
C ILE F 56 -13.65 -15.35 2.37
N GLU F 57 -12.96 -15.48 1.20
CA GLU F 57 -11.73 -16.26 0.98
C GLU F 57 -10.64 -15.68 1.90
N LYS F 58 -10.16 -16.62 2.70
CA LYS F 58 -8.99 -16.52 3.58
C LYS F 58 -8.49 -15.17 4.11
N THR F 59 -8.73 -15.03 5.41
CA THR F 59 -8.06 -14.01 6.18
C THR F 59 -6.63 -14.57 6.27
N ASN F 60 -5.62 -13.84 5.87
CA ASN F 60 -4.26 -14.33 6.01
C ASN F 60 -3.85 -14.10 7.47
N GLU F 61 -2.90 -14.86 8.01
CA GLU F 61 -2.56 -14.67 9.40
C GLU F 61 -1.21 -14.04 9.58
N LYS F 62 -1.08 -13.21 10.59
CA LYS F 62 0.16 -12.51 10.82
C LYS F 62 0.47 -12.68 12.27
N PHE F 63 1.73 -12.79 12.66
CA PHE F 63 2.08 -12.99 14.05
C PHE F 63 2.85 -11.81 14.60
N HIS F 64 4.14 -11.87 14.90
CA HIS F 64 4.85 -10.71 15.43
C HIS F 64 4.90 -9.64 14.37
N GLN F 65 4.49 -8.38 14.62
CA GLN F 65 4.48 -7.36 13.57
C GLN F 65 5.25 -6.15 14.05
N ILE F 66 4.73 -4.94 14.13
CA ILE F 66 5.45 -3.82 14.69
C ILE F 66 4.54 -3.25 15.76
N GLU F 67 5.07 -2.42 16.67
CA GLU F 67 4.27 -1.79 17.70
C GLU F 67 3.43 -0.71 17.08
N LYS F 68 2.22 -0.54 17.52
CA LYS F 68 1.36 0.45 16.89
C LYS F 68 0.79 1.42 17.90
N GLU F 69 1.24 1.35 19.14
CA GLU F 69 0.81 2.19 20.21
C GLU F 69 2.05 2.50 21.02
N PHE F 70 2.28 3.74 21.42
CA PHE F 70 3.49 4.14 22.10
C PHE F 70 3.11 5.06 23.27
N SER F 71 3.83 5.10 24.35
CA SER F 71 3.54 6.03 25.41
C SER F 71 4.58 7.14 25.58
N GLU F 72 5.78 7.08 25.00
CA GLU F 72 6.76 8.13 25.15
C GLU F 72 6.99 8.73 23.78
N VAL F 73 7.59 9.92 23.72
CA VAL F 73 7.85 10.60 22.46
C VAL F 73 9.26 10.28 22.04
N GLU F 74 9.44 9.74 20.85
CA GLU F 74 10.78 9.38 20.45
C GLU F 74 11.28 10.09 19.22
N GLY F 75 10.41 10.58 18.33
CA GLY F 75 10.91 11.23 17.11
C GLY F 75 11.03 10.34 15.87
N ARG F 76 12.18 10.38 15.21
CA ARG F 76 12.33 9.81 13.87
C ARG F 76 11.86 8.38 13.65
N ILE F 77 12.30 7.41 14.47
CA ILE F 77 11.90 6.03 14.21
C ILE F 77 10.43 5.84 14.55
N GLN F 78 9.92 6.47 15.62
CA GLN F 78 8.53 6.29 15.96
C GLN F 78 7.63 6.98 14.94
N ASP F 79 8.06 8.09 14.33
CA ASP F 79 7.24 8.71 13.31
C ASP F 79 7.09 7.77 12.11
N LEU F 80 8.15 7.01 11.77
CA LEU F 80 8.10 6.11 10.65
C LEU F 80 7.23 4.93 10.96
N GLU F 81 7.33 4.38 12.16
CA GLU F 81 6.46 3.29 12.56
C GLU F 81 4.99 3.65 12.42
N LYS F 82 4.63 4.82 12.92
CA LYS F 82 3.28 5.32 12.78
C LYS F 82 2.92 5.58 11.33
N TYR F 83 3.81 6.16 10.53
CA TYR F 83 3.53 6.44 9.13
C TYR F 83 3.44 5.15 8.33
N VAL F 84 4.19 4.08 8.59
CA VAL F 84 4.00 2.82 7.86
C VAL F 84 2.61 2.28 8.07
N GLU F 85 2.13 2.30 9.32
CA GLU F 85 0.82 1.75 9.62
C GLU F 85 -0.29 2.61 9.08
N ASP F 86 -0.18 3.94 9.18
CA ASP F 86 -1.28 4.75 8.73
C ASP F 86 -1.40 4.66 7.24
N THR F 87 -0.27 4.57 6.49
CA THR F 87 -0.48 4.45 5.07
C THR F 87 -0.99 3.02 4.74
N LYS F 88 -0.66 2.00 5.55
CA LYS F 88 -1.22 0.67 5.29
C LYS F 88 -2.72 0.68 5.48
N ILE F 89 -3.22 1.24 6.59
CA ILE F 89 -4.64 1.31 6.86
C ILE F 89 -5.37 2.10 5.80
N ASP F 90 -4.86 3.24 5.30
CA ASP F 90 -5.62 3.96 4.29
C ASP F 90 -5.70 3.17 2.98
N LEU F 91 -4.62 2.46 2.62
CA LEU F 91 -4.64 1.68 1.42
C LEU F 91 -5.64 0.54 1.57
N TRP F 92 -5.65 -0.20 2.69
CA TRP F 92 -6.63 -1.26 2.84
C TRP F 92 -8.02 -0.72 2.92
N SER F 93 -8.24 0.48 3.50
CA SER F 93 -9.58 1.07 3.57
C SER F 93 -10.08 1.48 2.20
N TYR F 94 -9.18 2.01 1.34
CA TYR F 94 -9.54 2.36 -0.03
C TYR F 94 -9.98 1.08 -0.72
N ASN F 95 -9.20 0.01 -0.57
CA ASN F 95 -9.53 -1.28 -1.16
C ASN F 95 -10.88 -1.78 -0.75
N ALA F 96 -11.24 -1.72 0.53
CA ALA F 96 -12.53 -2.25 0.95
C ALA F 96 -13.68 -1.43 0.37
N GLU F 97 -13.51 -0.11 0.34
CA GLU F 97 -14.55 0.75 -0.17
C GLU F 97 -14.77 0.59 -1.68
N LEU F 98 -13.70 0.45 -2.49
CA LEU F 98 -13.86 0.26 -3.92
C LEU F 98 -14.38 -1.13 -4.21
N LEU F 99 -13.98 -2.13 -3.40
CA LEU F 99 -14.41 -3.49 -3.63
C LEU F 99 -15.90 -3.54 -3.47
N VAL F 100 -16.53 -3.02 -2.37
CA VAL F 100 -17.97 -3.17 -2.32
C VAL F 100 -18.68 -2.30 -3.33
N ALA F 101 -18.13 -1.15 -3.76
CA ALA F 101 -18.77 -0.41 -4.84
C ALA F 101 -18.86 -1.18 -6.14
N LEU F 102 -17.75 -1.72 -6.64
CA LEU F 102 -17.75 -2.48 -7.87
C LEU F 102 -18.70 -3.66 -7.71
N GLU F 103 -18.54 -4.42 -6.64
CA GLU F 103 -19.35 -5.57 -6.39
C GLU F 103 -20.84 -5.29 -6.42
N ASN F 104 -21.29 -4.26 -5.70
CA ASN F 104 -22.70 -3.94 -5.60
C ASN F 104 -23.27 -3.48 -6.91
N GLN F 105 -22.50 -2.71 -7.64
CA GLN F 105 -22.92 -2.20 -8.91
C GLN F 105 -23.18 -3.38 -9.84
N HIS F 106 -22.26 -4.34 -9.80
CA HIS F 106 -22.37 -5.53 -10.59
C HIS F 106 -23.55 -6.38 -10.17
N THR F 107 -23.79 -6.59 -8.86
CA THR F 107 -24.91 -7.39 -8.41
C THR F 107 -26.22 -6.80 -8.91
N ILE F 108 -26.38 -5.48 -8.95
CA ILE F 108 -27.61 -4.92 -9.48
C ILE F 108 -27.67 -5.19 -10.97
N ASP F 109 -26.61 -5.03 -11.78
CA ASP F 109 -26.75 -5.27 -13.22
C ASP F 109 -26.95 -6.70 -13.55
N LEU F 110 -26.32 -7.60 -12.80
CA LEU F 110 -26.45 -9.04 -12.94
C LEU F 110 -27.88 -9.48 -12.70
N THR F 111 -28.51 -9.05 -11.59
CA THR F 111 -29.90 -9.46 -11.32
C THR F 111 -30.86 -8.83 -12.34
N ASP F 112 -30.53 -7.62 -12.83
CA ASP F 112 -31.27 -6.96 -13.91
C ASP F 112 -31.19 -7.82 -15.17
N SER F 113 -29.97 -8.25 -15.51
CA SER F 113 -29.70 -9.15 -16.62
C SER F 113 -30.57 -10.39 -16.57
N GLU F 114 -30.60 -11.10 -15.44
CA GLU F 114 -31.38 -12.32 -15.32
C GLU F 114 -32.84 -12.06 -15.58
N MET F 115 -33.35 -10.92 -15.08
CA MET F 115 -34.76 -10.57 -15.32
C MET F 115 -35.01 -10.44 -16.81
N ASN F 116 -34.16 -9.67 -17.46
CA ASN F 116 -34.28 -9.47 -18.87
C ASN F 116 -34.08 -10.79 -19.64
N LYS F 117 -33.20 -11.71 -19.18
CA LYS F 117 -32.98 -12.94 -19.91
C LYS F 117 -34.23 -13.79 -19.86
N LEU F 118 -34.90 -13.89 -18.70
CA LEU F 118 -36.14 -14.67 -18.58
C LEU F 118 -37.19 -14.09 -19.48
N PHE F 119 -37.23 -12.76 -19.58
CA PHE F 119 -38.18 -12.11 -20.45
C PHE F 119 -37.90 -12.52 -21.90
N GLU F 120 -36.67 -12.37 -22.38
CA GLU F 120 -36.30 -12.74 -23.72
C GLU F 120 -36.55 -14.18 -24.06
N LYS F 121 -36.32 -15.03 -23.09
CA LYS F 121 -36.48 -16.43 -23.28
C LYS F 121 -37.97 -16.71 -23.49
N THR F 122 -38.84 -16.12 -22.67
CA THR F 122 -40.27 -16.32 -22.83
C THR F 122 -40.74 -15.73 -24.14
N ARG F 123 -40.22 -14.57 -24.54
CA ARG F 123 -40.54 -13.93 -25.82
C ARG F 123 -40.30 -14.89 -26.99
N ARG F 124 -39.06 -15.39 -27.06
CA ARG F 124 -38.67 -16.31 -28.11
C ARG F 124 -39.55 -17.54 -28.24
N GLN F 125 -39.98 -18.06 -27.09
CA GLN F 125 -40.77 -19.25 -27.04
C GLN F 125 -42.20 -19.04 -27.57
N LEU F 126 -42.81 -17.92 -27.26
CA LEU F 126 -44.14 -17.62 -27.74
C LEU F 126 -44.18 -17.32 -29.25
N ARG F 127 -43.04 -17.13 -29.91
CA ARG F 127 -43.01 -16.84 -31.36
C ARG F 127 -44.07 -15.89 -31.91
N GLU F 128 -44.85 -16.22 -32.94
CA GLU F 128 -45.82 -15.31 -33.50
C GLU F 128 -47.16 -15.26 -32.75
N ASN F 129 -47.26 -15.86 -31.57
CA ASN F 129 -48.55 -16.02 -30.88
C ASN F 129 -48.84 -15.01 -29.80
N ALA F 130 -47.92 -14.14 -29.49
CA ALA F 130 -48.11 -13.22 -28.41
C ALA F 130 -47.49 -11.92 -28.79
N GLU F 131 -47.95 -10.84 -28.19
CA GLU F 131 -47.32 -9.56 -28.41
C GLU F 131 -46.90 -8.98 -27.08
N GLU F 132 -45.82 -8.21 -27.10
CA GLU F 132 -45.32 -7.63 -25.89
C GLU F 132 -46.09 -6.38 -25.53
N MET F 133 -46.73 -6.34 -24.39
CA MET F 133 -47.44 -5.14 -24.00
C MET F 133 -46.49 -4.07 -23.54
N GLY F 134 -45.18 -4.35 -23.47
CA GLY F 134 -44.21 -3.31 -23.13
C GLY F 134 -43.99 -3.05 -21.65
N ASN F 135 -44.68 -3.76 -20.77
CA ASN F 135 -44.50 -3.60 -19.36
C ASN F 135 -44.12 -4.95 -18.80
N GLY F 136 -43.42 -5.77 -19.60
CA GLY F 136 -43.07 -7.10 -19.11
C GLY F 136 -44.21 -8.12 -19.17
N CYS F 137 -45.37 -7.77 -19.73
CA CYS F 137 -46.44 -8.74 -19.90
C CYS F 137 -46.64 -9.05 -21.36
N PHE F 138 -46.90 -10.29 -21.73
CA PHE F 138 -47.26 -10.61 -23.08
C PHE F 138 -48.77 -10.82 -23.14
N LYS F 139 -49.33 -10.44 -24.25
CA LYS F 139 -50.72 -10.71 -24.58
C LYS F 139 -50.71 -11.95 -25.46
N ILE F 140 -51.20 -13.09 -25.00
CA ILE F 140 -51.21 -14.33 -25.79
C ILE F 140 -52.46 -14.32 -26.64
N TYR F 141 -52.37 -14.26 -27.95
CA TYR F 141 -53.55 -14.23 -28.80
C TYR F 141 -54.21 -15.58 -29.12
N HIS F 142 -54.39 -16.46 -28.14
CA HIS F 142 -55.09 -17.71 -28.38
C HIS F 142 -55.57 -18.22 -27.04
N LYS F 143 -56.51 -19.16 -27.01
CA LYS F 143 -57.02 -19.66 -25.75
C LYS F 143 -55.92 -20.43 -25.04
N CYS F 144 -55.46 -19.99 -23.88
CA CYS F 144 -54.40 -20.70 -23.22
C CYS F 144 -54.81 -21.03 -21.81
N ASP F 145 -55.21 -22.27 -21.58
CA ASP F 145 -55.65 -22.72 -20.26
C ASP F 145 -54.48 -22.94 -19.31
N ASN F 146 -54.76 -23.39 -18.11
CA ASN F 146 -53.70 -23.52 -17.13
C ASN F 146 -52.59 -24.49 -17.53
N ALA F 147 -52.88 -25.50 -18.34
CA ALA F 147 -51.83 -26.42 -18.76
C ALA F 147 -50.98 -25.75 -19.81
N CYS F 148 -51.63 -24.93 -20.61
CA CYS F 148 -50.91 -24.13 -21.58
C CYS F 148 -49.97 -23.21 -20.82
N ILE F 149 -50.44 -22.41 -19.86
CA ILE F 149 -49.55 -21.52 -19.10
C ILE F 149 -48.45 -22.36 -18.46
N GLU F 150 -48.71 -23.57 -17.95
CA GLU F 150 -47.66 -24.39 -17.39
C GLU F 150 -46.64 -24.77 -18.44
N SER F 151 -47.00 -25.00 -19.68
CA SER F 151 -46.01 -25.37 -20.66
C SER F 151 -45.11 -24.22 -21.04
N ILE F 152 -45.59 -22.97 -21.03
CA ILE F 152 -44.71 -21.83 -21.29
C ILE F 152 -43.72 -21.76 -20.15
N ARG F 153 -44.22 -21.89 -18.91
CA ARG F 153 -43.38 -21.81 -17.74
C ARG F 153 -42.35 -22.89 -17.72
N ASN F 154 -42.74 -24.16 -17.91
CA ASN F 154 -41.74 -25.22 -17.90
C ASN F 154 -41.03 -25.40 -19.23
N GLY F 155 -41.21 -24.50 -20.16
CA GLY F 155 -40.43 -24.46 -21.37
C GLY F 155 -40.77 -25.47 -22.44
N THR F 156 -41.94 -26.08 -22.39
CA THR F 156 -42.27 -27.06 -23.40
C THR F 156 -43.34 -26.55 -24.32
N TYR F 157 -43.69 -25.27 -24.31
CA TYR F 157 -44.77 -24.75 -25.14
C TYR F 157 -44.46 -24.95 -26.63
N ASP F 158 -45.43 -25.50 -27.37
CA ASP F 158 -45.24 -25.65 -28.80
C ASP F 158 -46.02 -24.57 -29.48
N HIS F 159 -45.32 -23.63 -30.11
CA HIS F 159 -46.01 -22.52 -30.71
C HIS F 159 -46.83 -22.96 -31.89
N ASP F 160 -46.39 -23.97 -32.62
CA ASP F 160 -47.06 -24.39 -33.82
C ASP F 160 -48.47 -24.82 -33.58
N VAL F 161 -48.70 -25.47 -32.42
CA VAL F 161 -50.01 -25.93 -32.01
C VAL F 161 -51.02 -24.81 -32.07
N TYR F 162 -50.62 -23.58 -31.74
CA TYR F 162 -51.58 -22.49 -31.69
C TYR F 162 -51.34 -21.40 -32.70
N ARG F 163 -50.40 -21.57 -33.61
CA ARG F 163 -50.05 -20.53 -34.54
C ARG F 163 -51.20 -20.03 -35.42
N ASP F 164 -52.04 -20.87 -36.04
CA ASP F 164 -53.10 -20.33 -36.90
C ASP F 164 -54.16 -19.61 -36.09
N GLU F 165 -54.51 -20.16 -34.91
CA GLU F 165 -55.47 -19.52 -34.00
C GLU F 165 -54.99 -18.12 -33.64
N ALA F 166 -53.74 -18.05 -33.19
CA ALA F 166 -53.11 -16.81 -32.83
C ALA F 166 -52.99 -15.87 -33.99
N LEU F 167 -52.45 -16.26 -35.14
CA LEU F 167 -52.26 -15.33 -36.24
C LEU F 167 -53.58 -14.75 -36.71
N ASN F 168 -54.64 -15.53 -36.64
CA ASN F 168 -55.96 -15.05 -36.99
C ASN F 168 -56.46 -13.94 -36.07
N ASN F 169 -56.46 -14.27 -34.77
CA ASN F 169 -56.83 -13.41 -33.66
C ASN F 169 -56.03 -12.12 -33.62
N ARG F 170 -54.76 -12.24 -33.96
CA ARG F 170 -53.79 -11.17 -33.85
C ARG F 170 -53.83 -10.21 -35.00
N PHE F 171 -53.90 -10.74 -36.21
CA PHE F 171 -53.87 -9.85 -37.33
C PHE F 171 -55.25 -9.67 -37.87
N GLN F 172 -55.73 -10.63 -38.66
CA GLN F 172 -56.95 -10.50 -39.46
C GLN F 172 -57.93 -9.41 -39.02
N ILE F 173 -58.57 -9.60 -37.85
CA ILE F 173 -59.55 -8.67 -37.30
C ILE F 173 -60.33 -7.82 -38.31
N LYS F 174 -59.84 -6.68 -38.81
CA LYS F 174 -60.59 -5.89 -39.77
C LYS F 174 -59.70 -4.82 -40.41
N GLY F 175 -58.39 -5.08 -40.43
CA GLY F 175 -57.44 -4.16 -41.00
C GLY F 175 -56.19 -4.92 -41.38
C1 NAG G . 21.34 14.33 44.94
C2 NAG G . 21.42 13.62 46.28
C3 NAG G . 20.25 12.70 46.49
C4 NAG G . 18.97 13.46 46.30
C5 NAG G . 18.94 14.23 44.99
C6 NAG G . 17.73 15.11 44.88
C7 NAG G . 23.71 13.24 47.03
C8 NAG G . 24.86 12.25 47.12
N2 NAG G . 22.61 12.81 46.42
O3 NAG G . 20.31 12.14 47.78
O4 NAG G . 17.86 12.54 46.27
O5 NAG G . 20.11 15.06 44.90
O6 NAG G . 17.78 16.08 45.91
O7 NAG G . 23.83 14.39 47.46
H1 NAG G . 21.32 13.63 44.08
H2 NAG G . 21.37 14.39 47.08
H3 NAG G . 20.28 11.88 45.74
H4 NAG G . 18.86 14.18 47.14
H5 NAG G . 18.93 13.51 44.15
H61 NAG G . 16.80 14.52 44.94
H62 NAG G . 17.80 15.55 43.89
H81 NAG G . 24.55 11.25 46.78
H82 NAG G . 25.20 12.18 48.16
H83 NAG G . 25.68 12.59 46.49
HN2 NAG G . 22.53 11.87 46.19
HO3 NAG G . 19.53 11.59 47.87
HO6 NAG G . 18.68 16.46 45.89
C1 NAG G . 17.04 12.44 47.41
C2 NAG G . 15.82 11.61 47.13
C3 NAG G . 14.97 11.48 48.37
C4 NAG G . 15.86 10.93 49.47
C5 NAG G . 17.07 11.81 49.70
C6 NAG G . 18.01 11.31 50.81
C7 NAG G . 15.11 12.04 44.84
C8 NAG G . 14.23 12.85 43.89
N2 NAG G . 15.00 12.27 46.12
O3 NAG G . 13.85 10.65 48.10
O4 NAG G . 15.18 10.86 50.72
O5 NAG G . 17.79 11.88 48.48
O6 NAG G . 18.47 10.03 50.47
O7 NAG G . 15.87 11.19 44.40
H1 NAG G . 16.76 13.49 47.66
H2 NAG G . 16.15 10.61 46.80
H3 NAG G . 14.60 12.46 48.68
H4 NAG G . 16.20 9.93 49.18
H5 NAG G . 16.74 12.82 49.98
H61 NAG G . 17.45 11.26 51.76
H62 NAG G . 18.84 12.01 50.96
H81 NAG G . 14.52 13.91 43.89
H82 NAG G . 13.18 12.77 44.21
H83 NAG G . 14.31 12.47 42.86
HN2 NAG G . 14.28 12.84 46.45
HO3 NAG G . 13.36 10.56 48.93
HO6 NAG G . 19.38 10.10 50.15
C1 BMA G . 14.54 9.68 51.15
C2 BMA G . 14.38 9.86 52.63
C3 BMA G . 13.77 8.61 53.20
C4 BMA G . 12.42 8.36 52.53
C5 BMA G . 12.48 8.42 50.98
C6 BMA G . 11.06 8.55 50.42
O2 BMA G . 13.53 10.97 52.86
O3 BMA G . 13.61 8.72 54.60
O4 BMA G . 11.98 7.07 52.92
O5 BMA G . 13.25 9.56 50.54
O6 BMA G . 10.48 9.74 50.91
H1 BMA G . 15.19 8.83 50.93
H2 BMA G . 15.36 10.02 53.10
H3 BMA G . 14.44 7.75 53.00
H4 BMA G . 11.69 9.10 52.93
H5 BMA G . 12.94 7.50 50.60
H61 BMA G . 10.46 7.68 50.72
H62 BMA G . 11.09 8.58 49.31
HO2 BMA G . 13.01 11.09 52.04
HO3 BMA G . 13.29 9.62 54.76
HO4 BMA G . 12.15 7.00 53.88
HO6 BMA G . 9.57 9.58 51.18
C1 NAG H . 44.15 22.28 15.20
C2 NAG H . 44.45 23.67 15.76
C3 NAG H . 43.45 24.67 15.27
C4 NAG H . 43.43 24.62 13.76
C5 NAG H . 43.23 23.21 13.24
C6 NAG H . 43.37 23.15 11.74
C7 NAG H . 45.43 23.64 18.01
C8 NAG H . 45.19 23.75 19.50
N2 NAG H . 44.38 23.73 17.22
O3 NAG H . 43.78 25.95 15.74
O4 NAG H . 42.33 25.41 13.27
O5 NAG H . 44.21 22.33 13.80
O6 NAG H . 44.67 23.53 11.37
O7 NAG H . 46.55 23.38 17.56
H1 NAG H . 43.14 21.91 15.47
H2 NAG H . 45.45 23.98 15.41
H3 NAG H . 42.44 24.40 15.62
H4 NAG H . 44.41 25.00 13.38
H5 NAG H . 42.21 22.86 13.50
H61 NAG H . 42.60 23.75 11.24
H62 NAG H . 43.19 22.09 11.50
H81 NAG H . 44.13 23.97 19.73
H82 NAG H . 45.82 24.54 19.93
H83 NAG H . 45.45 22.80 19.99
HN2 NAG H . 43.49 23.85 17.61
HO3 NAG H . 43.10 26.53 15.36
HO6 NAG H . 45.11 22.83 10.90
C1 NAG H . 42.62 26.68 12.72
C2 NAG H . 41.41 27.27 12.06
C3 NAG H . 41.70 28.64 11.52
C4 NAG H . 42.26 29.49 12.66
C5 NAG H . 43.48 28.84 13.28
C6 NAG H . 44.10 29.63 14.43
C7 NAG H . 40.13 25.46 11.02
C8 NAG H . 39.85 24.65 9.77
N2 NAG H . 41.01 26.44 10.93
O3 NAG H . 40.52 29.19 10.96
O4 NAG H . 42.67 30.77 12.22
O5 NAG H . 43.09 27.54 13.76
O6 NAG H . 43.14 29.78 15.45
O7 NAG H . 39.53 25.24 12.07
H1 NAG H . 43.43 26.50 11.99
H2 NAG H . 40.61 27.34 12.82
H3 NAG H . 42.47 28.57 10.74
H4 NAG H . 41.51 29.58 13.43
H5 NAG H . 44.27 28.70 12.52
H61 NAG H . 44.46 30.61 14.09
H62 NAG H . 44.97 29.09 14.83
H81 NAG H . 40.44 23.72 9.80
H82 NAG H . 40.11 25.21 8.86
H83 NAG H . 38.80 24.37 9.74
HN2 NAG H . 41.40 26.65 10.06
HO3 NAG H . 40.74 30.05 10.57
HO6 NAG H . 43.03 28.93 15.89
C1 BMA H . 41.76 31.85 12.16
C2 BMA H . 42.63 33.07 12.06
C3 BMA H . 41.74 34.34 12.04
C4 BMA H . 40.78 34.26 10.85
C5 BMA H . 40.03 32.92 10.81
C6 BMA H . 39.40 32.82 9.41
O2 BMA H . 43.39 32.95 10.86
O3 BMA H . 42.53 35.52 11.92
O4 BMA H . 39.84 35.31 11.02
O5 BMA H . 40.95 31.80 10.97
O6 BMA H . 40.43 32.63 8.46
H1 BMA H . 41.16 31.83 13.08
H2 BMA H . 43.27 33.10 12.97
H3 BMA H . 41.15 34.38 12.98
H4 BMA H . 41.37 34.43 9.94
H5 BMA H . 39.26 32.90 11.56
H61 BMA H . 38.82 33.72 9.18
H62 BMA H . 38.69 31.97 9.39
HO2 BMA H . 43.31 32.03 10.61
HO3 BMA H . 43.35 35.24 11.47
HO4 BMA H . 40.36 36.10 11.24
HO6 BMA H . 41.05 31.99 8.82
C1 NAG I . 41.32 -14.08 28.06
C2 NAG I . 42.75 -14.40 27.68
C3 NAG I . 42.83 -14.94 26.26
C4 NAG I . 41.90 -16.11 26.13
C5 NAG I . 40.49 -15.80 26.62
C6 NAG I . 39.61 -17.02 26.65
C7 NAG I . 44.38 -12.94 28.73
C8 NAG I . 45.23 -11.70 28.60
N2 NAG I . 43.59 -13.24 27.72
O3 NAG I . 44.15 -15.31 25.95
O4 NAG I . 41.78 -16.49 24.74
O5 NAG I . 40.54 -15.27 27.94
O6 NAG I . 40.13 -17.97 27.55
O7 NAG I . 44.38 -13.61 29.76
H1 NAG I . 40.85 -13.32 27.39
H2 NAG I . 43.11 -15.19 28.35
H3 NAG I . 42.48 -14.16 25.55
H4 NAG I . 42.30 -16.94 26.75
H5 NAG I . 40.03 -15.06 25.95
H61 NAG I . 39.47 -17.45 25.66
H62 NAG I . 38.65 -16.65 27.01
H81 NAG I . 45.03 -11.17 27.65
H82 NAG I . 46.30 -11.94 28.67
H83 NAG I . 44.98 -11.00 29.41
HN2 NAG I . 43.58 -12.65 26.94
HO3 NAG I . 44.12 -15.66 25.06
HO6 NAG I . 40.36 -17.51 28.38
C1 NAG I . 42.51 -17.62 24.31
C2 NAG I . 42.09 -18.00 22.91
C3 NAG I . 42.88 -19.19 22.44
C4 NAG I . 44.35 -18.85 22.61
C5 NAG I . 44.70 -18.49 24.03
C6 NAG I . 46.16 -18.14 24.25
C7 NAG I . 39.71 -17.53 22.64
C8 NAG I . 38.28 -18.07 22.71
N2 NAG I . 40.69 -18.38 22.90
O3 NAG I . 42.53 -19.50 21.11
O4 NAG I . 45.18 -19.95 22.25
O5 NAG I . 43.89 -17.35 24.38
O6 NAG I . 46.50 -17.05 23.43
O7 NAG I . 39.93 -16.38 22.31
H1 NAG I . 42.24 -18.42 25.03
H2 NAG I . 42.29 -17.14 22.24
H3 NAG I . 42.65 -20.06 23.09
H4 NAG I . 44.60 -17.94 22.03
H5 NAG I . 44.44 -19.32 24.72
H61 NAG I . 46.80 -19.01 24.03
H62 NAG I . 46.33 -17.89 25.31
H81 NAG I . 37.88 -17.93 23.73
H82 NAG I . 38.23 -19.13 22.46
H83 NAG I . 37.63 -17.50 22.03
HN2 NAG I . 40.48 -19.30 23.11
HO3 NAG I . 42.95 -20.35 20.90
HO6 NAG I . 46.23 -16.25 23.90
C1 BMA I . 45.35 -20.08 20.85
C2 BMA I . 46.81 -20.22 20.66
C3 BMA I . 47.10 -20.40 19.22
C4 BMA I . 46.25 -21.58 18.67
C5 BMA I . 44.76 -21.35 18.94
C6 BMA I . 43.83 -22.45 18.40
O2 BMA I . 47.24 -21.37 21.38
O3 BMA I . 48.48 -20.66 19.11
O4 BMA I . 46.46 -21.67 17.29
O5 BMA I . 44.61 -21.21 20.35
O6 BMA I . 42.50 -21.96 18.42
H1 BMA I . 45.02 -19.17 20.31
H2 BMA I . 47.31 -19.32 21.05
H3 BMA I . 46.84 -19.50 18.66
H4 BMA I . 46.56 -22.51 19.18
H5 BMA I . 44.47 -20.42 18.43
H61 BMA I . 43.94 -23.36 19.00
H62 BMA I . 44.12 -22.70 17.37
HO2 BMA I . 46.64 -21.44 22.13
HO3 BMA I . 48.71 -21.11 19.94
HO4 BMA I . 47.42 -21.59 17.19
HO6 BMA I . 42.33 -21.60 19.29
C1 NAG J . -17.95 18.31 -18.53
C2 NAG J . -19.04 19.32 -18.60
C3 NAG J . -18.90 20.28 -17.45
C4 NAG J . -19.00 19.52 -16.13
C5 NAG J . -17.91 18.39 -16.11
C6 NAG J . -18.12 17.44 -14.93
C7 NAG J . -20.14 20.34 -20.56
C8 NAG J . -19.95 21.11 -21.85
N2 NAG J . -19.02 20.06 -19.86
O3 NAG J . -19.90 21.27 -17.51
O4 NAG J . -18.84 20.45 -15.08
O5 NAG J . -18.02 17.59 -17.31
O6 NAG J . -19.30 16.66 -15.16
O7 NAG J . -21.27 19.95 -20.19
H1 NAG J . -16.94 18.76 -18.57
H2 NAG J . -20.00 18.78 -18.48
H3 NAG J . -17.91 20.78 -17.50
H4 NAG J . -20.00 19.07 -16.04
H5 NAG J . -16.91 18.85 -16.06
H61 NAG J . -18.22 18.03 -14.00
H62 NAG J . -17.25 16.78 -14.79
H81 NAG J . -19.85 20.41 -22.70
H82 NAG J . -19.02 21.73 -21.81
H83 NAG J . -20.80 21.78 -22.04
HN2 NAG J . -18.15 20.34 -20.21
HO3 NAG J . -20.70 20.92 -17.95
HO4 NAG J . -19.34 21.25 -15.34
HO6 NAG J . -19.42 16.58 -16.11
C1 NAG K . 6.12 32.68 28.32
C2 NAG K . 6.50 33.97 29.00
C3 NAG K . 6.65 33.71 30.48
C4 NAG K . 5.29 33.20 31.03
C5 NAG K . 4.93 31.90 30.33
C6 NAG K . 3.55 31.30 30.82
C7 NAG K . 7.77 35.33 27.42
C8 NAG K . 9.14 35.87 27.01
N2 NAG K . 7.73 34.55 28.50
O3 NAG K . 7.06 34.90 31.15
O4 NAG K . 5.34 33.03 32.43
O5 NAG K . 4.88 32.19 28.90
O6 NAG K . 2.50 32.25 30.94
O7 NAG K . 6.75 35.57 26.79
H1 NAG K . 6.87 31.88 28.47
H2 NAG K . 5.68 34.69 28.87
H3 NAG K . 7.40 32.93 30.65
H4 NAG K . 4.51 33.95 30.81
H5 NAG K . 5.70 31.13 30.49
H61 NAG K . 3.71 30.85 31.81
H62 NAG K . 3.26 30.48 30.15
H81 NAG K . 9.92 35.13 27.18
H82 NAG K . 9.36 36.78 27.60
H83 NAG K . 9.11 36.16 25.95
HN2 NAG K . 8.49 34.55 29.13
HO3 NAG K . 6.75 34.79 32.06
HO4 NAG K . 4.43 32.93 32.72
HO6 NAG K . 1.96 32.20 30.13
C1 NAG L . 6.97 21.64 -6.84
C2 NAG L . 7.17 21.61 -8.34
C3 NAG L . 8.16 20.52 -8.69
C4 NAG L . 9.50 20.75 -7.97
C5 NAG L . 9.18 20.65 -6.44
C6 NAG L . 10.37 20.86 -5.51
C7 NAG L . 4.98 22.34 -9.18
C8 NAG L . 3.69 22.03 -9.90
N2 NAG L . 5.90 21.37 -9.02
O3 NAG L . 8.42 20.44 -10.09
O4 NAG L . 10.45 19.79 -8.45
O5 NAG L . 8.22 21.67 -6.14
O6 NAG L . 10.45 22.24 -5.16
O7 NAG L . 5.18 23.47 -8.74
H1 NAG L . 6.42 20.74 -6.50
H2 NAG L . 7.61 22.58 -8.68
H3 NAG L . 7.75 19.55 -8.38
H4 NAG L . 9.88 21.76 -8.19
H5 NAG L . 8.75 19.65 -6.23
H61 NAG L . 11.31 20.54 -6.01
H62 NAG L . 10.26 20.26 -4.60
H81 NAG L . 3.22 21.11 -9.51
H82 NAG L . 3.88 21.88 -10.98
H83 NAG L . 2.97 22.86 -9.80
HN2 NAG L . 5.66 20.46 -9.26
HO3 NAG L . 7.61 20.18 -10.54
HO4 NAG L . 10.36 19.80 -9.41
HO6 NAG L . 9.57 22.63 -5.25
C1 MNA M . 34.36 33.94 23.91
C2 MNA M . 35.46 33.79 24.96
C3 MNA M . 35.23 34.73 26.15
C4 MNA M . 34.00 34.29 26.96
C5 MNA M . 34.25 32.89 27.51
C6 MNA M . 34.45 31.96 26.30
C7 MNA M . 34.82 30.55 26.65
C8 MNA M . 35.05 29.72 25.42
C9 MNA M . 35.33 28.26 25.75
C10 MNA M . 33.16 31.80 29.42
C11 MNA M . 31.88 31.45 30.16
C12 MNA M . 37.10 33.37 23.16
N5 MNA M . 33.09 32.54 28.32
O1A MNA M . 34.06 35.06 23.51
O1B MNA M . 33.75 32.96 23.51
O2 MNA M . 36.70 34.15 24.31
O4 MNA M . 33.73 35.18 28.03
O6 MNA M . 35.54 32.44 25.48
O7 MNA M . 36.03 30.62 27.36
O8 MNA M . 33.94 29.76 24.58
O9 MNA M . 35.18 27.53 24.54
O10 MNA M . 34.25 31.38 29.82
H32 MNA M . 35.10 35.77 25.80
H31 MNA M . 36.11 34.71 26.79
H4 MNA M . 33.11 34.27 26.32
H5 MNA M . 35.17 32.89 28.14
H6 MNA M . 33.51 31.91 25.75
H7 MNA M . 34.06 30.10 27.29
H8 MNA M . 35.92 30.10 24.85
H92 MNA M . 34.63 27.89 26.50
H91 MNA M . 36.35 28.16 26.17
H111 MNA M . 31.01 31.60 29.53
H113 MNA M . 31.80 32.04 31.08
H112 MNA M . 31.91 30.39 30.45
HN5 MNA M . 32.24 32.99 28.10
HO4 MNA M . 33.68 36.08 27.69
HO7 MNA M . 36.51 31.37 26.97
HO8 MNA M . 33.68 28.85 24.40
HO9 MNA M . 35.57 28.06 23.85
C1 MNA N . 18.71 16.68 9.89
C2 MNA N . 19.71 17.38 8.92
C3 MNA N . 20.00 16.55 7.66
C4 MNA N . 18.87 16.54 6.63
C5 MNA N . 18.43 17.96 6.25
C6 MNA N . 18.09 18.63 7.55
C7 MNA N . 17.68 20.10 7.54
C8 MNA N . 17.18 20.53 8.91
C9 MNA N . 16.58 21.93 8.85
C10 MNA N . 17.05 18.74 4.33
C11 MNA N . 15.86 18.54 3.42
C12 MNA N . 20.97 18.53 10.73
N5 MNA N . 17.29 17.88 5.33
O1A MNA N . 18.98 15.59 10.39
O1B MNA N . 17.62 17.23 10.18
O2 MNA N . 20.97 17.66 9.61
O4 MNA N . 19.29 15.86 5.47
O6 MNA N . 19.20 18.62 8.46
O7 MNA N . 18.82 20.83 7.20
O8 MNA N . 16.19 19.64 9.40
O9 MNA N . 15.85 22.06 10.02
O10 MNA N . 17.77 19.71 4.15
H32 MNA N . 20.22 15.52 7.95
H31 MNA N . 20.90 16.96 7.18
H4 MNA N . 18.01 15.97 7.08
H5 MNA N . 19.25 18.54 5.82
H6 MNA N . 17.23 18.07 7.95
H7 MNA N . 16.92 20.26 6.77
H8 MNA N . 18.03 20.54 9.61
H92 MNA N . 15.91 22.08 8.01
H91 MNA N . 17.38 22.68 8.78
H111 MNA N . 15.14 17.86 3.88
H113 MNA N . 16.19 18.09 2.46
H112 MNA N . 15.35 19.48 3.21
HN5 MNA N . 16.65 17.12 5.47
HO4 MNA N . 20.02 16.43 5.14
HO7 MNA N . 19.56 20.21 7.17
HO8 MNA N . 16.68 19.00 9.97
HO9 MNA N . 16.41 22.49 10.68
C1 NAG O . -48.54 14.19 -25.59
C2 NAG O . -49.22 15.00 -24.50
C3 NAG O . -50.68 15.14 -24.86
C4 NAG O . -50.81 15.95 -26.15
C5 NAG O . -50.06 15.15 -27.28
C6 NAG O . -49.94 15.99 -28.55
C7 NAG O . -48.18 14.73 -22.33
C8 NAG O . -48.14 14.01 -21.00
N2 NAG O . -49.11 14.35 -23.20
O3 NAG O . -51.41 15.76 -23.83
O4 NAG O . -52.20 16.15 -26.42
O5 NAG O . -48.71 14.86 -26.85
O6 NAG O . -49.18 17.16 -28.25
O7 NAG O . -47.38 15.61 -22.60
H1 NAG O . -48.96 13.19 -25.72
H2 NAG O . -48.77 16.01 -24.50
H3 NAG O . -51.11 14.15 -25.03
H4 NAG O . -50.32 16.94 -26.02
H5 NAG O . -50.57 14.20 -27.50
H61 NAG O . -50.93 16.25 -28.95
H62 NAG O . -49.41 15.40 -29.32
H81 NAG O . -47.59 13.06 -21.11
H82 NAG O . -49.16 13.82 -20.64
H83 NAG O . -47.62 14.64 -20.27
HN2 NAG O . -49.80 13.73 -22.94
HO3 NAG O . -52.22 16.07 -24.25
HO4 NAG O . -52.26 16.91 -27.00
HO6 NAG O . -48.33 16.88 -27.86
C1 NAG P . -3.96 -17.01 -26.36
C2 NAG P . -3.67 -17.13 -27.85
C3 NAG P . -2.25 -16.70 -28.09
C4 NAG P . -2.08 -15.25 -27.67
C5 NAG P . -2.50 -15.09 -26.16
C6 NAG P . -2.59 -13.63 -25.74
C7 NAG P . -4.44 -18.81 -29.46
C8 NAG P . -4.56 -20.29 -29.81
N2 NAG P . -3.85 -18.51 -28.30
O3 NAG P . -1.95 -16.85 -29.47
O4 NAG P . -0.72 -14.89 -27.90
O5 NAG P . -3.80 -15.65 -25.94
O6 NAG P . -3.71 -13.04 -26.38
O7 NAG P . -4.93 -17.94 -30.20
H1 NAG P . -3.28 -17.61 -25.74
H2 NAG P . -4.35 -16.44 -28.37
H3 NAG P . -1.56 -17.33 -27.50
H4 NAG P . -2.72 -14.60 -28.30
H5 NAG P . -1.76 -15.62 -25.52
H61 NAG P . -1.65 -13.11 -26.02
H62 NAG P . -2.68 -13.54 -24.65
H81 NAG P . -4.45 -20.91 -28.91
H82 NAG P . -3.78 -20.58 -30.53
H83 NAG P . -5.55 -20.50 -30.25
HN2 NAG P . -3.55 -19.23 -27.71
HO3 NAG P . -2.76 -16.84 -30.00
HO4 NAG P . -0.47 -15.34 -28.73
HO6 NAG P . -4.40 -13.72 -26.48
C1 NAG Q . 42.38 5.78 -8.65
C2 NAG Q . 43.86 5.60 -8.90
C3 NAG Q . 44.57 6.87 -8.51
C4 NAG Q . 44.02 8.04 -9.37
C5 NAG Q . 42.53 8.20 -9.09
C6 NAG Q . 41.87 9.36 -9.92
C7 NAG Q . 44.40 3.23 -8.66
C8 NAG Q . 45.04 2.16 -7.79
N2 NAG Q . 44.43 4.48 -8.18
O3 NAG Q . 45.98 6.72 -8.68
O4 NAG Q . 44.71 9.24 -9.10
O5 NAG Q . 41.90 6.92 -9.42
O6 NAG Q . 42.27 9.37 -11.30
O7 NAG Q . 43.84 2.96 -9.73
H1 NAG Q . 42.16 6.00 -7.59
H2 NAG Q . 44.01 5.45 -9.99
H3 NAG Q . 44.37 7.08 -7.44
H4 NAG Q . 44.14 7.79 -10.44
H5 NAG Q . 42.33 8.39 -8.02
H61 NAG Q . 42.16 10.32 -9.46
H62 NAG Q . 40.78 9.28 -9.85
H81 NAG Q . 44.35 1.86 -7.00
H82 NAG Q . 45.98 2.53 -7.35
H83 NAG Q . 45.29 1.27 -8.40
HN2 NAG Q . 45.01 4.71 -7.43
HO3 NAG Q . 46.30 7.52 -9.13
HO4 NAG Q . 44.90 9.29 -8.16
HO6 NAG Q . 43.19 9.62 -11.34
C1 NAG R . 14.39 -18.01 -5.59
C2 NAG R . 13.58 -19.30 -5.54
C3 NAG R . 12.93 -19.42 -4.17
C4 NAG R . 14.00 -19.41 -3.08
C5 NAG R . 14.69 -18.02 -3.17
C6 NAG R . 15.82 -17.79 -2.16
C7 NAG R . 12.79 -19.51 -7.86
C8 NAG R . 11.66 -19.50 -8.89
N2 NAG R . 12.53 -19.29 -6.56
O3 NAG R . 12.15 -20.60 -4.05
O4 NAG R . 13.37 -19.68 -1.82
O5 NAG R . 15.27 -17.89 -4.47
O6 NAG R . 17.06 -18.15 -2.76
O7 NAG R . 13.96 -19.73 -8.22
H1 NAG R . 13.73 -17.13 -5.58
H2 NAG R . 14.24 -20.16 -5.69
H3 NAG R . 12.25 -18.56 -4.02
H4 NAG R . 14.75 -20.19 -3.26
H5 NAG R . 13.94 -17.23 -3.02
H61 NAG R . 15.65 -18.42 -1.26
H62 NAG R . 15.84 -16.74 -1.82
H81 NAG R . 11.92 -18.86 -9.74
H82 NAG R . 10.73 -19.15 -8.44
H83 NAG R . 11.50 -20.53 -9.26
HN2 NAG R . 11.61 -19.13 -6.28
HO3 NAG R . 12.68 -21.37 -4.24
HO4 NAG R . 12.63 -20.28 -2.00
HO6 NAG R . 16.98 -18.12 -3.71
C1 MNA S . 51.14 -8.49 14.54
C2 MNA S . 52.04 -7.97 15.67
C3 MNA S . 53.31 -7.35 15.10
C4 MNA S . 53.00 -6.05 14.36
C5 MNA S . 52.40 -5.05 15.32
C6 MNA S . 51.12 -5.69 15.84
C7 MNA S . 50.42 -4.87 16.91
C8 MNA S . 49.17 -5.58 17.41
C9 MNA S . 48.40 -4.74 18.42
C10 MNA S . 52.33 -2.62 15.10
C11 MNA S . 52.01 -1.39 14.26
C12 MNA S . 51.29 -9.82 17.14
N5 MNA S . 52.19 -3.83 14.57
O1A MNA S . 51.63 -9.23 13.68
O1B MNA S . 49.96 -8.13 14.49
O2 MNA S . 52.38 -9.10 16.50
O4 MNA S . 54.18 -5.48 13.76
O6 MNA S . 51.38 -6.96 16.45
O7 MNA S . 51.31 -4.74 17.97
O8 MNA S . 48.30 -5.88 16.35
O9 MNA S . 47.12 -5.31 18.57
O10 MNA S . 52.63 -2.50 16.29
H32 MNA S . 53.84 -8.07 14.46
H31 MNA S . 53.99 -7.15 15.94
H4 MNA S . 52.30 -6.26 13.54
H5 MNA S . 53.10 -4.89 16.16
H6 MNA S . 50.44 -5.79 14.99
H7 MNA S . 50.15 -3.88 16.55
H8 MNA S . 49.43 -6.53 17.90
H92 MNA S . 48.32 -3.70 18.11
H91 MNA S . 48.94 -4.76 19.38
H111 MNA S . 51.37 -1.65 13.41
H113 MNA S . 52.94 -0.90 13.94
H112 MNA S . 51.44 -0.68 14.87
HN5 MNA S . 52.07 -3.92 13.60
HO4 MNA S . 54.55 -6.11 13.14
HO7 MNA S . 51.67 -5.62 18.13
HO8 MNA S . 48.78 -5.84 15.52
HO9 MNA S . 46.66 -5.25 17.74
C1 MNA T . 24.73 -6.33 8.54
C2 MNA T . 25.03 -7.79 8.95
C3 MNA T . 23.79 -8.56 9.51
C4 MNA T . 22.75 -8.96 8.43
C5 MNA T . 23.43 -9.77 7.30
C6 MNA T . 24.56 -8.89 6.80
C7 MNA T . 25.45 -9.45 5.71
C8 MNA T . 26.37 -8.35 5.18
C9 MNA T . 27.16 -8.82 3.96
C10 MNA T . 22.40 -11.21 5.58
C11 MNA T . 21.28 -11.42 4.57
C12 MNA T . 27.37 -7.28 9.61
N5 MNA T . 22.41 -10.08 6.30
O1A MNA T . 24.31 -5.51 9.37
O1B MNA T . 24.90 -5.97 7.37
O2 MNA T . 26.06 -7.78 9.97
O4 MNA T . 21.74 -9.74 9.00
O6 MNA T . 25.48 -8.56 7.83
O7 MNA T . 26.22 -10.46 6.31
O8 MNA T . 25.64 -7.19 4.84
O9 MNA T . 27.67 -7.67 3.39
O10 MNA T . 23.26 -12.06 5.66
H32 MNA T . 23.28 -7.93 10.27
H31 MNA T . 24.15 -9.47 10.02
H4 MNA T . 22.31 -8.04 8.04
H5 MNA T . 23.90 -10.68 7.70
H6 MNA T . 24.04 -8.02 6.40
H7 MNA T . 24.84 -9.87 4.90
H8 MNA T . 27.08 -8.09 5.98
H92 MNA T . 26.55 -9.35 3.23
H91 MNA T . 27.95 -9.51 4.29
H111 MNA T . 20.77 -10.48 4.33
H113 MNA T . 20.54 -12.12 4.98
H112 MNA T . 21.66 -11.87 3.64
HN5 MNA T . 21.68 -9.43 6.20
HO4 MNA T . 22.20 -10.48 9.49
HO7 MNA T . 25.97 -10.50 7.23
HO8 MNA T . 25.65 -6.64 5.65
HO9 MNA T . 28.48 -7.88 2.91
C1 NAG U . -22.28 -9.86 -51.20
C2 NAG U . -21.33 -9.10 -52.08
C3 NAG U . -21.97 -8.94 -53.45
C4 NAG U . -22.16 -10.31 -54.08
C5 NAG U . -23.11 -11.12 -53.13
C6 NAG U . -23.18 -12.60 -53.58
C7 NAG U . -19.89 -7.60 -50.85
C8 NAG U . -19.63 -6.20 -50.32
N2 NAG U . -21.01 -7.81 -51.53
O3 NAG U . -21.18 -8.13 -54.30
O4 NAG U . -22.67 -10.12 -55.40
O5 NAG U . -22.60 -11.13 -51.79
O6 NAG U . -21.88 -13.19 -53.47
O7 NAG U . -19.11 -8.52 -50.63
H1 NAG U . -23.24 -9.34 -51.05
H2 NAG U . -20.42 -9.73 -52.21
H3 NAG U . -22.95 -8.47 -53.34
H4 NAG U . -21.19 -10.83 -54.14
H5 NAG U . -24.13 -10.69 -53.12
H61 NAG U . -23.57 -12.69 -54.60
H62 NAG U . -23.87 -13.14 -52.91
H81 NAG U . -20.56 -5.69 -50.09
H82 NAG U . -19.05 -5.64 -51.07
H83 NAG U . -19.02 -6.26 -49.41
HN2 NAG U . -21.58 -7.05 -51.77
HO3 NAG U . -21.49 -8.35 -55.19
HO4 NAG U . -22.52 -10.94 -55.89
HO6 NAG U . -21.61 -13.16 -52.53
C1 NAG V . -29.03 -12.03 2.84
C2 NAG V . -29.87 -13.26 3.04
C3 NAG V . -29.19 -14.16 4.00
C4 NAG V . -27.82 -14.57 3.45
C5 NAG V . -26.98 -13.28 3.16
C6 NAG V . -25.71 -13.61 2.39
C7 NAG V . -32.31 -13.52 3.07
C8 NAG V . -33.62 -13.07 3.70
N2 NAG V . -31.20 -12.93 3.55
O3 NAG V . -29.99 -15.31 4.22
O4 NAG V . -27.19 -15.41 4.41
O5 NAG V . -27.75 -12.40 2.34
O6 NAG V . -26.07 -14.01 1.07
O7 NAG V . -32.29 -14.34 2.14
H1 NAG V . -28.84 -11.49 3.79
H2 NAG V . -29.93 -13.78 2.06
H3 NAG V . -29.04 -13.64 4.96
H4 NAG V . -27.96 -15.13 2.51
H5 NAG V . -26.72 -12.79 4.11
H61 NAG V . -25.15 -14.40 2.91
H62 NAG V . -25.06 -12.73 2.36
H81 NAG V . -33.68 -11.97 3.70
H82 NAG V . -33.70 -13.44 4.72
H83 NAG V . -34.48 -13.45 3.12
HN2 NAG V . -31.26 -12.27 4.26
HO3 NAG V . -29.46 -15.91 4.75
HO4 NAG V . -27.05 -16.27 4.01
HO6 NAG V . -25.42 -13.69 0.44
C1 NAG W . 14.78 -24.96 32.75
C2 NAG W . 15.04 -25.60 34.10
C3 NAG W . 16.45 -26.14 34.11
C4 NAG W . 16.60 -27.19 32.98
C5 NAG W . 16.33 -26.51 31.62
C6 NAG W . 16.44 -27.49 30.41
C7 NAG W . 13.67 -24.49 35.78
C8 NAG W . 13.63 -23.53 36.96
N2 NAG W . 14.85 -24.70 35.23
O3 NAG W . 16.76 -26.72 35.36
O4 NAG W . 17.89 -27.79 33.01
O5 NAG W . 14.98 -25.94 31.70
O6 NAG W . 15.78 -28.74 30.62
O7 NAG W . 12.65 -25.01 35.34
H1 NAG W . 15.47 -24.12 32.55
H2 NAG W . 14.35 -26.47 34.22
H3 NAG W . 17.16 -25.33 33.91
H4 NAG W . 15.84 -27.99 33.13
H5 NAG W . 17.03 -25.67 31.47
H61 NAG W . 17.51 -27.69 30.22
H62 NAG W . 16.03 -26.99 29.51
H81 NAG W . 13.98 -22.54 36.65
H82 NAG W . 14.27 -23.91 37.78
H83 NAG W . 12.60 -23.45 37.35
HN2 NAG W . 15.67 -24.45 35.71
HO3 NAG W . 17.53 -27.28 35.20
HO4 NAG W . 17.81 -28.60 32.49
HO6 NAG W . 14.91 -28.70 30.19
C1 NAG X . -10.89 -1.34 20.92
C2 NAG X . -12.11 -0.40 20.87
C3 NAG X . -11.63 1.01 20.50
C4 NAG X . -10.60 1.50 21.51
C5 NAG X . -9.41 0.52 21.40
C6 NAG X . -8.23 0.83 22.35
C7 NAG X . -13.92 -1.90 20.12
C8 NAG X . -14.92 -2.32 19.05
N2 NAG X . -13.09 -0.86 19.89
O3 NAG X . -12.69 1.95 20.44
O4 NAG X . -10.30 2.88 21.22
O5 NAG X . -9.86 -0.80 21.72
O6 NAG X . -8.38 0.07 23.55
O7 NAG X . -13.88 -2.49 21.20
H1 NAG X . -10.48 -1.50 19.90
H2 NAG X . -12.59 -0.35 21.87
H3 NAG X . -11.17 0.98 19.49
H4 NAG X . -11.02 1.43 22.53
H5 NAG X . -9.02 0.54 20.36
H61 NAG X . -8.20 1.90 22.59
H62 NAG X . -7.26 0.58 21.87
H81 NAG X . -14.45 -2.35 18.06
H82 NAG X . -15.75 -1.60 19.03
H83 NAG X . -15.35 -3.30 19.29
HN2 NAG X . -13.17 -0.37 19.04
HO3 NAG X . -12.26 2.82 20.48
HO4 NAG X . -10.14 3.33 22.06
HO6 NAG X . -8.96 -0.69 23.37
C1 MNA Y . 21.15 -2.63 49.48
C2 MNA Y . 22.52 -2.30 50.10
C3 MNA Y . 23.10 -3.51 50.83
C4 MNA Y . 23.51 -4.62 49.86
C5 MNA Y . 24.57 -4.09 48.92
C6 MNA Y . 23.95 -2.90 48.17
C7 MNA Y . 24.91 -2.16 47.27
C8 MNA Y . 24.23 -0.99 46.59
C9 MNA Y . 25.15 -0.30 45.61
C10 MNA Y . 26.19 -5.38 47.59
C11 MNA Y . 26.45 -6.53 46.65
C12 MNA Y . 21.78 0.02 50.52
N5 MNA Y . 24.94 -5.20 48.04
O1A MNA Y . 20.29 -3.16 50.19
O1B MNA Y . 20.92 -2.42 48.30
O2 MNA Y . 22.32 -1.22 51.04
O4 MNA Y . 24.01 -5.77 50.55
O6 MNA Y . 23.47 -1.91 49.09
O7 MNA Y . 25.93 -1.67 48.05
O8 MNA Y . 23.08 -1.41 45.90
O9 MNA Y . 24.34 0.51 44.79
O10 MNA Y . 27.08 -4.60 47.90
H32 MNA Y . 22.38 -3.89 51.57
H31 MNA Y . 23.98 -3.19 51.41
H4 MNA Y . 22.63 -4.94 49.28
H5 MNA Y . 25.44 -3.75 49.51
H6 MNA Y . 23.12 -3.27 47.55
H7 MNA Y . 25.31 -2.84 46.50
H8 MNA Y . 23.91 -0.25 47.34
H92 MNA Y . 25.71 -1.02 44.99
H91 MNA Y . 25.88 0.30 46.16
H111 MNA Y . 25.51 -6.90 46.22
H113 MNA Y . 26.96 -7.35 47.18
H112 MNA Y . 27.08 -6.19 45.82
HN5 MNA Y . 24.27 -5.89 47.88
HO4 MNA Y . 23.30 -6.14 51.08
HO7 MNA Y . 25.51 -1.44 48.89
HO8 MNA Y . 23.06 -0.93 45.07
HO9 MNA Y . 23.81 1.05 45.39
C1 MNA Z . 9.57 0.90 25.15
C2 MNA Z . 8.87 1.82 26.21
C3 MNA Z . 8.18 3.07 25.57
C4 MNA Z . 6.88 2.77 24.79
C5 MNA Z . 5.88 1.99 25.68
C6 MNA Z . 6.64 0.76 26.17
C7 MNA Z . 5.93 -0.18 27.12
C8 MNA Z . 6.74 -1.45 27.32
C9 MNA Z . 5.99 -2.49 28.12
C10 MNA Z . 3.46 1.63 25.36
C11 MNA Z . 2.31 1.32 24.42
C12 MNA Z . 10.49 1.29 28.02
N5 MNA Z . 4.70 1.67 24.87
O1A MNA Z . 10.51 1.35 24.47
O1B MNA Z . 9.21 -0.28 25.00
O2 MNA Z . 9.85 2.28 27.18
O4 MNA Z . 6.29 3.95 24.38
O6 MNA Z . 7.82 1.11 26.87
O7 MNA Z . 5.81 0.49 28.34
O8 MNA Z . 7.13 -2.01 26.08
O9 MNA Z . 6.65 -3.70 27.90
O10 MNA Z . 3.23 1.79 26.55
H32 MNA Z . 8.89 3.57 24.90
H31 MNA Z . 7.94 3.76 26.39
H4 MNA Z . 7.16 2.17 23.91
H5 MNA Z . 5.62 2.55 26.57
H6 MNA Z . 6.84 0.20 25.24
H7 MNA Z . 4.93 -0.42 26.74
H8 MNA Z . 7.67 -1.18 27.87
H92 MNA Z . 4.94 -2.60 27.82
H91 MNA Z . 5.97 -2.22 29.19
H111 MNA Z . 2.67 0.83 23.51
H113 MNA Z . 1.76 2.23 24.16
H112 MNA Z . 1.59 0.63 24.90
HN5 MNA Z . 4.86 1.50 23.91
HO4 MNA Z . 6.08 4.44 25.21
HO7 MNA Z . 6.23 1.35 28.23
HO8 MNA Z . 8.03 -1.67 25.90
HO9 MNA Z . 7.32 -3.84 28.59
C1 NAG AA . -45.03 -28.88 -18.66
C2 NAG AA . -44.65 -30.29 -18.29
C3 NAG AA . -45.56 -31.24 -19.04
C4 NAG AA . -47.00 -31.05 -18.57
C5 NAG AA . -47.38 -29.56 -18.91
C6 NAG AA . -48.74 -29.20 -18.27
C7 NAG AA . -42.32 -30.53 -17.71
C8 NAG AA . -40.90 -30.85 -18.13
N2 NAG AA . -43.28 -30.59 -18.63
O3 NAG AA . -45.19 -32.59 -18.85
O4 NAG AA . -47.81 -32.02 -19.23
O5 NAG AA . -46.41 -28.65 -18.35
O6 NAG AA . -48.64 -29.30 -16.85
O7 NAG AA . -42.58 -30.22 -16.54
H1 NAG AA . -44.91 -28.67 -19.74
H2 NAG AA . -44.86 -30.43 -17.21
H3 NAG AA . -45.50 -31.03 -20.12
H4 NAG AA . -47.05 -31.19 -17.48
H5 NAG AA . -47.43 -29.39 -20.01
H61 NAG AA . -49.53 -29.87 -18.65
H62 NAG AA . -49.01 -28.17 -18.55
H81 NAG AA . -40.87 -31.32 -19.12
H82 NAG AA . -40.44 -31.53 -17.39
H83 NAG AA . -40.31 -29.93 -18.16
HN2 NAG AA . -43.08 -30.95 -19.51
HO3 NAG AA . -45.98 -33.11 -19.07
HO4 NAG AA . -48.60 -32.15 -18.67
HO6 NAG AA . -47.95 -28.66 -16.57
#